data_5MOG
#
_entry.id   5MOG
#
_cell.length_a   230.210
_cell.length_b   230.210
_cell.length_c   179.230
_cell.angle_alpha   90.000
_cell.angle_beta   90.000
_cell.angle_gamma   90.000
#
_symmetry.space_group_name_H-M   'I 4'
#
loop_
_entity.id
_entity.type
_entity.pdbx_description
1 polymer 'Phytoene dehydrogenase, chloroplastic/chromoplastic'
2 non-polymer 'FLAVIN-ADENINE DINUCLEOTIDE'
3 non-polymer Norflurazon
4 non-polymer '4-(2-HYDROXYETHYL)-1-PIPERAZINE ETHANESULFONIC ACID'
5 non-polymer IMIDAZOLE
6 non-polymer 2-AMINO-2-HYDROXYMETHYL-PROPANE-1,3-DIOL
7 water water
#
_entity_poly.entity_id   1
_entity_poly.type   'polypeptide(L)'
_entity_poly.pdbx_seq_one_letter_code
;AGQLSSFFRNSEQPTKPLQVVIAGAGLAGLSTAKYLADAGHKPILLEARDVLGGKIAAWKDEDGDWYETGLHIFFGAYPN
IQNLFGELGINDRLQWKEHSMIFAMPNKPGEFSRFDFPETLPAPLNGIWAILRNNEMLTWPEKVKFALGLLPAMVGGQAY
VEAQDGFTVSEWMKKQGVPDRVNDEVFIAMSKALNFINPDELSMQCILIALNRFLQEKHGSKMAFLDGNPPERLCMPIVD
HVRSLGGEVRLNSRIQKIELNPDGTVKHFALTDGTQITGDAYVFATPVDILKLLVPQEWKEISYFKKLEKLVGVPVINVH
IWFDRKLKNTYDHLLFSRSSLLSVYADMSVTCKEYYDPNRSMLELVFAPAEEWVGRSDTEIIEATMQELAKLFPDEIAAD
QSKAKILKYHVVKTPRSVYKTIPDCEPCRPLQRSPIEGFYLAGDYTKQKYLASMEGAVLSGKLCAQSVVEDYKMLSRRSL
KSLQSEVPVASHHHHHH
;
_entity_poly.pdbx_strand_id   A,B,C,D,E
#
# COMPACT_ATOMS: atom_id res chain seq x y z
N PRO A 14 -10.28 29.82 -31.02
CA PRO A 14 -11.62 29.67 -31.59
C PRO A 14 -11.83 30.52 -32.83
N THR A 15 -12.55 29.97 -33.85
CA THR A 15 -12.92 30.68 -35.09
C THR A 15 -13.67 31.96 -34.66
N LYS A 16 -14.67 31.82 -33.77
CA LYS A 16 -15.44 32.91 -33.17
C LYS A 16 -15.53 32.68 -31.65
N PRO A 17 -15.01 33.60 -30.81
CA PRO A 17 -15.04 33.39 -29.36
C PRO A 17 -16.45 33.37 -28.77
N LEU A 18 -16.70 32.44 -27.82
CA LEU A 18 -17.98 32.32 -27.14
C LEU A 18 -18.15 33.41 -26.09
N GLN A 19 -19.38 33.93 -25.96
CA GLN A 19 -19.72 34.90 -24.93
C GLN A 19 -20.39 34.12 -23.81
N VAL A 20 -19.68 33.92 -22.68
CA VAL A 20 -20.19 33.12 -21.57
C VAL A 20 -20.56 34.02 -20.40
N VAL A 21 -21.85 33.99 -20.00
CA VAL A 21 -22.36 34.79 -18.89
C VAL A 21 -22.23 33.97 -17.61
N ILE A 22 -21.44 34.46 -16.62
CA ILE A 22 -21.22 33.77 -15.35
C ILE A 22 -21.87 34.56 -14.20
N ALA A 23 -22.70 33.89 -13.39
CA ALA A 23 -23.39 34.48 -12.23
C ALA A 23 -22.65 34.18 -10.93
N GLY A 24 -21.94 35.17 -10.41
CA GLY A 24 -21.20 35.06 -9.16
C GLY A 24 -19.70 35.09 -9.31
N ALA A 25 -19.05 36.08 -8.68
CA ALA A 25 -17.60 36.27 -8.74
C ALA A 25 -16.89 35.80 -7.47
N GLY A 26 -17.18 34.55 -7.08
CA GLY A 26 -16.49 33.87 -5.99
C GLY A 26 -15.30 33.20 -6.62
N LEU A 27 -14.56 32.34 -5.89
CA LEU A 27 -13.41 31.67 -6.51
C LEU A 27 -13.80 30.78 -7.69
N ALA A 28 -15.01 30.18 -7.68
CA ALA A 28 -15.50 29.33 -8.77
C ALA A 28 -15.79 30.13 -10.02
N GLY A 29 -16.48 31.27 -9.89
CA GLY A 29 -16.79 32.18 -10.98
C GLY A 29 -15.56 32.85 -11.55
N LEU A 30 -14.65 33.31 -10.66
CA LEU A 30 -13.39 33.94 -11.04
C LEU A 30 -12.52 32.94 -11.81
N SER A 31 -12.47 31.67 -11.33
CA SER A 31 -11.71 30.60 -11.96
C SER A 31 -12.32 30.24 -13.33
N THR A 32 -13.67 30.15 -13.45
CA THR A 32 -14.36 29.85 -14.71
C THR A 32 -13.99 30.92 -15.75
N ALA A 33 -14.06 32.22 -15.36
CA ALA A 33 -13.73 33.38 -16.20
C ALA A 33 -12.25 33.35 -16.63
N LYS A 34 -11.32 33.04 -15.70
CA LYS A 34 -9.87 32.97 -15.94
C LYS A 34 -9.54 31.93 -17.03
N TYR A 35 -10.03 30.69 -16.89
CA TYR A 35 -9.72 29.62 -17.82
C TYR A 35 -10.50 29.72 -19.13
N LEU A 36 -11.66 30.42 -19.16
CA LEU A 36 -12.38 30.64 -20.42
C LEU A 36 -11.64 31.70 -21.24
N ALA A 37 -11.08 32.73 -20.57
CA ALA A 37 -10.29 33.81 -21.18
C ALA A 37 -8.99 33.24 -21.77
N ASP A 38 -8.37 32.25 -21.08
CA ASP A 38 -7.16 31.56 -21.51
C ASP A 38 -7.42 30.73 -22.76
N ALA A 39 -8.64 30.20 -22.91
CA ALA A 39 -9.09 29.41 -24.04
C ALA A 39 -9.44 30.27 -25.26
N GLY A 40 -9.42 31.59 -25.08
CA GLY A 40 -9.72 32.56 -26.12
C GLY A 40 -11.16 33.02 -26.22
N HIS A 41 -11.97 32.71 -25.20
CA HIS A 41 -13.40 33.07 -25.17
C HIS A 41 -13.63 34.37 -24.38
N LYS A 42 -14.85 34.92 -24.45
CA LYS A 42 -15.18 36.19 -23.78
C LYS A 42 -16.12 35.95 -22.58
N PRO A 43 -15.58 35.84 -21.34
CA PRO A 43 -16.47 35.68 -20.19
C PRO A 43 -17.05 37.01 -19.71
N ILE A 44 -18.31 36.99 -19.26
CA ILE A 44 -19.00 38.14 -18.67
C ILE A 44 -19.38 37.72 -17.24
N LEU A 45 -18.52 38.10 -16.29
CA LEU A 45 -18.65 37.77 -14.88
C LEU A 45 -19.48 38.83 -14.16
N LEU A 46 -20.66 38.43 -13.67
CA LEU A 46 -21.61 39.30 -12.97
C LEU A 46 -21.69 38.96 -11.48
N GLU A 47 -21.23 39.89 -10.63
CA GLU A 47 -21.23 39.76 -9.18
C GLU A 47 -22.35 40.59 -8.57
N ALA A 48 -23.18 39.97 -7.73
CA ALA A 48 -24.31 40.59 -7.02
C ALA A 48 -23.91 41.75 -6.10
N ARG A 49 -22.79 41.60 -5.37
CA ARG A 49 -22.36 42.58 -4.37
C ARG A 49 -21.31 43.56 -4.89
N ASP A 50 -20.87 44.49 -4.03
CA ASP A 50 -19.86 45.51 -4.32
C ASP A 50 -18.47 45.01 -3.84
N VAL A 51 -18.31 43.68 -3.74
CA VAL A 51 -17.06 43.04 -3.31
C VAL A 51 -16.86 41.71 -4.08
N LEU A 52 -15.60 41.38 -4.36
CA LEU A 52 -15.23 40.13 -5.04
C LEU A 52 -14.89 39.05 -4.01
N GLY A 53 -14.97 37.79 -4.42
CA GLY A 53 -14.55 36.67 -3.59
C GLY A 53 -15.61 35.75 -3.00
N GLY A 54 -16.77 36.30 -2.71
CA GLY A 54 -17.85 35.55 -2.11
C GLY A 54 -17.56 35.20 -0.68
N LYS A 55 -17.35 33.90 -0.41
CA LYS A 55 -17.06 33.41 0.93
C LYS A 55 -15.61 33.74 1.34
N ILE A 56 -14.81 34.38 0.45
CA ILE A 56 -13.44 34.81 0.78
C ILE A 56 -13.40 36.37 0.80
N ALA A 57 -14.54 37.04 0.56
CA ALA A 57 -14.64 38.51 0.56
C ALA A 57 -14.27 39.13 1.90
N ALA A 58 -13.68 40.31 1.85
CA ALA A 58 -13.27 41.11 3.00
C ALA A 58 -13.66 42.57 2.79
N TRP A 59 -13.79 43.33 3.87
CA TRP A 59 -14.16 44.75 3.83
C TRP A 59 -13.27 45.60 4.71
N LYS A 60 -12.94 46.81 4.24
CA LYS A 60 -12.11 47.78 4.97
C LYS A 60 -13.03 48.72 5.75
N ASP A 61 -12.89 48.76 7.08
CA ASP A 61 -13.73 49.62 7.89
C ASP A 61 -13.18 51.08 7.92
N GLU A 62 -13.88 51.99 8.64
CA GLU A 62 -13.57 53.43 8.75
C GLU A 62 -12.12 53.70 9.19
N ASP A 63 -11.58 52.88 10.13
CA ASP A 63 -10.23 53.00 10.66
C ASP A 63 -9.16 52.42 9.71
N GLY A 64 -9.60 51.86 8.58
CA GLY A 64 -8.73 51.28 7.57
C GLY A 64 -8.30 49.84 7.81
N ASP A 65 -8.97 49.15 8.75
CA ASP A 65 -8.68 47.76 9.12
C ASP A 65 -9.64 46.80 8.41
N TRP A 66 -9.10 45.70 7.88
CA TRP A 66 -9.87 44.70 7.16
C TRP A 66 -10.46 43.64 8.07
N TYR A 67 -11.69 43.19 7.74
CA TYR A 67 -12.41 42.10 8.38
C TYR A 67 -12.92 41.17 7.27
N GLU A 68 -12.77 39.85 7.47
CA GLU A 68 -13.05 38.84 6.46
C GLU A 68 -14.30 38.02 6.73
N THR A 69 -14.82 37.35 5.66
CA THR A 69 -15.96 36.43 5.73
C THR A 69 -15.52 35.20 6.55
N GLY A 70 -14.25 34.81 6.42
CA GLY A 70 -13.68 33.70 7.14
C GLY A 70 -12.17 33.64 7.21
N LEU A 71 -11.67 32.81 8.14
CA LEU A 71 -10.25 32.49 8.33
C LEU A 71 -9.93 31.43 7.33
N HIS A 72 -9.19 31.77 6.26
CA HIS A 72 -8.88 30.84 5.20
C HIS A 72 -7.44 30.37 5.26
N ILE A 73 -7.28 29.04 5.16
CA ILE A 73 -6.00 28.36 5.17
C ILE A 73 -5.82 27.64 3.84
N PHE A 74 -4.67 27.86 3.22
CA PHE A 74 -4.25 27.24 1.98
C PHE A 74 -3.37 26.07 2.33
N PHE A 75 -3.56 24.92 1.67
CA PHE A 75 -2.79 23.72 1.96
C PHE A 75 -1.88 23.36 0.79
N GLY A 76 -0.85 22.58 1.07
CA GLY A 76 0.06 22.10 0.04
C GLY A 76 -0.65 21.20 -0.94
N ALA A 77 -1.62 20.40 -0.41
CA ALA A 77 -2.45 19.47 -1.19
C ALA A 77 -3.66 20.20 -1.87
N TYR A 78 -3.40 21.41 -2.37
CA TYR A 78 -4.31 22.25 -3.14
C TYR A 78 -3.65 22.46 -4.52
N PRO A 79 -3.60 21.43 -5.40
CA PRO A 79 -2.87 21.58 -6.67
C PRO A 79 -3.42 22.65 -7.62
N ASN A 80 -4.75 22.82 -7.74
CA ASN A 80 -5.33 23.79 -8.66
C ASN A 80 -5.14 25.23 -8.17
N ILE A 81 -5.09 25.46 -6.85
CA ILE A 81 -4.83 26.76 -6.22
C ILE A 81 -3.36 27.13 -6.51
N GLN A 82 -2.41 26.18 -6.31
CA GLN A 82 -0.96 26.35 -6.57
C GLN A 82 -0.73 26.75 -8.02
N ASN A 83 -1.43 26.06 -8.96
CA ASN A 83 -1.35 26.32 -10.40
C ASN A 83 -1.81 27.74 -10.72
N LEU A 84 -2.97 28.15 -10.17
CA LEU A 84 -3.56 29.48 -10.37
C LEU A 84 -2.62 30.60 -9.88
N PHE A 85 -2.07 30.47 -8.66
CA PHE A 85 -1.12 31.42 -8.07
C PHE A 85 0.14 31.54 -8.94
N GLY A 86 0.62 30.41 -9.45
CA GLY A 86 1.79 30.32 -10.32
C GLY A 86 1.54 30.97 -11.67
N GLU A 87 0.35 30.71 -12.26
CA GLU A 87 -0.11 31.25 -13.54
C GLU A 87 -0.21 32.78 -13.51
N LEU A 88 -0.57 33.34 -12.33
CA LEU A 88 -0.73 34.77 -12.11
C LEU A 88 0.55 35.39 -11.52
N GLY A 89 1.53 34.54 -11.21
CA GLY A 89 2.82 34.93 -10.65
C GLY A 89 2.73 35.59 -9.30
N ILE A 90 1.85 35.07 -8.42
CA ILE A 90 1.62 35.61 -7.08
C ILE A 90 1.89 34.56 -5.98
N ASN A 91 2.80 33.59 -6.26
CA ASN A 91 3.20 32.52 -5.32
C ASN A 91 3.73 33.07 -3.98
N ASP A 92 4.41 34.22 -4.02
CA ASP A 92 5.00 34.92 -2.87
C ASP A 92 3.92 35.52 -1.94
N ARG A 93 2.63 35.52 -2.37
CA ARG A 93 1.52 36.06 -1.58
C ARG A 93 0.99 35.03 -0.56
N LEU A 94 1.53 33.79 -0.60
CA LEU A 94 1.20 32.74 0.36
C LEU A 94 2.31 32.65 1.39
N GLN A 95 1.97 32.94 2.65
CA GLN A 95 2.90 32.89 3.78
C GLN A 95 2.85 31.50 4.42
N TRP A 96 3.71 30.58 3.94
CA TRP A 96 3.79 29.20 4.43
C TRP A 96 4.33 29.18 5.84
N LYS A 97 3.61 28.51 6.74
CA LYS A 97 3.98 28.42 8.14
C LYS A 97 4.71 27.09 8.40
N GLU A 98 5.24 26.91 9.64
CA GLU A 98 5.95 25.70 10.05
C GLU A 98 5.09 24.45 9.83
N HIS A 99 5.69 23.31 9.46
CA HIS A 99 4.90 22.09 9.26
C HIS A 99 4.54 21.49 10.63
N SER A 100 3.53 22.10 11.28
CA SER A 100 3.04 21.74 12.60
C SER A 100 1.52 21.91 12.71
N MET A 101 0.92 21.23 13.69
CA MET A 101 -0.51 21.26 14.00
C MET A 101 -0.63 21.56 15.47
N ILE A 102 -0.83 22.84 15.83
CA ILE A 102 -0.85 23.23 17.24
C ILE A 102 -2.29 23.21 17.76
N PHE A 103 -2.51 22.44 18.84
CA PHE A 103 -3.79 22.23 19.51
C PHE A 103 -3.75 22.75 20.93
N ALA A 104 -4.85 23.31 21.40
CA ALA A 104 -4.95 23.80 22.78
C ALA A 104 -5.28 22.65 23.72
N MET A 105 -4.99 22.83 25.03
CA MET A 105 -5.27 21.82 26.05
C MET A 105 -6.47 22.27 26.87
N PRO A 106 -7.69 21.73 26.64
CA PRO A 106 -8.86 22.18 27.42
C PRO A 106 -8.72 21.88 28.92
N ASN A 107 -8.08 20.74 29.27
CA ASN A 107 -7.83 20.30 30.65
C ASN A 107 -6.79 21.19 31.35
N LYS A 108 -5.80 21.71 30.59
CA LYS A 108 -4.73 22.56 31.10
C LYS A 108 -4.79 23.95 30.43
N PRO A 109 -5.59 24.90 30.98
CA PRO A 109 -5.73 26.24 30.36
C PRO A 109 -4.41 26.95 30.12
N GLY A 110 -4.26 27.53 28.92
CA GLY A 110 -3.07 28.25 28.50
C GLY A 110 -2.01 27.38 27.87
N GLU A 111 -2.08 26.05 28.08
CA GLU A 111 -1.15 25.08 27.53
C GLU A 111 -1.56 24.61 26.14
N PHE A 112 -0.56 24.31 25.31
CA PHE A 112 -0.72 23.86 23.93
C PHE A 112 0.14 22.64 23.64
N SER A 113 -0.38 21.73 22.82
CA SER A 113 0.29 20.52 22.34
C SER A 113 0.40 20.58 20.84
N ARG A 114 1.39 19.90 20.24
CA ARG A 114 1.53 20.00 18.78
C ARG A 114 2.07 18.73 18.10
N PHE A 115 1.77 18.58 16.80
CA PHE A 115 2.25 17.51 15.94
C PHE A 115 3.23 18.12 14.98
N ASP A 116 4.54 17.87 15.18
CA ASP A 116 5.59 18.42 14.33
C ASP A 116 5.99 17.43 13.26
N PHE A 117 5.96 17.86 12.00
CA PHE A 117 6.26 17.03 10.84
C PHE A 117 7.70 17.27 10.36
N PRO A 118 8.63 16.31 10.60
CA PRO A 118 10.02 16.52 10.18
C PRO A 118 10.17 16.71 8.68
N GLU A 119 10.91 17.76 8.29
CA GLU A 119 11.12 18.12 6.89
C GLU A 119 12.09 17.15 6.17
N THR A 120 12.72 16.24 6.92
CA THR A 120 13.67 15.26 6.38
C THR A 120 12.98 13.94 6.06
N LEU A 121 11.85 13.66 6.73
CA LEU A 121 11.06 12.44 6.53
C LEU A 121 9.99 12.67 5.46
N PRO A 122 9.79 11.73 4.50
CA PRO A 122 8.73 11.93 3.49
C PRO A 122 7.35 11.54 4.05
N ALA A 123 6.29 11.73 3.24
CA ALA A 123 4.94 11.36 3.64
C ALA A 123 4.72 9.87 3.39
N PRO A 124 4.06 9.10 4.30
CA PRO A 124 3.41 9.51 5.55
C PRO A 124 4.28 9.33 6.80
N LEU A 125 5.61 9.15 6.61
CA LEU A 125 6.55 8.95 7.72
C LEU A 125 6.63 10.17 8.65
N ASN A 126 6.57 11.40 8.07
CA ASN A 126 6.57 12.65 8.83
C ASN A 126 5.36 12.71 9.75
N GLY A 127 4.22 12.22 9.26
CA GLY A 127 2.96 12.13 9.99
C GLY A 127 3.01 11.11 11.10
N ILE A 128 3.51 9.88 10.77
CA ILE A 128 3.68 8.77 11.72
C ILE A 128 4.58 9.25 12.86
N TRP A 129 5.71 9.93 12.51
CA TRP A 129 6.66 10.48 13.48
C TRP A 129 6.00 11.50 14.40
N ALA A 130 5.21 12.45 13.83
CA ALA A 130 4.51 13.50 14.57
C ALA A 130 3.61 12.93 15.67
N ILE A 131 2.86 11.85 15.34
CA ILE A 131 1.95 11.17 16.25
C ILE A 131 2.76 10.42 17.31
N LEU A 132 3.84 9.71 16.88
CA LEU A 132 4.74 8.97 17.77
C LEU A 132 5.44 9.89 18.80
N ARG A 133 5.97 11.05 18.33
CA ARG A 133 6.66 12.05 19.14
C ARG A 133 5.71 12.73 20.16
N ASN A 134 4.47 13.05 19.77
CA ASN A 134 3.50 13.70 20.69
C ASN A 134 3.11 12.76 21.81
N ASN A 135 3.20 13.23 23.07
CA ASN A 135 2.91 12.40 24.23
C ASN A 135 1.78 12.94 25.10
N GLU A 136 1.24 14.14 24.82
CA GLU A 136 0.20 14.70 25.68
C GLU A 136 -1.21 14.65 25.06
N MET A 137 -1.35 14.25 23.79
CA MET A 137 -2.68 14.19 23.16
C MET A 137 -3.19 12.77 22.95
N LEU A 138 -2.30 11.76 22.97
CA LEU A 138 -2.67 10.36 22.79
C LEU A 138 -1.80 9.46 23.62
N THR A 139 -2.42 8.43 24.26
CA THR A 139 -1.68 7.42 25.02
C THR A 139 -1.13 6.39 24.02
N TRP A 140 -0.11 5.61 24.40
CA TRP A 140 0.46 4.60 23.50
C TRP A 140 -0.60 3.57 23.04
N PRO A 141 -1.49 3.02 23.92
CA PRO A 141 -2.53 2.10 23.42
C PRO A 141 -3.45 2.77 22.40
N GLU A 142 -3.86 4.03 22.66
CA GLU A 142 -4.72 4.85 21.78
C GLU A 142 -4.07 5.04 20.42
N LYS A 143 -2.73 5.26 20.40
CA LYS A 143 -1.95 5.45 19.18
C LYS A 143 -1.98 4.21 18.30
N VAL A 144 -1.93 3.02 18.93
CA VAL A 144 -1.93 1.71 18.27
C VAL A 144 -3.31 1.46 17.64
N LYS A 145 -4.40 1.63 18.44
CA LYS A 145 -5.78 1.43 18.01
C LYS A 145 -6.15 2.38 16.86
N PHE A 146 -5.67 3.63 16.92
CA PHE A 146 -5.86 4.68 15.93
C PHE A 146 -5.16 4.31 14.62
N ALA A 147 -3.90 3.85 14.70
CA ALA A 147 -3.11 3.43 13.54
C ALA A 147 -3.73 2.22 12.87
N LEU A 148 -4.24 1.27 13.68
CA LEU A 148 -4.91 0.05 13.22
C LEU A 148 -6.19 0.40 12.50
N GLY A 149 -7.03 1.23 13.11
CA GLY A 149 -8.30 1.70 12.55
C GLY A 149 -8.20 2.44 11.23
N LEU A 150 -7.12 3.23 11.05
CA LEU A 150 -6.93 4.06 9.86
C LEU A 150 -6.10 3.45 8.74
N LEU A 151 -5.20 2.52 9.05
CA LEU A 151 -4.35 1.94 8.00
C LEU A 151 -5.15 1.36 6.80
N PRO A 152 -6.23 0.54 6.98
CA PRO A 152 -6.97 0.06 5.81
C PRO A 152 -7.56 1.19 4.94
N ALA A 153 -8.01 2.26 5.60
CA ALA A 153 -8.59 3.43 4.94
C ALA A 153 -7.57 4.17 4.05
N MET A 154 -6.36 4.47 4.57
CA MET A 154 -5.34 5.20 3.82
C MET A 154 -4.82 4.38 2.62
N VAL A 155 -4.77 3.04 2.74
CA VAL A 155 -4.33 2.14 1.66
C VAL A 155 -5.43 2.05 0.58
N GLY A 156 -6.67 2.29 0.98
CA GLY A 156 -7.85 2.25 0.11
C GLY A 156 -7.86 3.20 -1.05
N GLY A 157 -8.51 2.78 -2.14
CA GLY A 157 -8.65 3.55 -3.37
C GLY A 157 -9.81 4.52 -3.35
N GLN A 158 -10.11 5.13 -4.51
CA GLN A 158 -11.19 6.12 -4.64
C GLN A 158 -12.55 5.48 -4.38
N ALA A 159 -12.77 4.25 -4.88
CA ALA A 159 -14.02 3.50 -4.69
C ALA A 159 -14.30 3.25 -3.20
N TYR A 160 -13.22 3.02 -2.41
CA TYR A 160 -13.33 2.80 -0.96
C TYR A 160 -13.81 4.06 -0.25
N VAL A 161 -13.18 5.23 -0.54
CA VAL A 161 -13.52 6.49 0.14
C VAL A 161 -14.97 6.89 -0.17
N GLU A 162 -15.46 6.65 -1.41
CA GLU A 162 -16.83 6.97 -1.82
C GLU A 162 -17.84 6.10 -1.06
N ALA A 163 -17.47 4.86 -0.72
CA ALA A 163 -18.29 3.90 0.03
C ALA A 163 -18.43 4.30 1.50
N GLN A 164 -17.56 5.20 2.00
CA GLN A 164 -17.58 5.66 3.39
C GLN A 164 -18.51 6.85 3.59
N ASP A 165 -19.08 7.40 2.48
CA ASP A 165 -19.99 8.54 2.50
C ASP A 165 -21.33 8.22 3.20
N GLY A 166 -21.62 6.94 3.47
CA GLY A 166 -22.84 6.52 4.16
C GLY A 166 -22.76 6.61 5.67
N PHE A 167 -21.53 6.82 6.21
CA PHE A 167 -21.27 6.88 7.65
C PHE A 167 -20.89 8.26 8.15
N THR A 168 -21.21 8.55 9.42
CA THR A 168 -20.76 9.76 10.09
C THR A 168 -19.33 9.46 10.58
N VAL A 169 -18.57 10.50 10.99
CA VAL A 169 -17.20 10.31 11.48
C VAL A 169 -17.26 9.47 12.77
N SER A 170 -18.14 9.82 13.73
CA SER A 170 -18.33 9.11 14.99
C SER A 170 -18.68 7.61 14.77
N GLU A 171 -19.56 7.30 13.78
CA GLU A 171 -19.99 5.94 13.43
C GLU A 171 -18.83 5.08 12.91
N TRP A 172 -18.09 5.59 11.92
CA TRP A 172 -16.96 4.90 11.27
C TRP A 172 -15.80 4.69 12.23
N MET A 173 -15.51 5.67 13.11
CA MET A 173 -14.42 5.58 14.09
C MET A 173 -14.68 4.44 15.08
N LYS A 174 -15.95 4.26 15.50
CA LYS A 174 -16.38 3.20 16.41
C LYS A 174 -16.22 1.82 15.76
N LYS A 175 -16.62 1.72 14.48
CA LYS A 175 -16.56 0.49 13.67
C LYS A 175 -15.10 0.03 13.46
N GLN A 176 -14.19 0.98 13.14
CA GLN A 176 -12.76 0.68 12.89
C GLN A 176 -11.95 0.51 14.18
N GLY A 177 -12.62 0.66 15.33
CA GLY A 177 -12.01 0.47 16.64
C GLY A 177 -11.15 1.62 17.15
N VAL A 178 -11.25 2.80 16.50
CA VAL A 178 -10.55 4.01 16.93
C VAL A 178 -11.19 4.42 18.27
N PRO A 179 -10.40 4.59 19.36
CA PRO A 179 -11.00 4.91 20.68
C PRO A 179 -11.89 6.15 20.62
N ASP A 180 -12.98 6.11 21.39
CA ASP A 180 -13.94 7.21 21.47
C ASP A 180 -13.28 8.51 21.93
N ARG A 181 -12.21 8.43 22.76
CA ARG A 181 -11.47 9.60 23.22
C ARG A 181 -10.71 10.25 22.08
N VAL A 182 -10.20 9.45 21.10
CA VAL A 182 -9.46 9.96 19.93
C VAL A 182 -10.43 10.76 19.03
N ASN A 183 -11.66 10.26 18.84
CA ASN A 183 -12.70 10.90 18.03
C ASN A 183 -13.10 12.24 18.66
N ASP A 184 -13.12 12.31 20.01
CA ASP A 184 -13.50 13.49 20.78
C ASP A 184 -12.32 14.48 20.96
N GLU A 185 -11.10 13.98 21.09
CA GLU A 185 -9.91 14.80 21.28
C GLU A 185 -9.46 15.39 19.93
N VAL A 186 -9.10 14.51 18.98
CA VAL A 186 -8.53 14.89 17.69
C VAL A 186 -9.60 15.23 16.63
N PHE A 187 -10.59 14.35 16.41
CA PHE A 187 -11.51 14.54 15.29
C PHE A 187 -12.63 15.56 15.50
N ILE A 188 -12.94 16.01 16.74
CA ILE A 188 -13.92 17.10 16.89
C ILE A 188 -13.32 18.35 16.22
N ALA A 189 -12.03 18.62 16.50
CA ALA A 189 -11.24 19.74 15.98
C ALA A 189 -11.15 19.71 14.44
N MET A 190 -10.89 18.53 13.86
CA MET A 190 -10.76 18.37 12.41
C MET A 190 -12.11 18.53 11.69
N SER A 191 -13.19 18.00 12.27
CA SER A 191 -14.55 18.08 11.72
C SER A 191 -15.03 19.53 11.64
N LYS A 192 -14.87 20.31 12.73
CA LYS A 192 -15.26 21.72 12.81
C LYS A 192 -14.39 22.56 11.88
N ALA A 193 -13.12 22.15 11.69
CA ALA A 193 -12.20 22.86 10.82
C ALA A 193 -12.65 22.74 9.38
N LEU A 194 -13.02 21.54 8.93
CA LEU A 194 -13.40 21.27 7.53
C LEU A 194 -14.82 21.69 7.13
N ASN A 195 -15.83 21.54 8.02
CA ASN A 195 -17.20 21.83 7.60
C ASN A 195 -18.06 22.50 8.69
N PHE A 196 -17.42 22.99 9.77
CA PHE A 196 -18.03 23.75 10.88
C PHE A 196 -19.11 22.95 11.65
N ILE A 197 -19.05 21.59 11.60
CA ILE A 197 -19.98 20.69 12.30
C ILE A 197 -19.18 19.59 13.03
N ASN A 198 -19.80 18.99 14.06
CA ASN A 198 -19.18 17.95 14.89
C ASN A 198 -19.09 16.59 14.17
N PRO A 199 -18.20 15.65 14.62
CA PRO A 199 -18.07 14.36 13.93
C PRO A 199 -19.32 13.45 13.93
N ASP A 200 -20.30 13.69 14.81
CA ASP A 200 -21.53 12.90 14.87
C ASP A 200 -22.48 13.23 13.69
N GLU A 201 -22.20 14.34 12.95
CA GLU A 201 -22.99 14.80 11.79
C GLU A 201 -22.23 14.73 10.47
N LEU A 202 -20.91 14.95 10.49
CA LEU A 202 -20.06 15.00 9.29
C LEU A 202 -19.86 13.64 8.67
N SER A 203 -19.83 13.59 7.32
CA SER A 203 -19.59 12.39 6.53
C SER A 203 -18.13 11.96 6.69
N MET A 204 -17.87 10.64 6.78
CA MET A 204 -16.50 10.12 6.92
C MET A 204 -15.68 10.40 5.64
N GLN A 205 -16.33 10.49 4.47
CA GLN A 205 -15.65 10.76 3.21
C GLN A 205 -14.88 12.09 3.27
N CYS A 206 -15.44 13.07 4.02
CA CYS A 206 -14.84 14.38 4.19
C CYS A 206 -13.49 14.27 4.92
N ILE A 207 -13.44 13.53 6.05
CA ILE A 207 -12.23 13.32 6.85
C ILE A 207 -11.18 12.52 6.07
N LEU A 208 -11.60 11.52 5.28
CA LEU A 208 -10.66 10.70 4.50
C LEU A 208 -9.96 11.49 3.40
N ILE A 209 -10.65 12.47 2.77
CA ILE A 209 -10.06 13.32 1.72
C ILE A 209 -9.06 14.28 2.41
N ALA A 210 -9.37 14.73 3.63
CA ALA A 210 -8.50 15.59 4.45
C ALA A 210 -7.27 14.83 4.94
N LEU A 211 -7.43 13.56 5.38
CA LEU A 211 -6.32 12.72 5.85
C LEU A 211 -5.41 12.31 4.69
N ASN A 212 -5.91 12.38 3.46
CA ASN A 212 -5.14 12.09 2.26
C ASN A 212 -4.07 13.15 2.00
N ARG A 213 -4.21 14.32 2.64
CA ARG A 213 -3.24 15.42 2.55
C ARG A 213 -1.93 15.01 3.24
N PHE A 214 -2.07 14.21 4.31
CA PHE A 214 -1.00 13.72 5.18
C PHE A 214 -0.19 12.56 4.58
N LEU A 215 -0.75 11.78 3.63
CA LEU A 215 -0.02 10.63 3.10
C LEU A 215 0.40 10.75 1.62
N GLN A 216 -0.29 11.59 0.83
CA GLN A 216 0.03 11.72 -0.59
C GLN A 216 1.35 12.50 -0.79
N GLU A 217 1.28 13.85 -0.75
CA GLU A 217 2.45 14.72 -0.90
C GLU A 217 3.09 14.98 0.46
N LYS A 218 4.39 15.27 0.45
CA LYS A 218 5.19 15.54 1.65
C LYS A 218 4.66 16.74 2.42
N HIS A 219 4.39 17.86 1.70
CA HIS A 219 3.91 19.10 2.29
C HIS A 219 2.40 19.30 2.08
N GLY A 220 1.67 18.21 1.82
CA GLY A 220 0.23 18.26 1.61
C GLY A 220 -0.56 18.88 2.75
N SER A 221 -0.15 18.56 3.99
CA SER A 221 -0.77 19.05 5.22
C SER A 221 -0.16 20.37 5.71
N LYS A 222 0.83 20.92 4.97
CA LYS A 222 1.46 22.20 5.31
C LYS A 222 0.47 23.32 5.03
N MET A 223 0.41 24.31 5.92
CA MET A 223 -0.54 25.41 5.86
C MET A 223 0.09 26.75 5.47
N ALA A 224 -0.72 27.62 4.84
CA ALA A 224 -0.35 28.97 4.41
C ALA A 224 -1.47 29.96 4.60
N PHE A 225 -1.09 31.20 4.95
CA PHE A 225 -1.99 32.35 5.10
C PHE A 225 -1.77 33.28 3.92
N LEU A 226 -2.83 33.92 3.41
CA LEU A 226 -2.66 34.91 2.35
C LEU A 226 -2.04 36.16 3.00
N ASP A 227 -1.09 36.83 2.30
CA ASP A 227 -0.35 37.98 2.84
C ASP A 227 -1.19 39.25 3.09
N GLY A 228 -2.47 39.22 2.72
CA GLY A 228 -3.40 40.33 2.90
C GLY A 228 -4.84 39.95 2.61
N ASN A 229 -5.72 40.97 2.46
CA ASN A 229 -7.14 40.76 2.19
C ASN A 229 -7.33 40.03 0.85
N PRO A 230 -8.22 39.01 0.81
CA PRO A 230 -8.39 38.25 -0.44
C PRO A 230 -8.91 39.06 -1.65
N PRO A 231 -9.86 40.05 -1.56
CA PRO A 231 -10.29 40.75 -2.78
C PRO A 231 -9.15 41.46 -3.52
N GLU A 232 -8.22 42.11 -2.79
CA GLU A 232 -7.10 42.84 -3.39
C GLU A 232 -5.94 41.92 -3.77
N ARG A 233 -5.51 41.03 -2.85
CA ARG A 233 -4.35 40.16 -3.03
C ARG A 233 -4.59 38.92 -3.92
N LEU A 234 -5.83 38.43 -4.05
CA LEU A 234 -6.10 37.23 -4.85
C LEU A 234 -7.13 37.48 -5.97
N CYS A 235 -8.28 38.10 -5.64
CA CYS A 235 -9.35 38.32 -6.62
C CYS A 235 -8.98 39.34 -7.68
N MET A 236 -8.31 40.45 -7.31
CA MET A 236 -7.91 41.48 -8.28
C MET A 236 -6.95 40.90 -9.32
N PRO A 237 -5.84 40.18 -8.98
CA PRO A 237 -5.01 39.56 -10.03
C PRO A 237 -5.78 38.73 -11.08
N ILE A 238 -6.85 38.01 -10.67
CA ILE A 238 -7.70 37.20 -11.57
C ILE A 238 -8.53 38.15 -12.46
N VAL A 239 -9.13 39.21 -11.86
CA VAL A 239 -9.94 40.21 -12.58
C VAL A 239 -9.07 40.94 -13.63
N ASP A 240 -7.85 41.37 -13.25
CA ASP A 240 -6.89 42.04 -14.14
C ASP A 240 -6.52 41.15 -15.32
N HIS A 241 -6.33 39.85 -15.08
CA HIS A 241 -5.99 38.84 -16.09
C HIS A 241 -7.15 38.64 -17.07
N VAL A 242 -8.39 38.50 -16.55
CA VAL A 242 -9.62 38.29 -17.34
C VAL A 242 -9.87 39.51 -18.24
N ARG A 243 -9.76 40.72 -17.67
CA ARG A 243 -9.97 41.99 -18.38
C ARG A 243 -8.91 42.23 -19.47
N SER A 244 -7.64 41.85 -19.22
CA SER A 244 -6.54 42.00 -20.17
C SER A 244 -6.72 41.10 -21.42
N LEU A 245 -7.53 40.04 -21.32
CA LEU A 245 -7.76 39.08 -22.40
C LEU A 245 -9.15 39.29 -23.06
N GLY A 246 -9.81 40.40 -22.74
CA GLY A 246 -11.10 40.75 -23.33
C GLY A 246 -12.36 40.41 -22.56
N GLY A 247 -12.19 39.83 -21.37
CA GLY A 247 -13.31 39.47 -20.51
C GLY A 247 -13.85 40.64 -19.71
N GLU A 248 -15.12 40.53 -19.29
CA GLU A 248 -15.81 41.58 -18.51
C GLU A 248 -16.10 41.10 -17.09
N VAL A 249 -15.84 41.97 -16.10
CA VAL A 249 -16.12 41.72 -14.67
C VAL A 249 -16.95 42.90 -14.16
N ARG A 250 -18.20 42.65 -13.76
CA ARG A 250 -19.12 43.69 -13.31
C ARG A 250 -19.69 43.40 -11.92
N LEU A 251 -19.49 44.36 -10.99
CA LEU A 251 -20.02 44.27 -9.63
C LEU A 251 -21.45 44.82 -9.63
N ASN A 252 -22.19 44.63 -8.51
CA ASN A 252 -23.57 45.08 -8.29
C ASN A 252 -24.52 44.66 -9.44
N SER A 253 -24.33 43.42 -9.94
CA SER A 253 -25.09 42.80 -11.02
C SER A 253 -25.70 41.48 -10.53
N ARG A 254 -26.75 41.57 -9.70
CA ARG A 254 -27.44 40.41 -9.15
C ARG A 254 -28.44 39.87 -10.16
N ILE A 255 -28.41 38.55 -10.40
CA ILE A 255 -29.33 37.88 -11.31
C ILE A 255 -30.61 37.64 -10.53
N GLN A 256 -31.72 38.19 -11.03
CA GLN A 256 -33.07 38.10 -10.46
C GLN A 256 -33.83 36.91 -11.02
N LYS A 257 -33.61 36.55 -12.30
CA LYS A 257 -34.33 35.47 -12.95
C LYS A 257 -33.55 34.85 -14.10
N ILE A 258 -33.71 33.54 -14.28
CA ILE A 258 -33.19 32.78 -15.41
C ILE A 258 -34.38 32.68 -16.38
N GLU A 259 -34.43 33.59 -17.40
CA GLU A 259 -35.51 33.59 -18.37
C GLU A 259 -35.25 32.51 -19.41
N LEU A 260 -36.30 31.77 -19.76
CA LEU A 260 -36.16 30.65 -20.68
C LEU A 260 -36.85 30.84 -22.03
N ASN A 261 -36.28 30.18 -23.05
CA ASN A 261 -36.85 30.09 -24.40
C ASN A 261 -38.00 29.08 -24.34
N PRO A 262 -38.93 29.05 -25.33
CA PRO A 262 -40.04 28.08 -25.26
C PRO A 262 -39.63 26.61 -25.16
N ASP A 263 -38.44 26.22 -25.69
CA ASP A 263 -37.95 24.84 -25.66
C ASP A 263 -37.35 24.42 -24.27
N GLY A 264 -37.14 25.39 -23.38
CA GLY A 264 -36.61 25.14 -22.04
C GLY A 264 -35.21 25.65 -21.78
N THR A 265 -34.44 25.95 -22.85
CA THR A 265 -33.07 26.47 -22.76
C THR A 265 -33.10 27.93 -22.23
N VAL A 266 -31.93 28.50 -21.87
CA VAL A 266 -31.85 29.86 -21.33
C VAL A 266 -31.93 30.91 -22.46
N LYS A 267 -32.86 31.87 -22.31
CA LYS A 267 -33.07 33.01 -23.19
C LYS A 267 -32.07 34.10 -22.82
N HIS A 268 -32.07 34.48 -21.51
CA HIS A 268 -31.18 35.47 -20.92
C HIS A 268 -31.21 35.39 -19.40
N PHE A 269 -30.27 36.09 -18.76
CA PHE A 269 -30.21 36.29 -17.32
C PHE A 269 -30.75 37.68 -17.04
N ALA A 270 -31.90 37.76 -16.36
CA ALA A 270 -32.48 39.06 -16.03
C ALA A 270 -31.89 39.56 -14.71
N LEU A 271 -31.27 40.75 -14.73
CA LEU A 271 -30.69 41.38 -13.54
C LEU A 271 -31.77 42.01 -12.65
N THR A 272 -31.37 42.52 -11.48
CA THR A 272 -32.26 43.11 -10.49
C THR A 272 -32.93 44.41 -11.03
N ASP A 273 -32.22 45.18 -11.86
CA ASP A 273 -32.74 46.42 -12.46
C ASP A 273 -33.48 46.16 -13.81
N GLY A 274 -33.72 44.89 -14.12
CA GLY A 274 -34.41 44.48 -15.33
C GLY A 274 -33.53 44.17 -16.52
N THR A 275 -32.26 44.65 -16.52
CA THR A 275 -31.28 44.45 -17.62
C THR A 275 -31.16 42.97 -17.97
N GLN A 276 -31.25 42.68 -19.27
CA GLN A 276 -31.18 41.31 -19.77
C GLN A 276 -29.80 41.10 -20.37
N ILE A 277 -29.08 40.09 -19.86
CA ILE A 277 -27.74 39.76 -20.35
C ILE A 277 -27.80 38.41 -21.07
N THR A 278 -27.31 38.39 -22.32
CA THR A 278 -27.31 37.21 -23.20
C THR A 278 -25.90 36.75 -23.53
N GLY A 279 -25.81 35.46 -23.88
CA GLY A 279 -24.56 34.82 -24.28
C GLY A 279 -24.81 33.52 -25.01
N ASP A 280 -23.73 32.89 -25.47
CA ASP A 280 -23.77 31.61 -26.20
C ASP A 280 -23.88 30.47 -25.18
N ALA A 281 -23.32 30.69 -23.97
CA ALA A 281 -23.35 29.80 -22.81
C ALA A 281 -23.61 30.58 -21.52
N TYR A 282 -24.25 29.92 -20.54
CA TYR A 282 -24.59 30.51 -19.24
C TYR A 282 -24.05 29.63 -18.11
N VAL A 283 -23.42 30.25 -17.09
CA VAL A 283 -22.82 29.57 -15.93
C VAL A 283 -23.38 30.17 -14.63
N PHE A 284 -23.74 29.28 -13.68
CA PHE A 284 -24.19 29.69 -12.35
C PHE A 284 -23.13 29.26 -11.34
N ALA A 285 -22.28 30.22 -10.93
CA ALA A 285 -21.17 30.02 -9.98
C ALA A 285 -21.54 30.61 -8.61
N THR A 286 -22.82 30.59 -8.33
CA THR A 286 -23.47 31.06 -7.12
C THR A 286 -23.50 29.90 -6.07
N PRO A 287 -23.75 30.14 -4.75
CA PRO A 287 -23.87 29.01 -3.80
C PRO A 287 -25.12 28.19 -4.13
N VAL A 288 -25.15 26.90 -3.76
CA VAL A 288 -26.27 25.98 -4.08
C VAL A 288 -27.63 26.52 -3.56
N ASP A 289 -27.65 27.20 -2.42
CA ASP A 289 -28.87 27.76 -1.80
C ASP A 289 -29.52 28.82 -2.70
N ILE A 290 -28.70 29.70 -3.31
CA ILE A 290 -29.17 30.76 -4.20
C ILE A 290 -29.65 30.14 -5.53
N LEU A 291 -28.91 29.17 -6.08
CA LEU A 291 -29.28 28.49 -7.32
C LEU A 291 -30.63 27.81 -7.18
N LYS A 292 -30.83 27.05 -6.08
CA LYS A 292 -32.07 26.32 -5.78
C LYS A 292 -33.31 27.23 -5.82
N LEU A 293 -33.17 28.49 -5.39
CA LEU A 293 -34.26 29.47 -5.39
C LEU A 293 -34.50 30.06 -6.78
N LEU A 294 -33.47 30.10 -7.62
CA LEU A 294 -33.54 30.68 -8.97
C LEU A 294 -33.78 29.63 -10.08
N VAL A 295 -33.86 28.33 -9.74
CA VAL A 295 -34.12 27.28 -10.74
C VAL A 295 -35.54 27.49 -11.33
N PRO A 296 -35.68 27.64 -12.68
CA PRO A 296 -37.02 27.78 -13.27
C PRO A 296 -37.91 26.58 -13.00
N GLN A 297 -39.23 26.81 -12.84
CA GLN A 297 -40.24 25.78 -12.52
C GLN A 297 -40.19 24.55 -13.43
N GLU A 298 -39.87 24.76 -14.72
CA GLU A 298 -39.83 23.70 -15.74
C GLU A 298 -38.59 22.79 -15.61
N TRP A 299 -37.58 23.22 -14.83
CA TRP A 299 -36.36 22.43 -14.57
C TRP A 299 -36.45 21.66 -13.26
N LYS A 300 -37.23 22.20 -12.29
CA LYS A 300 -37.40 21.73 -10.91
C LYS A 300 -37.61 20.23 -10.73
N GLU A 301 -38.17 19.51 -11.72
CA GLU A 301 -38.41 18.07 -11.55
C GLU A 301 -37.35 17.20 -12.25
N ILE A 302 -36.34 17.82 -12.91
CA ILE A 302 -35.23 17.10 -13.54
C ILE A 302 -34.29 16.64 -12.39
N SER A 303 -33.96 15.33 -12.37
CA SER A 303 -33.11 14.66 -11.38
C SER A 303 -31.93 15.52 -10.91
N TYR A 304 -31.15 16.06 -11.87
CA TYR A 304 -29.99 16.93 -11.66
C TYR A 304 -30.28 18.09 -10.70
N PHE A 305 -31.41 18.79 -10.88
CA PHE A 305 -31.79 19.94 -10.07
C PHE A 305 -32.60 19.53 -8.84
N LYS A 306 -33.35 18.41 -8.93
CA LYS A 306 -34.16 17.93 -7.79
C LYS A 306 -33.27 17.36 -6.68
N LYS A 307 -32.13 16.70 -7.06
CA LYS A 307 -31.16 16.12 -6.12
C LYS A 307 -30.54 17.16 -5.18
N LEU A 308 -30.43 18.43 -5.65
CA LEU A 308 -29.85 19.57 -4.94
C LEU A 308 -30.55 19.91 -3.62
N GLU A 309 -31.72 19.32 -3.33
CA GLU A 309 -32.47 19.56 -2.10
C GLU A 309 -31.72 19.06 -0.86
N LYS A 310 -30.83 18.07 -1.03
CA LYS A 310 -30.02 17.48 0.04
C LYS A 310 -28.90 18.44 0.48
N LEU A 311 -28.34 19.20 -0.49
CA LEU A 311 -27.26 20.15 -0.26
C LEU A 311 -27.81 21.47 0.30
N VAL A 312 -27.61 21.71 1.60
CA VAL A 312 -28.07 22.92 2.31
C VAL A 312 -26.86 23.57 3.01
N GLY A 313 -26.74 24.90 2.90
CA GLY A 313 -25.66 25.68 3.49
C GLY A 313 -25.62 25.56 5.00
N VAL A 314 -24.41 25.48 5.57
CA VAL A 314 -24.20 25.33 7.01
C VAL A 314 -23.92 26.71 7.66
N PRO A 315 -24.52 27.05 8.83
CA PRO A 315 -24.20 28.35 9.45
C PRO A 315 -22.76 28.39 10.00
N VAL A 316 -22.13 29.57 9.91
CA VAL A 316 -20.78 29.83 10.41
C VAL A 316 -20.67 31.32 10.78
N ILE A 317 -19.82 31.66 11.75
CA ILE A 317 -19.57 33.02 12.21
C ILE A 317 -18.05 33.22 12.27
N ASN A 318 -17.56 34.35 11.74
CA ASN A 318 -16.14 34.71 11.79
C ASN A 318 -16.00 35.95 12.66
N VAL A 319 -15.35 35.79 13.82
CA VAL A 319 -15.17 36.84 14.82
C VAL A 319 -13.76 37.46 14.69
N HIS A 320 -13.67 38.79 14.74
CA HIS A 320 -12.41 39.56 14.74
C HIS A 320 -12.36 40.42 15.97
N ILE A 321 -11.29 40.34 16.76
CA ILE A 321 -11.17 41.17 17.96
C ILE A 321 -9.80 41.84 17.97
N TRP A 322 -9.79 43.19 17.99
CA TRP A 322 -8.57 44.00 18.09
C TRP A 322 -8.39 44.35 19.56
N PHE A 323 -7.23 44.00 20.13
CA PHE A 323 -6.93 44.25 21.54
C PHE A 323 -5.96 45.45 21.69
N ASP A 324 -5.96 46.09 22.87
CA ASP A 324 -5.10 47.25 23.16
C ASP A 324 -3.60 46.87 23.21
N ARG A 325 -3.27 45.70 23.76
CA ARG A 325 -1.89 45.20 23.87
C ARG A 325 -1.53 44.19 22.77
N LYS A 326 -0.23 43.87 22.64
CA LYS A 326 0.26 42.82 21.78
C LYS A 326 0.44 41.61 22.69
N LEU A 327 -0.24 40.50 22.38
CA LEU A 327 -0.20 39.31 23.23
C LEU A 327 1.20 38.70 23.25
N LYS A 328 1.73 38.48 24.47
CA LYS A 328 3.07 37.92 24.71
C LYS A 328 3.11 36.42 24.32
N ASN A 329 2.02 35.66 24.57
CA ASN A 329 1.97 34.24 24.23
C ASN A 329 1.07 33.97 23.01
N THR A 330 1.63 34.09 21.80
CA THR A 330 0.95 33.83 20.52
C THR A 330 1.89 33.11 19.54
N TYR A 331 1.32 32.63 18.41
CA TYR A 331 2.04 31.87 17.41
C TYR A 331 1.92 32.47 16.03
N ASP A 332 2.92 32.22 15.17
CA ASP A 332 2.87 32.58 13.74
C ASP A 332 2.32 31.33 13.04
N HIS A 333 1.09 30.96 13.45
CA HIS A 333 0.40 29.77 12.99
C HIS A 333 -1.11 29.82 13.27
N LEU A 334 -1.82 28.80 12.74
CA LEU A 334 -3.22 28.55 12.99
C LEU A 334 -3.29 27.70 14.25
N LEU A 335 -4.32 27.89 15.08
CA LEU A 335 -4.49 27.12 16.30
C LEU A 335 -5.86 26.49 16.39
N PHE A 336 -5.91 25.23 16.84
CA PHE A 336 -7.14 24.48 17.07
C PHE A 336 -7.53 24.69 18.53
N SER A 337 -8.53 25.55 18.78
CA SER A 337 -8.97 25.91 20.13
C SER A 337 -9.45 24.72 20.97
N ARG A 338 -9.98 23.66 20.32
CA ARG A 338 -10.55 22.44 20.93
C ARG A 338 -11.65 22.84 21.93
N SER A 339 -12.35 23.95 21.59
CA SER A 339 -13.44 24.56 22.34
C SER A 339 -14.77 23.99 21.85
N SER A 340 -15.82 24.09 22.67
CA SER A 340 -17.16 23.65 22.31
C SER A 340 -17.88 24.70 21.44
N LEU A 341 -17.48 26.01 21.56
CA LEU A 341 -18.05 27.12 20.80
C LEU A 341 -17.17 27.57 19.63
N LEU A 342 -15.84 27.55 19.80
CA LEU A 342 -14.91 27.96 18.73
C LEU A 342 -14.27 26.78 18.01
N SER A 343 -13.74 27.03 16.81
CA SER A 343 -13.06 26.09 15.94
C SER A 343 -11.57 26.54 15.85
N VAL A 344 -11.08 26.89 14.66
CA VAL A 344 -9.72 27.36 14.45
C VAL A 344 -9.64 28.88 14.73
N TYR A 345 -8.45 29.38 15.08
CA TYR A 345 -8.21 30.80 15.33
C TYR A 345 -6.73 31.14 15.01
N ALA A 346 -6.43 32.44 14.82
CA ALA A 346 -5.08 32.92 14.52
C ALA A 346 -4.90 34.38 14.91
N ASP A 347 -3.68 34.74 15.34
CA ASP A 347 -3.31 36.12 15.64
C ASP A 347 -2.85 36.71 14.31
N MET A 348 -3.78 37.42 13.63
CA MET A 348 -3.57 37.98 12.29
C MET A 348 -2.49 39.06 12.26
N SER A 349 -2.20 39.69 13.42
CA SER A 349 -1.14 40.69 13.55
C SER A 349 0.25 40.03 13.47
N VAL A 350 0.30 38.67 13.57
CA VAL A 350 1.53 37.87 13.52
C VAL A 350 1.62 37.09 12.19
N THR A 351 0.53 36.43 11.78
CA THR A 351 0.43 35.54 10.61
C THR A 351 0.25 36.25 9.27
N CYS A 352 -0.54 37.33 9.22
CA CYS A 352 -0.82 38.06 7.99
C CYS A 352 0.10 39.29 7.86
N LYS A 353 0.79 39.42 6.71
CA LYS A 353 1.76 40.47 6.39
C LYS A 353 1.08 41.87 6.41
N GLU A 354 0.01 42.06 5.62
CA GLU A 354 -0.74 43.31 5.50
C GLU A 354 -1.45 43.68 6.80
N TYR A 355 -1.74 42.69 7.67
CA TYR A 355 -2.42 42.91 8.94
C TYR A 355 -1.44 43.03 10.11
N TYR A 356 -0.12 43.03 9.83
CA TYR A 356 0.93 43.10 10.84
C TYR A 356 0.85 44.42 11.63
N ASP A 357 0.94 44.29 12.97
CA ASP A 357 0.94 45.38 13.94
C ASP A 357 1.82 44.94 15.11
N PRO A 358 2.87 45.72 15.46
CA PRO A 358 3.80 45.29 16.52
C PRO A 358 3.33 45.55 17.96
N ASN A 359 2.38 46.47 18.17
CA ASN A 359 1.93 46.82 19.52
C ASN A 359 0.48 46.40 19.82
N ARG A 360 -0.27 46.07 18.75
CA ARG A 360 -1.69 45.72 18.82
C ARG A 360 -1.92 44.36 18.15
N SER A 361 -2.45 43.38 18.90
CA SER A 361 -2.69 42.05 18.32
C SER A 361 -4.18 41.83 18.04
N MET A 362 -4.49 41.27 16.85
CA MET A 362 -5.85 40.99 16.41
C MET A 362 -6.06 39.47 16.29
N LEU A 363 -7.15 38.96 16.88
CA LEU A 363 -7.49 37.55 16.82
C LEU A 363 -8.71 37.31 15.94
N GLU A 364 -8.52 36.54 14.84
CA GLU A 364 -9.59 36.15 13.92
C GLU A 364 -9.94 34.69 14.24
N LEU A 365 -11.18 34.47 14.72
CA LEU A 365 -11.65 33.15 15.19
C LEU A 365 -12.91 32.68 14.47
N VAL A 366 -12.96 31.37 14.15
CA VAL A 366 -14.12 30.73 13.52
C VAL A 366 -15.02 30.21 14.66
N PHE A 367 -16.27 30.69 14.73
CA PHE A 367 -17.26 30.31 15.73
C PHE A 367 -18.17 29.22 15.13
N ALA A 368 -17.90 27.94 15.48
CA ALA A 368 -18.65 26.79 14.97
C ALA A 368 -18.83 25.70 16.05
N PRO A 369 -19.98 24.98 16.14
CA PRO A 369 -21.21 25.10 15.32
C PRO A 369 -21.96 26.40 15.62
N ALA A 370 -22.50 27.05 14.57
CA ALA A 370 -23.15 28.35 14.68
C ALA A 370 -24.70 28.35 14.54
N GLU A 371 -25.34 27.17 14.46
CA GLU A 371 -26.79 27.03 14.30
C GLU A 371 -27.58 27.82 15.35
N GLU A 372 -27.18 27.72 16.63
CA GLU A 372 -27.86 28.41 17.73
C GLU A 372 -27.26 29.80 18.00
N TRP A 373 -26.36 30.28 17.13
CA TRP A 373 -25.67 31.55 17.35
C TRP A 373 -25.84 32.61 16.25
N VAL A 374 -26.16 32.22 15.00
CA VAL A 374 -26.35 33.17 13.88
C VAL A 374 -27.50 34.17 14.19
N GLY A 375 -28.48 33.74 14.98
CA GLY A 375 -29.61 34.57 15.38
C GLY A 375 -29.34 35.52 16.52
N ARG A 376 -28.31 35.21 17.33
CA ARG A 376 -27.94 35.99 18.51
C ARG A 376 -27.21 37.28 18.14
N SER A 377 -27.19 38.26 19.08
CA SER A 377 -26.57 39.57 18.86
C SER A 377 -25.05 39.47 18.84
N ASP A 378 -24.39 40.48 18.27
CA ASP A 378 -22.94 40.58 18.17
C ASP A 378 -22.29 40.64 19.57
N THR A 379 -22.93 41.33 20.54
CA THR A 379 -22.42 41.44 21.92
C THR A 379 -22.50 40.08 22.62
N GLU A 380 -23.57 39.29 22.35
CA GLU A 380 -23.76 37.93 22.89
C GLU A 380 -22.66 36.98 22.38
N ILE A 381 -22.29 37.12 21.08
CA ILE A 381 -21.26 36.32 20.43
C ILE A 381 -19.87 36.70 20.99
N ILE A 382 -19.58 38.02 21.12
CA ILE A 382 -18.31 38.54 21.65
C ILE A 382 -18.12 38.08 23.11
N GLU A 383 -19.19 38.07 23.91
CA GLU A 383 -19.14 37.63 25.31
C GLU A 383 -18.73 36.16 25.37
N ALA A 384 -19.37 35.28 24.56
CA ALA A 384 -19.07 33.84 24.47
C ALA A 384 -17.63 33.60 24.01
N THR A 385 -17.14 34.43 23.06
CA THR A 385 -15.79 34.36 22.51
C THR A 385 -14.76 34.76 23.58
N MET A 386 -15.06 35.82 24.35
CA MET A 386 -14.19 36.32 25.43
C MET A 386 -14.08 35.30 26.56
N GLN A 387 -15.18 34.57 26.85
CA GLN A 387 -15.23 33.52 27.87
C GLN A 387 -14.37 32.32 27.44
N GLU A 388 -14.31 32.04 26.12
CA GLU A 388 -13.50 30.96 25.59
C GLU A 388 -12.04 31.39 25.49
N LEU A 389 -11.77 32.69 25.24
CA LEU A 389 -10.43 33.25 25.14
C LEU A 389 -9.75 33.32 26.50
N ALA A 390 -10.55 33.41 27.59
CA ALA A 390 -10.09 33.42 28.98
C ALA A 390 -9.54 32.05 29.39
N LYS A 391 -9.86 31.00 28.60
CA LYS A 391 -9.40 29.63 28.80
C LYS A 391 -8.12 29.38 28.00
N LEU A 392 -7.96 30.08 26.86
CA LEU A 392 -6.80 29.94 25.97
C LEU A 392 -5.65 30.88 26.37
N PHE A 393 -6.01 32.07 26.87
CA PHE A 393 -5.08 33.11 27.35
C PHE A 393 -5.51 33.47 28.78
N PRO A 394 -5.30 32.60 29.80
CA PRO A 394 -5.83 32.91 31.14
C PRO A 394 -5.09 34.02 31.88
N ASP A 395 -3.83 34.29 31.51
CA ASP A 395 -3.02 35.32 32.15
C ASP A 395 -2.96 36.59 31.29
N GLU A 396 -3.67 36.61 30.15
CA GLU A 396 -3.67 37.76 29.23
C GLU A 396 -5.05 38.29 28.88
N ILE A 397 -6.08 37.42 28.80
CA ILE A 397 -7.43 37.83 28.44
C ILE A 397 -8.43 37.38 29.52
N ALA A 398 -9.27 38.31 29.96
CA ALA A 398 -10.35 38.13 30.93
C ALA A 398 -11.66 38.64 30.31
N ALA A 399 -12.76 37.89 30.51
CA ALA A 399 -14.08 38.21 29.94
C ALA A 399 -14.60 39.62 30.32
N ASP A 400 -14.30 40.08 31.55
CA ASP A 400 -14.70 41.39 32.06
C ASP A 400 -13.68 42.51 31.72
N GLN A 401 -12.77 42.21 30.77
CA GLN A 401 -11.71 43.08 30.24
C GLN A 401 -10.81 43.63 31.36
N SER A 402 -10.54 42.78 32.38
CA SER A 402 -9.66 43.05 33.52
C SER A 402 -8.21 43.18 33.06
N LYS A 403 -7.82 42.29 32.13
CA LYS A 403 -6.48 42.24 31.56
C LYS A 403 -6.51 42.99 30.21
N ALA A 404 -6.35 42.30 29.05
CA ALA A 404 -6.40 42.92 27.73
C ALA A 404 -7.79 43.46 27.43
N LYS A 405 -7.86 44.62 26.76
CA LYS A 405 -9.13 45.28 26.47
C LYS A 405 -9.40 45.35 24.97
N ILE A 406 -10.69 45.20 24.60
CA ILE A 406 -11.16 45.24 23.22
C ILE A 406 -11.22 46.69 22.73
N LEU A 407 -10.48 46.99 21.66
CA LEU A 407 -10.52 48.32 21.04
C LEU A 407 -11.77 48.39 20.14
N LYS A 408 -12.00 47.32 19.36
CA LYS A 408 -13.14 47.14 18.45
C LYS A 408 -13.27 45.67 18.04
N TYR A 409 -14.42 45.32 17.46
CA TYR A 409 -14.69 43.98 16.96
C TYR A 409 -15.49 44.02 15.67
N HIS A 410 -15.48 42.89 14.95
CA HIS A 410 -16.24 42.68 13.72
C HIS A 410 -16.72 41.23 13.69
N VAL A 411 -18.04 41.04 13.67
CA VAL A 411 -18.69 39.72 13.63
C VAL A 411 -19.36 39.56 12.25
N VAL A 412 -18.80 38.65 11.42
CA VAL A 412 -19.33 38.35 10.09
C VAL A 412 -20.05 37.01 10.16
N LYS A 413 -21.38 37.03 9.99
CA LYS A 413 -22.23 35.84 10.01
C LYS A 413 -22.60 35.40 8.61
N THR A 414 -22.43 34.10 8.32
CA THR A 414 -22.79 33.46 7.06
C THR A 414 -23.74 32.30 7.44
N PRO A 415 -25.07 32.54 7.53
CA PRO A 415 -25.99 31.47 7.97
C PRO A 415 -26.12 30.29 7.00
N ARG A 416 -25.69 30.46 5.74
CA ARG A 416 -25.74 29.45 4.68
C ARG A 416 -24.44 29.52 3.88
N SER A 417 -23.35 28.99 4.46
CA SER A 417 -22.03 29.05 3.83
C SER A 417 -21.84 27.84 2.89
N VAL A 418 -20.84 27.00 3.15
CA VAL A 418 -20.56 25.78 2.38
C VAL A 418 -21.69 24.76 2.66
N TYR A 419 -21.94 23.83 1.75
CA TYR A 419 -22.99 22.83 1.97
C TYR A 419 -22.61 21.95 3.16
N LYS A 420 -23.59 21.62 4.01
CA LYS A 420 -23.41 20.76 5.18
C LYS A 420 -23.11 19.35 4.66
N THR A 421 -21.83 18.93 4.76
CA THR A 421 -21.35 17.64 4.23
C THR A 421 -21.77 16.51 5.18
N ILE A 422 -23.10 16.28 5.28
CA ILE A 422 -23.70 15.20 6.06
C ILE A 422 -23.59 13.92 5.20
N PRO A 423 -23.75 12.70 5.75
CA PRO A 423 -23.66 11.50 4.89
C PRO A 423 -24.69 11.47 3.77
N ASP A 424 -24.29 10.88 2.62
CA ASP A 424 -25.06 10.62 1.39
C ASP A 424 -25.38 11.87 0.56
N CYS A 425 -24.46 12.85 0.53
CA CYS A 425 -24.60 14.08 -0.26
C CYS A 425 -23.91 13.92 -1.61
N GLU A 426 -22.90 13.05 -1.69
CA GLU A 426 -22.08 12.82 -2.87
C GLU A 426 -22.89 12.45 -4.14
N PRO A 427 -23.96 11.59 -4.12
CA PRO A 427 -24.70 11.34 -5.38
C PRO A 427 -25.50 12.55 -5.88
N CYS A 428 -25.82 13.51 -4.99
CA CYS A 428 -26.59 14.73 -5.27
C CYS A 428 -25.74 15.84 -5.89
N ARG A 429 -24.42 15.76 -5.76
CA ARG A 429 -23.49 16.78 -6.25
C ARG A 429 -23.48 16.78 -7.78
N PRO A 430 -23.80 17.94 -8.40
CA PRO A 430 -23.92 17.96 -9.86
C PRO A 430 -22.63 18.15 -10.62
N LEU A 431 -22.55 17.56 -11.83
CA LEU A 431 -21.42 17.77 -12.71
C LEU A 431 -21.51 19.21 -13.24
N GLN A 432 -20.40 19.77 -13.73
CA GLN A 432 -20.37 21.15 -14.23
C GLN A 432 -21.25 21.34 -15.48
N ARG A 433 -21.44 20.27 -16.29
CA ARG A 433 -22.29 20.28 -17.48
C ARG A 433 -23.69 19.83 -17.06
N SER A 434 -24.69 20.72 -17.22
CA SER A 434 -26.09 20.45 -16.86
C SER A 434 -26.86 19.78 -18.01
N PRO A 435 -27.99 19.07 -17.75
CA PRO A 435 -28.76 18.46 -18.86
C PRO A 435 -29.42 19.48 -19.77
N ILE A 436 -29.39 20.78 -19.38
CA ILE A 436 -29.92 21.88 -20.15
C ILE A 436 -28.80 22.39 -21.03
N GLU A 437 -29.00 22.29 -22.35
CA GLU A 437 -28.06 22.70 -23.39
C GLU A 437 -27.74 24.18 -23.24
N GLY A 438 -26.45 24.49 -23.04
CA GLY A 438 -25.98 25.86 -22.88
C GLY A 438 -25.85 26.35 -21.46
N PHE A 439 -26.44 25.62 -20.49
CA PHE A 439 -26.39 25.97 -19.05
C PHE A 439 -25.37 25.08 -18.34
N TYR A 440 -24.50 25.71 -17.53
CA TYR A 440 -23.43 25.05 -16.77
C TYR A 440 -23.41 25.52 -15.32
N LEU A 441 -22.82 24.71 -14.43
CA LEU A 441 -22.68 25.03 -13.01
C LEU A 441 -21.23 25.05 -12.57
N ALA A 442 -20.91 25.93 -11.63
CA ALA A 442 -19.59 26.05 -11.00
C ALA A 442 -19.81 26.32 -9.51
N GLY A 443 -18.83 25.99 -8.69
CA GLY A 443 -18.92 26.13 -7.24
C GLY A 443 -18.37 24.95 -6.50
N ASP A 444 -17.92 25.18 -5.26
CA ASP A 444 -17.33 24.15 -4.40
C ASP A 444 -18.28 22.94 -4.20
N TYR A 445 -19.62 23.17 -4.22
CA TYR A 445 -20.65 22.13 -4.03
C TYR A 445 -20.74 21.16 -5.24
N THR A 446 -20.31 21.57 -6.45
CA THR A 446 -20.39 20.73 -7.65
C THR A 446 -19.43 19.52 -7.54
N LYS A 447 -19.60 18.50 -8.40
CA LYS A 447 -18.84 17.26 -8.37
C LYS A 447 -17.37 17.51 -8.72
N GLN A 448 -16.54 17.47 -7.67
CA GLN A 448 -15.09 17.59 -7.67
C GLN A 448 -14.57 16.96 -6.36
N LYS A 449 -13.36 16.39 -6.37
CA LYS A 449 -12.78 15.60 -5.28
C LYS A 449 -12.08 16.38 -4.13
N TYR A 450 -12.10 17.73 -4.10
CA TYR A 450 -11.36 18.43 -3.06
C TYR A 450 -12.24 19.18 -2.02
N LEU A 451 -13.42 18.62 -1.68
CA LEU A 451 -14.36 19.12 -0.66
C LEU A 451 -14.93 20.52 -0.98
N ALA A 452 -15.77 21.04 -0.06
CA ALA A 452 -16.29 22.41 -0.13
C ALA A 452 -15.19 23.31 0.44
N SER A 453 -14.24 23.66 -0.42
CA SER A 453 -13.03 24.43 -0.09
C SER A 453 -12.69 25.42 -1.19
N MET A 454 -11.64 26.23 -0.97
CA MET A 454 -11.13 27.18 -1.96
C MET A 454 -10.60 26.42 -3.17
N GLU A 455 -9.96 25.25 -2.92
CA GLU A 455 -9.43 24.35 -3.93
C GLU A 455 -10.58 23.75 -4.75
N GLY A 456 -11.65 23.38 -4.07
CA GLY A 456 -12.86 22.84 -4.67
C GLY A 456 -13.52 23.84 -5.60
N ALA A 457 -13.61 25.10 -5.14
CA ALA A 457 -14.15 26.23 -5.88
C ALA A 457 -13.35 26.48 -7.16
N VAL A 458 -12.01 26.60 -7.06
CA VAL A 458 -11.10 26.83 -8.19
C VAL A 458 -11.17 25.64 -9.17
N LEU A 459 -11.11 24.38 -8.67
CA LEU A 459 -11.18 23.19 -9.53
C LEU A 459 -12.51 23.13 -10.27
N SER A 460 -13.65 23.41 -9.59
CA SER A 460 -14.98 23.42 -10.23
C SER A 460 -15.04 24.42 -11.37
N GLY A 461 -14.35 25.56 -11.21
CA GLY A 461 -14.23 26.60 -12.23
C GLY A 461 -13.48 26.11 -13.45
N LYS A 462 -12.33 25.44 -13.22
CA LYS A 462 -11.48 24.82 -14.24
C LYS A 462 -12.26 23.74 -14.98
N LEU A 463 -13.03 22.90 -14.24
CA LEU A 463 -13.87 21.84 -14.79
C LEU A 463 -15.03 22.39 -15.60
N CYS A 464 -15.58 23.54 -15.17
CA CYS A 464 -16.69 24.20 -15.86
C CYS A 464 -16.21 24.77 -17.19
N ALA A 465 -15.11 25.56 -17.18
CA ALA A 465 -14.50 26.15 -18.36
C ALA A 465 -14.11 25.06 -19.37
N GLN A 466 -13.63 23.90 -18.87
CA GLN A 466 -13.24 22.73 -19.66
C GLN A 466 -14.45 22.14 -20.38
N SER A 467 -15.60 22.02 -19.70
CA SER A 467 -16.84 21.48 -20.27
C SER A 467 -17.42 22.41 -21.35
N VAL A 468 -17.28 23.75 -21.16
CA VAL A 468 -17.76 24.77 -22.10
C VAL A 468 -16.93 24.68 -23.39
N VAL A 469 -15.58 24.65 -23.29
CA VAL A 469 -14.68 24.57 -24.45
C VAL A 469 -14.82 23.21 -25.18
N GLU A 470 -15.18 22.12 -24.46
CA GLU A 470 -15.41 20.79 -25.04
C GLU A 470 -16.65 20.81 -25.93
N ASP A 471 -17.65 21.65 -25.58
CA ASP A 471 -18.91 21.81 -26.30
C ASP A 471 -18.90 23.01 -27.26
N TYR A 472 -17.71 23.57 -27.57
CA TYR A 472 -17.55 24.73 -28.45
C TYR A 472 -18.29 24.59 -29.79
N LYS A 473 -18.14 23.44 -30.47
CA LYS A 473 -18.77 23.14 -31.77
C LYS A 473 -20.29 23.25 -31.70
N MET A 474 -20.90 22.63 -30.68
CA MET A 474 -22.34 22.62 -30.43
C MET A 474 -22.84 24.01 -29.97
N LEU A 475 -22.03 24.74 -29.18
CA LEU A 475 -22.40 26.06 -28.66
C LEU A 475 -22.29 27.16 -29.72
N SER A 476 -21.36 27.02 -30.70
CA SER A 476 -21.16 27.99 -31.79
C SER A 476 -22.24 27.85 -32.85
N ARG A 477 -22.67 26.60 -33.15
CA ARG A 477 -23.70 26.30 -34.14
C ARG A 477 -25.08 26.77 -33.64
N ARG A 478 -25.34 26.66 -32.31
CA ARG A 478 -26.58 27.07 -31.65
C ARG A 478 -26.78 28.61 -31.73
N SER A 479 -25.67 29.37 -31.77
CA SER A 479 -25.64 30.83 -31.86
C SER A 479 -26.17 31.35 -33.20
N LEU A 480 -25.81 30.66 -34.31
CA LEU A 480 -26.21 30.99 -35.69
C LEU A 480 -27.56 30.33 -36.07
N PHE B 8 -12.51 -28.85 -19.21
CA PHE B 8 -12.01 -30.11 -19.77
C PHE B 8 -13.15 -31.00 -20.27
N ARG B 9 -14.33 -30.91 -19.64
CA ARG B 9 -15.48 -31.74 -19.98
C ARG B 9 -16.31 -31.16 -21.15
N ASN B 10 -15.63 -30.95 -22.28
CA ASN B 10 -16.19 -30.50 -23.56
C ASN B 10 -15.52 -31.30 -24.66
N SER B 11 -14.17 -31.40 -24.57
CA SER B 11 -13.27 -32.10 -25.49
C SER B 11 -13.71 -33.54 -25.68
N GLU B 12 -13.66 -34.00 -26.96
CA GLU B 12 -14.05 -35.31 -27.51
C GLU B 12 -15.58 -35.48 -27.48
N GLN B 13 -16.10 -36.18 -28.49
CA GLN B 13 -17.51 -36.55 -28.58
C GLN B 13 -17.50 -38.05 -28.77
N PRO B 14 -17.97 -38.82 -27.75
CA PRO B 14 -17.85 -40.28 -27.81
C PRO B 14 -18.53 -40.93 -29.01
N THR B 15 -17.84 -41.92 -29.63
CA THR B 15 -18.37 -42.72 -30.74
C THR B 15 -19.69 -43.34 -30.26
N LYS B 16 -19.68 -43.95 -29.05
CA LYS B 16 -20.85 -44.50 -28.37
C LYS B 16 -20.84 -44.02 -26.91
N PRO B 17 -21.87 -43.25 -26.46
CA PRO B 17 -21.86 -42.75 -25.07
C PRO B 17 -21.94 -43.85 -24.03
N LEU B 18 -21.16 -43.71 -22.93
CA LEU B 18 -21.15 -44.68 -21.84
C LEU B 18 -22.39 -44.50 -20.96
N GLN B 19 -22.95 -45.61 -20.50
CA GLN B 19 -24.07 -45.62 -19.57
C GLN B 19 -23.47 -45.85 -18.18
N VAL B 20 -23.43 -44.79 -17.36
CA VAL B 20 -22.80 -44.84 -16.04
C VAL B 20 -23.88 -44.82 -14.96
N VAL B 21 -23.95 -45.88 -14.15
CA VAL B 21 -24.91 -46.02 -13.06
C VAL B 21 -24.28 -45.42 -11.80
N ILE B 22 -24.90 -44.36 -11.24
CA ILE B 22 -24.39 -43.67 -10.05
C ILE B 22 -25.37 -43.92 -8.88
N ALA B 23 -24.83 -44.38 -7.73
CA ALA B 23 -25.59 -44.65 -6.52
C ALA B 23 -25.48 -43.49 -5.54
N GLY B 24 -26.53 -42.68 -5.44
CA GLY B 24 -26.59 -41.55 -4.53
C GLY B 24 -26.58 -40.19 -5.19
N ALA B 25 -27.65 -39.39 -4.99
CA ALA B 25 -27.80 -38.07 -5.56
C ALA B 25 -27.52 -36.95 -4.56
N GLY B 26 -26.36 -37.03 -3.91
CA GLY B 26 -25.85 -35.99 -3.03
C GLY B 26 -25.06 -35.06 -3.94
N LEU B 27 -24.31 -34.10 -3.40
CA LEU B 27 -23.54 -33.21 -4.26
C LEU B 27 -22.48 -33.95 -5.09
N ALA B 28 -21.92 -35.07 -4.57
CA ALA B 28 -20.91 -35.87 -5.27
C ALA B 28 -21.51 -36.60 -6.46
N GLY B 29 -22.68 -37.24 -6.26
CA GLY B 29 -23.41 -37.94 -7.31
C GLY B 29 -23.95 -37.00 -8.37
N LEU B 30 -24.53 -35.87 -7.92
CA LEU B 30 -25.06 -34.84 -8.81
C LEU B 30 -23.94 -34.24 -9.66
N SER B 31 -22.76 -34.00 -9.05
CA SER B 31 -21.59 -33.47 -9.74
C SER B 31 -21.04 -34.48 -10.75
N THR B 32 -20.96 -35.79 -10.38
CA THR B 32 -20.49 -36.86 -11.27
C THR B 32 -21.38 -36.90 -12.51
N ALA B 33 -22.72 -36.88 -12.32
CA ALA B 33 -23.72 -36.90 -13.37
C ALA B 33 -23.60 -35.68 -14.28
N LYS B 34 -23.42 -34.46 -13.70
CA LYS B 34 -23.30 -33.18 -14.42
C LYS B 34 -22.11 -33.21 -15.39
N TYR B 35 -20.90 -33.58 -14.90
CA TYR B 35 -19.69 -33.57 -15.72
C TYR B 35 -19.62 -34.77 -16.67
N LEU B 36 -20.33 -35.89 -16.39
CA LEU B 36 -20.36 -37.01 -17.34
C LEU B 36 -21.26 -36.65 -18.52
N ALA B 37 -22.36 -35.92 -18.24
CA ALA B 37 -23.32 -35.44 -19.25
C ALA B 37 -22.66 -34.41 -20.16
N ASP B 38 -21.77 -33.56 -19.60
CA ASP B 38 -20.99 -32.54 -20.31
C ASP B 38 -19.99 -33.20 -21.27
N ALA B 39 -19.50 -34.38 -20.91
CA ALA B 39 -18.55 -35.16 -21.69
C ALA B 39 -19.24 -35.96 -22.82
N GLY B 40 -20.57 -35.91 -22.85
CA GLY B 40 -21.40 -36.58 -23.85
C GLY B 40 -21.87 -37.98 -23.49
N HIS B 41 -21.70 -38.38 -22.21
CA HIS B 41 -22.09 -39.70 -21.73
C HIS B 41 -23.49 -39.69 -21.12
N LYS B 42 -24.06 -40.87 -20.82
CA LYS B 42 -25.41 -41.01 -20.28
C LYS B 42 -25.37 -41.46 -18.81
N PRO B 43 -25.43 -40.53 -17.85
CA PRO B 43 -25.46 -40.95 -16.44
C PRO B 43 -26.86 -41.38 -15.99
N ILE B 44 -26.94 -42.40 -15.14
CA ILE B 44 -28.17 -42.90 -14.55
C ILE B 44 -27.98 -42.74 -13.02
N LEU B 45 -28.48 -41.62 -12.50
CA LEU B 45 -28.36 -41.24 -11.10
C LEU B 45 -29.54 -41.80 -10.30
N LEU B 46 -29.23 -42.74 -9.39
CA LEU B 46 -30.21 -43.42 -8.54
C LEU B 46 -30.10 -42.97 -7.09
N GLU B 47 -31.16 -42.30 -6.59
CA GLU B 47 -31.23 -41.78 -5.23
C GLU B 47 -32.17 -42.65 -4.40
N ALA B 48 -31.68 -43.12 -3.23
CA ALA B 48 -32.43 -43.96 -2.29
C ALA B 48 -33.72 -43.30 -1.75
N ARG B 49 -33.66 -42.00 -1.44
CA ARG B 49 -34.76 -41.27 -0.82
C ARG B 49 -35.64 -40.51 -1.81
N ASP B 50 -36.69 -39.85 -1.31
CA ASP B 50 -37.63 -39.03 -2.08
C ASP B 50 -37.19 -37.55 -2.07
N VAL B 51 -35.89 -37.30 -1.81
CA VAL B 51 -35.30 -35.96 -1.74
C VAL B 51 -33.88 -35.99 -2.33
N LEU B 52 -33.49 -34.89 -2.98
CA LEU B 52 -32.15 -34.71 -3.54
C LEU B 52 -31.23 -34.00 -2.55
N GLY B 53 -29.93 -34.17 -2.70
CA GLY B 53 -28.94 -33.45 -1.91
C GLY B 53 -28.14 -34.18 -0.85
N GLY B 54 -28.74 -35.21 -0.27
CA GLY B 54 -28.10 -35.99 0.77
C GLY B 54 -27.97 -35.21 2.04
N LYS B 55 -26.73 -34.88 2.42
CA LYS B 55 -26.45 -34.11 3.63
C LYS B 55 -26.82 -32.62 3.47
N ILE B 56 -27.30 -32.19 2.27
CA ILE B 56 -27.77 -30.82 2.02
C ILE B 56 -29.30 -30.84 1.79
N ALA B 57 -29.95 -32.02 1.87
CA ALA B 57 -31.40 -32.18 1.69
C ALA B 57 -32.20 -31.39 2.71
N ALA B 58 -33.37 -30.90 2.27
CA ALA B 58 -34.31 -30.14 3.07
C ALA B 58 -35.74 -30.64 2.79
N TRP B 59 -36.67 -30.42 3.72
CA TRP B 59 -38.05 -30.85 3.59
C TRP B 59 -39.01 -29.73 3.98
N LYS B 60 -40.13 -29.62 3.24
CA LYS B 60 -41.18 -28.63 3.47
C LYS B 60 -42.25 -29.27 4.36
N ASP B 61 -42.51 -28.67 5.55
CA ASP B 61 -43.52 -29.20 6.47
C ASP B 61 -44.95 -28.73 6.06
N GLU B 62 -45.98 -29.17 6.81
CA GLU B 62 -47.41 -28.86 6.59
C GLU B 62 -47.70 -27.35 6.45
N ASP B 63 -47.03 -26.51 7.27
CA ASP B 63 -47.20 -25.05 7.27
C ASP B 63 -46.45 -24.37 6.11
N GLY B 64 -45.72 -25.15 5.31
CA GLY B 64 -44.97 -24.66 4.15
C GLY B 64 -43.58 -24.14 4.46
N ASP B 65 -43.08 -24.42 5.67
CA ASP B 65 -41.76 -23.99 6.13
C ASP B 65 -40.71 -25.10 5.95
N TRP B 66 -39.53 -24.73 5.45
CA TRP B 66 -38.45 -25.67 5.21
C TRP B 66 -37.55 -25.86 6.42
N TYR B 67 -37.08 -27.12 6.59
CA TYR B 67 -36.10 -27.52 7.60
C TYR B 67 -35.03 -28.35 6.89
N GLU B 68 -33.76 -28.09 7.23
CA GLU B 68 -32.60 -28.65 6.54
C GLU B 68 -31.85 -29.71 7.35
N THR B 69 -31.04 -30.53 6.65
CA THR B 69 -30.17 -31.53 7.26
C THR B 69 -29.06 -30.80 8.04
N GLY B 70 -28.64 -29.65 7.51
CA GLY B 70 -27.63 -28.81 8.16
C GLY B 70 -27.57 -27.37 7.71
N LEU B 71 -26.87 -26.54 8.52
CA LEU B 71 -26.59 -25.14 8.25
C LEU B 71 -25.36 -25.13 7.37
N HIS B 72 -25.54 -24.84 6.07
CA HIS B 72 -24.43 -24.86 5.13
C HIS B 72 -23.95 -23.49 4.76
N ILE B 73 -22.62 -23.32 4.80
CA ILE B 73 -21.93 -22.08 4.47
C ILE B 73 -21.02 -22.34 3.29
N PHE B 74 -21.13 -21.48 2.28
CA PHE B 74 -20.31 -21.49 1.08
C PHE B 74 -19.18 -20.49 1.29
N PHE B 75 -17.96 -20.85 0.91
CA PHE B 75 -16.80 -19.99 1.09
C PHE B 75 -16.26 -19.51 -0.26
N GLY B 76 -15.50 -18.41 -0.24
CA GLY B 76 -14.86 -17.87 -1.43
C GLY B 76 -13.84 -18.86 -1.97
N ALA B 77 -13.15 -19.57 -1.02
CA ALA B 77 -12.13 -20.59 -1.32
C ALA B 77 -12.76 -21.97 -1.65
N TYR B 78 -13.89 -21.95 -2.38
CA TYR B 78 -14.62 -23.10 -2.90
C TYR B 78 -14.60 -22.98 -4.42
N PRO B 79 -13.44 -23.19 -5.10
CA PRO B 79 -13.40 -22.97 -6.56
C PRO B 79 -14.31 -23.85 -7.42
N ASN B 80 -14.49 -25.15 -7.07
CA ASN B 80 -15.31 -26.05 -7.87
C ASN B 80 -16.81 -25.75 -7.72
N ILE B 81 -17.23 -25.26 -6.53
CA ILE B 81 -18.61 -24.85 -6.24
C ILE B 81 -18.91 -23.59 -7.07
N GLN B 82 -17.96 -22.59 -7.08
CA GLN B 82 -18.08 -21.33 -7.84
C GLN B 82 -18.24 -21.63 -9.33
N ASN B 83 -17.43 -22.57 -9.85
CA ASN B 83 -17.45 -23.01 -11.26
C ASN B 83 -18.81 -23.61 -11.61
N LEU B 84 -19.34 -24.52 -10.76
CA LEU B 84 -20.63 -25.20 -10.94
C LEU B 84 -21.78 -24.19 -10.99
N PHE B 85 -21.84 -23.25 -10.02
CA PHE B 85 -22.85 -22.20 -9.94
C PHE B 85 -22.81 -21.31 -11.20
N GLY B 86 -21.60 -20.99 -11.67
CA GLY B 86 -21.37 -20.19 -12.88
C GLY B 86 -21.80 -20.91 -14.14
N GLU B 87 -21.46 -22.22 -14.24
CA GLU B 87 -21.81 -23.11 -15.35
C GLU B 87 -23.34 -23.26 -15.50
N LEU B 88 -24.07 -23.22 -14.37
CA LEU B 88 -25.52 -23.33 -14.32
C LEU B 88 -26.20 -21.95 -14.31
N GLY B 89 -25.38 -20.89 -14.24
CA GLY B 89 -25.85 -19.50 -14.22
C GLY B 89 -26.72 -19.15 -13.03
N ILE B 90 -26.33 -19.65 -11.84
CA ILE B 90 -27.08 -19.44 -10.59
C ILE B 90 -26.20 -18.76 -9.52
N ASN B 91 -25.19 -17.95 -9.94
CA ASN B 91 -24.27 -17.22 -9.04
C ASN B 91 -25.00 -16.29 -8.07
N ASP B 92 -26.13 -15.71 -8.53
CA ASP B 92 -26.98 -14.79 -7.78
C ASP B 92 -27.74 -15.49 -6.63
N ARG B 93 -27.69 -16.85 -6.57
CA ARG B 93 -28.37 -17.63 -5.54
C ARG B 93 -27.53 -17.72 -4.25
N LEU B 94 -26.29 -17.20 -4.29
CA LEU B 94 -25.41 -17.13 -3.12
C LEU B 94 -25.44 -15.73 -2.54
N GLN B 95 -25.93 -15.62 -1.29
CA GLN B 95 -26.04 -14.37 -0.55
C GLN B 95 -24.77 -14.14 0.26
N TRP B 96 -23.78 -13.45 -0.34
CA TRP B 96 -22.49 -13.17 0.31
C TRP B 96 -22.67 -12.18 1.44
N LYS B 97 -22.14 -12.52 2.61
CA LYS B 97 -22.26 -11.70 3.80
C LYS B 97 -20.97 -10.88 4.01
N GLU B 98 -20.98 -9.96 5.00
CA GLU B 98 -19.83 -9.09 5.33
C GLU B 98 -18.58 -9.93 5.61
N HIS B 99 -17.37 -9.44 5.26
CA HIS B 99 -16.16 -10.21 5.52
C HIS B 99 -15.79 -10.06 7.02
N SER B 100 -16.52 -10.81 7.86
CA SER B 100 -16.38 -10.81 9.33
C SER B 100 -16.60 -12.20 9.91
N MET B 101 -16.09 -12.41 11.12
CA MET B 101 -16.21 -13.65 11.89
C MET B 101 -16.73 -13.27 13.26
N ILE B 102 -18.05 -13.36 13.46
CA ILE B 102 -18.66 -12.92 14.71
C ILE B 102 -18.74 -14.10 15.68
N PHE B 103 -18.16 -13.90 16.87
CA PHE B 103 -18.08 -14.87 17.98
C PHE B 103 -18.82 -14.35 19.19
N ALA B 104 -19.47 -15.24 19.93
CA ALA B 104 -20.17 -14.88 21.16
C ALA B 104 -19.19 -14.82 22.32
N MET B 105 -19.57 -14.11 23.41
CA MET B 105 -18.75 -13.98 24.61
C MET B 105 -19.36 -14.85 25.72
N PRO B 106 -18.81 -16.05 26.00
CA PRO B 106 -19.39 -16.89 27.05
C PRO B 106 -19.34 -16.24 28.45
N ASN B 107 -18.25 -15.49 28.73
CA ASN B 107 -18.04 -14.76 29.99
C ASN B 107 -19.00 -13.58 30.15
N LYS B 108 -19.37 -12.92 29.02
CA LYS B 108 -20.27 -11.77 28.99
C LYS B 108 -21.54 -12.10 28.16
N PRO B 109 -22.58 -12.71 28.80
CA PRO B 109 -23.80 -13.09 28.06
C PRO B 109 -24.44 -11.95 27.28
N GLY B 110 -24.80 -12.25 26.02
CA GLY B 110 -25.43 -11.29 25.12
C GLY B 110 -24.46 -10.48 24.29
N GLU B 111 -23.18 -10.45 24.72
CA GLU B 111 -22.12 -9.71 24.05
C GLU B 111 -21.44 -10.56 22.97
N PHE B 112 -20.99 -9.90 21.90
CA PHE B 112 -20.33 -10.52 20.76
C PHE B 112 -19.06 -9.77 20.38
N SER B 113 -18.03 -10.52 19.97
CA SER B 113 -16.74 -10.03 19.50
C SER B 113 -16.57 -10.44 18.05
N ARG B 114 -15.78 -9.71 17.25
CA ARG B 114 -15.64 -10.06 15.85
C ARG B 114 -14.27 -9.75 15.24
N PHE B 115 -13.94 -10.48 14.16
CA PHE B 115 -12.73 -10.30 13.37
C PHE B 115 -13.16 -9.73 12.04
N ASP B 116 -12.92 -8.42 11.82
CA ASP B 116 -13.31 -7.74 10.60
C ASP B 116 -12.14 -7.71 9.63
N PHE B 117 -12.36 -8.18 8.40
CA PHE B 117 -11.33 -8.27 7.37
C PHE B 117 -11.44 -7.06 6.43
N PRO B 118 -10.49 -6.09 6.51
CA PRO B 118 -10.55 -4.89 5.66
C PRO B 118 -10.51 -5.23 4.18
N GLU B 119 -11.45 -4.67 3.42
CA GLU B 119 -11.60 -4.91 1.99
C GLU B 119 -10.50 -4.25 1.16
N THR B 120 -9.67 -3.40 1.80
CA THR B 120 -8.57 -2.67 1.15
C THR B 120 -7.25 -3.42 1.28
N LEU B 121 -7.13 -4.27 2.31
CA LEU B 121 -5.93 -5.08 2.56
C LEU B 121 -6.04 -6.43 1.86
N PRO B 122 -4.97 -6.91 1.19
CA PRO B 122 -5.04 -8.24 0.57
C PRO B 122 -4.79 -9.37 1.58
N ALA B 123 -4.86 -10.63 1.14
CA ALA B 123 -4.60 -11.78 2.01
C ALA B 123 -3.09 -12.02 2.09
N PRO B 124 -2.50 -12.35 3.27
CA PRO B 124 -3.14 -12.59 4.59
C PRO B 124 -3.17 -11.37 5.51
N LEU B 125 -2.90 -10.16 4.94
CA LEU B 125 -2.86 -8.92 5.71
C LEU B 125 -4.21 -8.60 6.33
N ASN B 126 -5.32 -8.84 5.61
CA ASN B 126 -6.68 -8.60 6.10
C ASN B 126 -6.95 -9.46 7.35
N GLY B 127 -6.43 -10.69 7.35
CA GLY B 127 -6.52 -11.63 8.45
C GLY B 127 -5.69 -11.21 9.65
N ILE B 128 -4.40 -10.87 9.38
CA ILE B 128 -3.45 -10.38 10.38
C ILE B 128 -4.05 -9.14 11.06
N TRP B 129 -4.62 -8.21 10.25
CA TRP B 129 -5.27 -7.00 10.73
C TRP B 129 -6.44 -7.27 11.63
N ALA B 130 -7.32 -8.20 11.22
CA ALA B 130 -8.51 -8.61 11.98
C ALA B 130 -8.15 -9.06 13.40
N ILE B 131 -7.08 -9.87 13.52
CA ILE B 131 -6.57 -10.39 14.81
C ILE B 131 -5.96 -9.23 15.61
N LEU B 132 -5.16 -8.36 14.95
CA LEU B 132 -4.52 -7.20 15.57
C LEU B 132 -5.55 -6.19 16.12
N ARG B 133 -6.62 -5.88 15.33
CA ARG B 133 -7.69 -4.94 15.70
CA ARG B 133 -7.67 -4.92 15.73
C ARG B 133 -8.53 -5.48 16.87
N ASN B 134 -8.85 -6.79 16.88
CA ASN B 134 -9.66 -7.39 17.96
C ASN B 134 -8.91 -7.36 19.28
N ASN B 135 -9.57 -6.85 20.33
CA ASN B 135 -8.93 -6.70 21.64
C ASN B 135 -9.62 -7.49 22.76
N GLU B 136 -10.78 -8.11 22.49
CA GLU B 136 -11.50 -8.83 23.55
C GLU B 136 -11.39 -10.36 23.46
N MET B 137 -10.78 -10.91 22.38
CA MET B 137 -10.64 -12.36 22.24
C MET B 137 -9.21 -12.86 22.43
N LEU B 138 -8.21 -11.97 22.32
CA LEU B 138 -6.79 -12.32 22.50
C LEU B 138 -6.01 -11.19 23.13
N THR B 139 -5.12 -11.51 24.09
CA THR B 139 -4.23 -10.52 24.71
C THR B 139 -3.04 -10.33 23.77
N TRP B 140 -2.30 -9.21 23.90
CA TRP B 140 -1.15 -8.93 23.05
C TRP B 140 -0.06 -10.02 23.17
N PRO B 141 0.30 -10.55 24.37
CA PRO B 141 1.27 -11.66 24.42
C PRO B 141 0.77 -12.90 23.68
N GLU B 142 -0.54 -13.25 23.85
CA GLU B 142 -1.21 -14.38 23.20
C GLU B 142 -1.15 -14.23 21.68
N LYS B 143 -1.33 -12.99 21.17
CA LYS B 143 -1.27 -12.68 19.73
C LYS B 143 0.12 -12.95 19.15
N VAL B 144 1.18 -12.66 19.93
CA VAL B 144 2.59 -12.84 19.54
C VAL B 144 2.91 -14.34 19.46
N LYS B 145 2.55 -15.10 20.53
CA LYS B 145 2.78 -16.55 20.62
C LYS B 145 2.02 -17.30 19.52
N PHE B 146 0.79 -16.84 19.20
CA PHE B 146 -0.07 -17.38 18.15
C PHE B 146 0.55 -17.14 16.77
N ALA B 147 1.04 -15.92 16.52
CA ALA B 147 1.69 -15.54 15.26
C ALA B 147 2.99 -16.33 15.06
N LEU B 148 3.76 -16.53 16.17
CA LEU B 148 5.00 -17.31 16.17
C LEU B 148 4.72 -18.76 15.82
N GLY B 149 3.73 -19.35 16.50
CA GLY B 149 3.31 -20.72 16.29
C GLY B 149 2.79 -21.06 14.91
N LEU B 150 2.11 -20.10 14.26
CA LEU B 150 1.51 -20.30 12.94
C LEU B 150 2.40 -19.88 11.77
N LEU B 151 3.35 -18.94 11.95
CA LEU B 151 4.21 -18.49 10.85
C LEU B 151 4.89 -19.66 10.09
N PRO B 152 5.54 -20.66 10.74
CA PRO B 152 6.16 -21.75 9.95
C PRO B 152 5.14 -22.51 9.11
N ALA B 153 3.91 -22.69 9.65
CA ALA B 153 2.81 -23.40 9.00
C ALA B 153 2.33 -22.68 7.73
N MET B 154 2.08 -21.36 7.79
CA MET B 154 1.61 -20.59 6.64
C MET B 154 2.66 -20.49 5.51
N VAL B 155 3.94 -20.50 5.87
CA VAL B 155 5.06 -20.46 4.91
C VAL B 155 5.23 -21.85 4.25
N GLY B 156 4.78 -22.90 4.95
CA GLY B 156 4.85 -24.29 4.50
C GLY B 156 4.03 -24.65 3.27
N GLY B 157 4.52 -25.65 2.54
CA GLY B 157 3.87 -26.16 1.34
C GLY B 157 2.87 -27.27 1.62
N GLN B 158 2.42 -27.95 0.53
CA GLN B 158 1.47 -29.06 0.61
C GLN B 158 2.06 -30.25 1.39
N ALA B 159 3.36 -30.56 1.17
CA ALA B 159 4.07 -31.65 1.86
C ALA B 159 4.07 -31.45 3.37
N TYR B 160 4.16 -30.17 3.80
CA TYR B 160 4.15 -29.80 5.22
C TYR B 160 2.78 -30.08 5.85
N VAL B 161 1.67 -29.64 5.20
CA VAL B 161 0.32 -29.82 5.74
C VAL B 161 -0.04 -31.31 5.86
N GLU B 162 0.42 -32.16 4.91
CA GLU B 162 0.17 -33.60 4.91
C GLU B 162 0.89 -34.28 6.09
N ALA B 163 2.07 -33.75 6.47
CA ALA B 163 2.89 -34.23 7.58
C ALA B 163 2.25 -33.92 8.96
N GLN B 164 1.27 -32.99 8.99
CA GLN B 164 0.59 -32.59 10.22
C GLN B 164 -0.63 -33.46 10.53
N ASP B 165 -0.97 -34.40 9.61
CA ASP B 165 -2.11 -35.32 9.77
C ASP B 165 -1.94 -36.33 10.93
N GLY B 166 -0.72 -36.44 11.47
CA GLY B 166 -0.44 -37.33 12.59
C GLY B 166 -0.78 -36.74 13.96
N PHE B 167 -1.05 -35.42 14.01
CA PHE B 167 -1.34 -34.70 15.25
C PHE B 167 -2.78 -34.23 15.37
N THR B 168 -3.27 -34.11 16.62
CA THR B 168 -4.58 -33.51 16.90
C THR B 168 -4.34 -31.98 16.90
N VAL B 169 -5.42 -31.18 16.87
CA VAL B 169 -5.31 -29.73 16.89
C VAL B 169 -4.66 -29.29 18.24
N SER B 170 -5.18 -29.82 19.37
CA SER B 170 -4.68 -29.54 20.71
C SER B 170 -3.18 -29.89 20.86
N GLU B 171 -2.73 -31.03 20.27
CA GLU B 171 -1.34 -31.51 20.30
C GLU B 171 -0.39 -30.55 19.56
N TRP B 172 -0.73 -30.21 18.30
CA TRP B 172 0.07 -29.34 17.43
C TRP B 172 0.15 -27.91 17.98
N MET B 173 -0.95 -27.39 18.55
CA MET B 173 -0.99 -26.03 19.11
C MET B 173 -0.02 -25.93 20.29
N LYS B 174 0.04 -26.97 21.15
CA LYS B 174 0.95 -27.05 22.30
C LYS B 174 2.41 -27.08 21.85
N LYS B 175 2.72 -27.88 20.80
CA LYS B 175 4.05 -28.05 20.23
C LYS B 175 4.57 -26.72 19.62
N GLN B 176 3.71 -26.01 18.88
CA GLN B 176 4.07 -24.75 18.22
C GLN B 176 4.07 -23.56 19.21
N GLY B 177 3.71 -23.81 20.46
CA GLY B 177 3.71 -22.81 21.51
C GLY B 177 2.52 -21.87 21.54
N VAL B 178 1.47 -22.20 20.77
CA VAL B 178 0.23 -21.43 20.73
C VAL B 178 -0.43 -21.60 22.12
N PRO B 179 -0.74 -20.50 22.84
CA PRO B 179 -1.29 -20.64 24.21
C PRO B 179 -2.53 -21.52 24.27
N ASP B 180 -2.65 -22.29 25.35
CA ASP B 180 -3.76 -23.20 25.57
C ASP B 180 -5.10 -22.47 25.58
N ARG B 181 -5.13 -21.17 25.98
CA ARG B 181 -6.34 -20.36 25.98
C ARG B 181 -6.77 -20.04 24.55
N VAL B 182 -5.82 -19.87 23.61
CA VAL B 182 -6.12 -19.59 22.19
C VAL B 182 -6.79 -20.82 21.56
N ASN B 183 -6.30 -22.03 21.87
CA ASN B 183 -6.83 -23.29 21.39
C ASN B 183 -8.25 -23.50 21.89
N ASP B 184 -8.53 -23.08 23.14
CA ASP B 184 -9.84 -23.22 23.79
C ASP B 184 -10.82 -22.08 23.41
N GLU B 185 -10.32 -20.87 23.19
CA GLU B 185 -11.14 -19.72 22.83
C GLU B 185 -11.49 -19.77 21.35
N VAL B 186 -10.48 -19.72 20.47
CA VAL B 186 -10.63 -19.65 19.02
C VAL B 186 -10.82 -21.02 18.35
N PHE B 187 -9.93 -22.00 18.62
CA PHE B 187 -9.95 -23.25 17.85
C PHE B 187 -11.02 -24.26 18.29
N ILE B 188 -11.67 -24.15 19.47
CA ILE B 188 -12.78 -25.07 19.77
C ILE B 188 -13.90 -24.78 18.76
N ALA B 189 -14.19 -23.48 18.54
CA ALA B 189 -15.20 -22.97 17.63
C ALA B 189 -14.92 -23.41 16.17
N MET B 190 -13.68 -23.31 15.71
CA MET B 190 -13.28 -23.66 14.35
C MET B 190 -13.34 -25.19 14.12
N SER B 191 -12.93 -25.99 15.12
CA SER B 191 -12.95 -27.46 15.05
C SER B 191 -14.38 -28.00 14.93
N LYS B 192 -15.31 -27.51 15.76
CA LYS B 192 -16.72 -27.91 15.75
C LYS B 192 -17.39 -27.43 14.47
N ALA B 193 -16.94 -26.30 13.92
CA ALA B 193 -17.50 -25.76 12.70
C ALA B 193 -17.16 -26.65 11.52
N LEU B 194 -15.91 -27.11 11.41
CA LEU B 194 -15.43 -27.93 10.29
C LEU B 194 -15.80 -29.43 10.36
N ASN B 195 -15.80 -30.06 11.54
CA ASN B 195 -16.04 -31.51 11.60
C ASN B 195 -16.89 -31.97 12.79
N PHE B 196 -17.54 -31.02 13.50
CA PHE B 196 -18.45 -31.25 14.64
C PHE B 196 -17.80 -31.97 15.84
N ILE B 197 -16.47 -31.88 15.96
CA ILE B 197 -15.70 -32.48 17.06
C ILE B 197 -14.72 -31.44 17.63
N ASN B 198 -14.28 -31.65 18.89
CA ASN B 198 -13.38 -30.73 19.59
C ASN B 198 -11.93 -30.84 19.09
N PRO B 199 -11.06 -29.81 19.35
CA PRO B 199 -9.67 -29.87 18.85
C PRO B 199 -8.80 -31.00 19.41
N ASP B 200 -9.19 -31.62 20.55
CA ASP B 200 -8.43 -32.74 21.14
C ASP B 200 -8.58 -34.04 20.32
N GLU B 201 -9.55 -34.09 19.37
CA GLU B 201 -9.83 -35.24 18.51
C GLU B 201 -9.53 -34.98 17.03
N LEU B 202 -9.76 -33.73 16.56
CA LEU B 202 -9.61 -33.35 15.15
C LEU B 202 -8.17 -33.32 14.70
N SER B 203 -7.91 -33.75 13.44
CA SER B 203 -6.59 -33.74 12.80
C SER B 203 -6.17 -32.31 12.51
N MET B 204 -4.88 -31.96 12.71
CA MET B 204 -4.38 -30.62 12.44
C MET B 204 -4.44 -30.30 10.95
N GLN B 205 -4.35 -31.32 10.06
CA GLN B 205 -4.42 -31.12 8.61
C GLN B 205 -5.74 -30.45 8.22
N CYS B 206 -6.82 -30.76 8.95
CA CYS B 206 -8.14 -30.18 8.73
C CYS B 206 -8.13 -28.66 8.94
N ILE B 207 -7.58 -28.20 10.09
CA ILE B 207 -7.48 -26.78 10.45
C ILE B 207 -6.55 -26.03 9.48
N LEU B 208 -5.45 -26.65 9.05
CA LEU B 208 -4.51 -26.02 8.13
C LEU B 208 -5.10 -25.79 6.74
N ILE B 209 -5.99 -26.68 6.25
CA ILE B 209 -6.66 -26.52 4.96
C ILE B 209 -7.69 -25.38 5.08
N ALA B 210 -8.33 -25.26 6.27
CA ALA B 210 -9.28 -24.20 6.60
C ALA B 210 -8.58 -22.86 6.75
N LEU B 211 -7.39 -22.81 7.39
CA LEU B 211 -6.61 -21.59 7.58
C LEU B 211 -6.01 -21.12 6.26
N ASN B 212 -5.91 -22.03 5.26
CA ASN B 212 -5.42 -21.71 3.93
C ASN B 212 -6.40 -20.82 3.16
N ARG B 213 -7.67 -20.77 3.62
CA ARG B 213 -8.71 -19.92 3.03
C ARG B 213 -8.38 -18.44 3.31
N PHE B 214 -7.78 -18.19 4.47
CA PHE B 214 -7.38 -16.88 4.99
C PHE B 214 -6.10 -16.31 4.37
N LEU B 215 -5.19 -17.15 3.82
CA LEU B 215 -3.94 -16.62 3.27
C LEU B 215 -3.82 -16.73 1.74
N GLN B 216 -4.54 -17.64 1.10
CA GLN B 216 -4.43 -17.80 -0.35
C GLN B 216 -5.15 -16.64 -1.08
N GLU B 217 -6.49 -16.73 -1.23
CA GLU B 217 -7.29 -15.71 -1.90
C GLU B 217 -7.75 -14.65 -0.89
N LYS B 218 -7.98 -13.42 -1.37
CA LYS B 218 -8.42 -12.28 -0.56
C LYS B 218 -9.76 -12.57 0.13
N HIS B 219 -10.75 -13.08 -0.64
CA HIS B 219 -12.10 -13.38 -0.16
C HIS B 219 -12.31 -14.88 0.10
N GLY B 220 -11.23 -15.64 0.27
CA GLY B 220 -11.27 -17.07 0.55
C GLY B 220 -12.08 -17.44 1.77
N SER B 221 -11.96 -16.63 2.84
CA SER B 221 -12.66 -16.81 4.11
C SER B 221 -14.03 -16.12 4.14
N LYS B 222 -14.42 -15.45 3.04
CA LYS B 222 -15.74 -14.79 2.96
C LYS B 222 -16.82 -15.85 2.85
N MET B 223 -17.93 -15.64 3.56
CA MET B 223 -19.03 -16.60 3.68
C MET B 223 -20.28 -16.20 2.91
N ALA B 224 -21.06 -17.21 2.47
CA ALA B 224 -22.31 -17.05 1.73
C ALA B 224 -23.35 -18.08 2.14
N PHE B 225 -24.62 -17.67 2.15
CA PHE B 225 -25.79 -18.49 2.42
C PHE B 225 -26.54 -18.72 1.12
N LEU B 226 -27.10 -19.92 0.91
CA LEU B 226 -27.92 -20.16 -0.28
C LEU B 226 -29.24 -19.40 -0.08
N ASP B 227 -29.79 -18.77 -1.15
CA ASP B 227 -31.00 -17.94 -1.08
C ASP B 227 -32.30 -18.69 -0.76
N GLY B 228 -32.23 -20.02 -0.65
CA GLY B 228 -33.37 -20.87 -0.33
C GLY B 228 -32.97 -22.30 -0.03
N ASN B 229 -33.96 -23.23 -0.02
CA ASN B 229 -33.73 -24.65 0.25
C ASN B 229 -32.81 -25.26 -0.81
N PRO B 230 -31.80 -26.06 -0.39
CA PRO B 230 -30.86 -26.63 -1.37
C PRO B 230 -31.48 -27.57 -2.43
N PRO B 231 -32.49 -28.46 -2.16
CA PRO B 231 -33.00 -29.32 -3.26
C PRO B 231 -33.56 -28.53 -4.44
N GLU B 232 -34.32 -27.44 -4.19
CA GLU B 232 -34.92 -26.62 -5.23
C GLU B 232 -33.94 -25.63 -5.86
N ARG B 233 -33.19 -24.88 -5.02
CA ARG B 233 -32.28 -23.82 -5.45
C ARG B 233 -30.95 -24.29 -6.03
N LEU B 234 -30.46 -25.50 -5.63
CA LEU B 234 -29.15 -25.97 -6.11
C LEU B 234 -29.24 -27.32 -6.82
N CYS B 235 -29.92 -28.31 -6.21
CA CYS B 235 -30.01 -29.67 -6.76
C CYS B 235 -30.84 -29.72 -8.05
N MET B 236 -32.00 -29.01 -8.11
CA MET B 236 -32.85 -29.01 -9.30
C MET B 236 -32.11 -28.44 -10.52
N PRO B 237 -31.42 -27.26 -10.47
CA PRO B 237 -30.63 -26.81 -11.64
C PRO B 237 -29.66 -27.87 -12.20
N ILE B 238 -29.03 -28.71 -11.33
CA ILE B 238 -28.11 -29.79 -11.76
C ILE B 238 -28.91 -30.90 -12.45
N VAL B 239 -30.05 -31.31 -11.84
CA VAL B 239 -30.95 -32.35 -12.37
C VAL B 239 -31.49 -31.93 -13.76
N ASP B 240 -31.93 -30.66 -13.90
CA ASP B 240 -32.45 -30.09 -15.16
C ASP B 240 -31.38 -30.13 -16.24
N HIS B 241 -30.12 -29.82 -15.88
CA HIS B 241 -28.96 -29.82 -16.78
C HIS B 241 -28.64 -31.25 -17.25
N VAL B 242 -28.60 -32.23 -16.31
CA VAL B 242 -28.31 -33.65 -16.58
C VAL B 242 -29.38 -34.23 -17.52
N ARG B 243 -30.67 -33.96 -17.22
CA ARG B 243 -31.81 -34.45 -17.99
C ARG B 243 -31.87 -33.85 -19.40
N SER B 244 -31.48 -32.56 -19.55
CA SER B 244 -31.47 -31.87 -20.84
C SER B 244 -30.41 -32.42 -21.79
N LEU B 245 -29.38 -33.12 -21.25
CA LEU B 245 -28.29 -33.69 -22.03
C LEU B 245 -28.42 -35.21 -22.21
N GLY B 246 -29.57 -35.76 -21.83
CA GLY B 246 -29.88 -37.19 -21.99
C GLY B 246 -29.68 -38.08 -20.78
N GLY B 247 -29.29 -37.51 -19.65
CA GLY B 247 -29.07 -38.25 -18.42
C GLY B 247 -30.36 -38.52 -17.68
N GLU B 248 -30.36 -39.56 -16.83
CA GLU B 248 -31.53 -39.96 -16.03
C GLU B 248 -31.28 -39.74 -14.53
N VAL B 249 -32.28 -39.19 -13.85
CA VAL B 249 -32.25 -38.94 -12.40
C VAL B 249 -33.51 -39.59 -11.82
N ARG B 250 -33.34 -40.61 -10.96
CA ARG B 250 -34.45 -41.37 -10.38
C ARG B 250 -34.39 -41.42 -8.86
N LEU B 251 -35.48 -40.97 -8.21
CA LEU B 251 -35.60 -40.99 -6.74
C LEU B 251 -36.16 -42.34 -6.33
N ASN B 252 -36.15 -42.64 -5.00
CA ASN B 252 -36.67 -43.87 -4.40
C ASN B 252 -36.10 -45.15 -5.08
N SER B 253 -34.79 -45.09 -5.41
CA SER B 253 -34.03 -46.15 -6.05
C SER B 253 -32.80 -46.51 -5.18
N ARG B 254 -33.05 -47.20 -4.06
CA ARG B 254 -31.99 -47.63 -3.13
C ARG B 254 -31.32 -48.89 -3.65
N ILE B 255 -29.98 -48.90 -3.67
CA ILE B 255 -29.20 -50.06 -4.09
C ILE B 255 -29.10 -50.98 -2.88
N GLN B 256 -29.59 -52.22 -3.04
CA GLN B 256 -29.62 -53.27 -2.03
C GLN B 256 -28.36 -54.14 -2.08
N LYS B 257 -27.83 -54.37 -3.31
CA LYS B 257 -26.65 -55.23 -3.49
C LYS B 257 -25.87 -54.87 -4.74
N ILE B 258 -24.54 -55.03 -4.65
CA ILE B 258 -23.62 -54.89 -5.77
C ILE B 258 -23.39 -56.34 -6.25
N GLU B 259 -24.12 -56.77 -7.29
CA GLU B 259 -24.01 -58.14 -7.84
C GLU B 259 -22.78 -58.21 -8.73
N LEU B 260 -22.01 -59.28 -8.57
CA LEU B 260 -20.76 -59.44 -9.31
C LEU B 260 -20.76 -60.55 -10.35
N ASN B 261 -19.95 -60.35 -11.39
CA ASN B 261 -19.66 -61.34 -12.43
C ASN B 261 -18.68 -62.36 -11.83
N PRO B 262 -18.50 -63.57 -12.42
CA PRO B 262 -17.57 -64.55 -11.83
C PRO B 262 -16.12 -64.06 -11.67
N ASP B 263 -15.65 -63.11 -12.49
CA ASP B 263 -14.28 -62.58 -12.43
C ASP B 263 -14.09 -61.53 -11.31
N GLY B 264 -15.18 -61.08 -10.69
CA GLY B 264 -15.12 -60.10 -9.60
C GLY B 264 -15.65 -58.71 -9.93
N THR B 265 -15.79 -58.37 -11.23
CA THR B 265 -16.29 -57.08 -11.71
C THR B 265 -17.80 -56.98 -11.42
N VAL B 266 -18.41 -55.78 -11.60
CA VAL B 266 -19.82 -55.58 -11.31
C VAL B 266 -20.70 -56.08 -12.48
N LYS B 267 -21.68 -56.94 -12.16
CA LYS B 267 -22.68 -57.49 -13.07
C LYS B 267 -23.79 -56.47 -13.21
N HIS B 268 -24.35 -56.04 -12.07
CA HIS B 268 -25.42 -55.04 -11.98
C HIS B 268 -25.58 -54.55 -10.53
N PHE B 269 -26.34 -53.46 -10.38
CA PHE B 269 -26.74 -52.91 -9.10
C PHE B 269 -28.18 -53.38 -8.85
N ALA B 270 -28.38 -54.21 -7.83
CA ALA B 270 -29.72 -54.69 -7.52
C ALA B 270 -30.40 -53.70 -6.58
N LEU B 271 -31.56 -53.18 -6.99
CA LEU B 271 -32.35 -52.24 -6.20
C LEU B 271 -33.13 -52.96 -5.09
N THR B 272 -33.80 -52.18 -4.23
CA THR B 272 -34.53 -52.68 -3.06
C THR B 272 -35.76 -53.53 -3.50
N ASP B 273 -36.38 -53.21 -4.65
CA ASP B 273 -37.53 -53.94 -5.17
C ASP B 273 -37.10 -55.12 -6.11
N GLY B 274 -35.80 -55.41 -6.15
CA GLY B 274 -35.23 -56.48 -6.96
C GLY B 274 -34.74 -56.06 -8.33
N THR B 275 -35.17 -54.87 -8.86
CA THR B 275 -34.79 -54.36 -10.19
C THR B 275 -33.28 -54.30 -10.35
N GLN B 276 -32.79 -54.83 -11.47
CA GLN B 276 -31.36 -54.87 -11.77
C GLN B 276 -31.04 -53.77 -12.76
N ILE B 277 -30.09 -52.90 -12.40
CA ILE B 277 -29.69 -51.78 -13.26
C ILE B 277 -28.25 -52.05 -13.71
N THR B 278 -28.03 -52.00 -15.05
CA THR B 278 -26.73 -52.25 -15.68
C THR B 278 -26.21 -51.02 -16.40
N GLY B 279 -24.89 -50.99 -16.56
CA GLY B 279 -24.17 -49.94 -17.27
C GLY B 279 -22.79 -50.37 -17.68
N ASP B 280 -22.08 -49.50 -18.41
CA ASP B 280 -20.71 -49.74 -18.86
C ASP B 280 -19.73 -49.46 -17.72
N ALA B 281 -20.13 -48.53 -16.82
CA ALA B 281 -19.41 -48.12 -15.62
C ALA B 281 -20.38 -47.95 -14.45
N TYR B 282 -19.89 -48.18 -13.22
CA TYR B 282 -20.67 -48.07 -11.98
C TYR B 282 -19.95 -47.14 -10.99
N VAL B 283 -20.70 -46.23 -10.36
CA VAL B 283 -20.19 -45.24 -9.40
C VAL B 283 -20.98 -45.33 -8.09
N PHE B 284 -20.26 -45.31 -6.96
CA PHE B 284 -20.87 -45.27 -5.64
C PHE B 284 -20.57 -43.90 -5.01
N ALA B 285 -21.57 -43.00 -5.07
CA ALA B 285 -21.50 -41.62 -4.55
C ALA B 285 -22.29 -41.52 -3.23
N THR B 286 -22.33 -42.63 -2.52
CA THR B 286 -23.00 -42.84 -1.25
C THR B 286 -22.01 -42.44 -0.09
N PRO B 287 -22.46 -42.23 1.17
CA PRO B 287 -21.49 -41.98 2.26
C PRO B 287 -20.64 -43.23 2.52
N VAL B 288 -19.41 -43.09 3.06
CA VAL B 288 -18.48 -44.20 3.28
C VAL B 288 -19.11 -45.33 4.15
N ASP B 289 -19.96 -44.98 5.13
CA ASP B 289 -20.61 -45.93 6.04
C ASP B 289 -21.52 -46.89 5.27
N ILE B 290 -22.30 -46.37 4.31
CA ILE B 290 -23.23 -47.15 3.49
C ILE B 290 -22.42 -48.04 2.52
N LEU B 291 -21.37 -47.50 1.89
CA LEU B 291 -20.52 -48.25 0.97
C LEU B 291 -19.88 -49.44 1.66
N LYS B 292 -19.29 -49.22 2.86
CA LYS B 292 -18.63 -50.25 3.68
C LYS B 292 -19.53 -51.46 3.93
N LEU B 293 -20.86 -51.22 4.10
CA LEU B 293 -21.83 -52.28 4.36
C LEU B 293 -22.23 -53.01 3.07
N LEU B 294 -22.13 -52.32 1.92
CA LEU B 294 -22.51 -52.88 0.62
C LEU B 294 -21.31 -53.47 -0.17
N VAL B 295 -20.07 -53.37 0.36
CA VAL B 295 -18.88 -53.93 -0.32
C VAL B 295 -19.03 -55.47 -0.39
N PRO B 296 -18.98 -56.07 -1.63
CA PRO B 296 -19.05 -57.54 -1.74
C PRO B 296 -17.91 -58.24 -1.00
N GLN B 297 -18.18 -59.43 -0.44
CA GLN B 297 -17.23 -60.23 0.35
C GLN B 297 -15.87 -60.45 -0.34
N GLU B 298 -15.89 -60.61 -1.67
CA GLU B 298 -14.69 -60.87 -2.47
C GLU B 298 -13.79 -59.63 -2.65
N TRP B 299 -14.31 -58.43 -2.34
CA TRP B 299 -13.55 -57.17 -2.40
C TRP B 299 -12.99 -56.77 -1.04
N LYS B 300 -13.66 -57.20 0.05
CA LYS B 300 -13.41 -56.87 1.46
C LYS B 300 -11.95 -56.95 1.92
N GLU B 301 -11.11 -57.79 1.29
CA GLU B 301 -9.71 -57.90 1.72
C GLU B 301 -8.73 -57.11 0.83
N ILE B 302 -9.25 -56.40 -0.20
CA ILE B 302 -8.43 -55.55 -1.06
C ILE B 302 -8.12 -54.25 -0.26
N SER B 303 -6.83 -53.90 -0.16
CA SER B 303 -6.28 -52.73 0.57
C SER B 303 -7.19 -51.48 0.46
N TYR B 304 -7.57 -51.10 -0.77
CA TYR B 304 -8.43 -49.98 -1.12
C TYR B 304 -9.73 -49.95 -0.31
N PHE B 305 -10.42 -51.11 -0.19
CA PHE B 305 -11.68 -51.22 0.54
C PHE B 305 -11.47 -51.54 2.03
N LYS B 306 -10.37 -52.24 2.38
CA LYS B 306 -10.08 -52.59 3.77
C LYS B 306 -9.66 -51.35 4.57
N LYS B 307 -8.94 -50.39 3.93
CA LYS B 307 -8.50 -49.14 4.55
C LYS B 307 -9.67 -48.27 5.04
N LEU B 308 -10.85 -48.37 4.38
CA LEU B 308 -12.07 -47.62 4.67
C LEU B 308 -12.62 -47.83 6.09
N GLU B 309 -12.10 -48.81 6.84
CA GLU B 309 -12.54 -49.11 8.21
C GLU B 309 -12.24 -47.95 9.18
N LYS B 310 -11.20 -47.15 8.86
CA LYS B 310 -10.76 -45.99 9.65
C LYS B 310 -11.77 -44.82 9.52
N LEU B 311 -12.37 -44.66 8.32
CA LEU B 311 -13.32 -43.60 8.02
C LEU B 311 -14.73 -43.96 8.52
N VAL B 312 -15.16 -43.33 9.63
CA VAL B 312 -16.47 -43.56 10.28
C VAL B 312 -17.20 -42.21 10.41
N GLY B 313 -18.49 -42.19 10.05
CA GLY B 313 -19.35 -41.00 10.12
C GLY B 313 -19.46 -40.43 11.51
N VAL B 314 -19.44 -39.09 11.63
CA VAL B 314 -19.51 -38.40 12.92
C VAL B 314 -20.97 -37.97 13.22
N PRO B 315 -21.50 -38.14 14.47
CA PRO B 315 -22.87 -37.67 14.74
C PRO B 315 -22.98 -36.14 14.74
N VAL B 316 -24.12 -35.63 14.26
CA VAL B 316 -24.45 -34.19 14.22
C VAL B 316 -25.97 -34.03 14.30
N ILE B 317 -26.44 -32.90 14.86
CA ILE B 317 -27.86 -32.56 15.00
C ILE B 317 -28.05 -31.13 14.50
N ASN B 318 -29.08 -30.88 13.68
CA ASN B 318 -29.40 -29.56 13.18
C ASN B 318 -30.75 -29.18 13.75
N VAL B 319 -30.76 -28.15 14.62
CA VAL B 319 -31.96 -27.67 15.32
C VAL B 319 -32.53 -26.42 14.62
N HIS B 320 -33.85 -26.38 14.43
CA HIS B 320 -34.59 -25.23 13.87
C HIS B 320 -35.63 -24.79 14.87
N ILE B 321 -35.66 -23.50 15.24
CA ILE B 321 -36.67 -23.01 16.18
C ILE B 321 -37.32 -21.74 15.62
N TRP B 322 -38.64 -21.78 15.42
CA TRP B 322 -39.44 -20.64 14.97
C TRP B 322 -40.03 -19.97 16.21
N PHE B 323 -39.75 -18.67 16.41
CA PHE B 323 -40.23 -17.91 17.56
C PHE B 323 -41.40 -17.01 17.18
N ASP B 324 -42.23 -16.62 18.17
CA ASP B 324 -43.41 -15.77 17.96
C ASP B 324 -43.04 -14.33 17.54
N ARG B 325 -41.95 -13.78 18.12
CA ARG B 325 -41.43 -12.43 17.84
C ARG B 325 -40.28 -12.43 16.84
N LYS B 326 -39.92 -11.23 16.34
CA LYS B 326 -38.73 -11.02 15.53
C LYS B 326 -37.68 -10.52 16.50
N LEU B 327 -36.53 -11.20 16.61
CA LEU B 327 -35.48 -10.82 17.55
C LEU B 327 -34.87 -9.48 17.18
N LYS B 328 -34.83 -8.55 18.16
CA LYS B 328 -34.30 -7.19 18.00
C LYS B 328 -32.77 -7.21 17.85
N ASN B 329 -32.07 -8.13 18.57
CA ASN B 329 -30.61 -8.24 18.50
C ASN B 329 -30.17 -9.48 17.72
N THR B 330 -30.08 -9.37 16.37
CA THR B 330 -29.63 -10.44 15.47
C THR B 330 -28.74 -9.89 14.36
N TYR B 331 -28.11 -10.80 13.60
CA TYR B 331 -27.18 -10.46 12.53
C TYR B 331 -27.57 -11.08 11.20
N ASP B 332 -27.18 -10.43 10.09
CA ASP B 332 -27.30 -10.97 8.73
C ASP B 332 -25.97 -11.70 8.47
N HIS B 333 -25.69 -12.70 9.33
CA HIS B 333 -24.45 -13.45 9.32
C HIS B 333 -24.56 -14.78 10.08
N LEU B 334 -23.48 -15.58 9.99
CA LEU B 334 -23.29 -16.81 10.75
C LEU B 334 -22.64 -16.41 12.07
N LEU B 335 -22.98 -17.10 13.16
CA LEU B 335 -22.42 -16.79 14.46
C LEU B 335 -21.83 -18.03 15.12
N PHE B 336 -20.66 -17.87 15.76
CA PHE B 336 -19.98 -18.91 16.52
C PHE B 336 -20.43 -18.78 17.97
N SER B 337 -21.33 -19.66 18.41
CA SER B 337 -21.91 -19.62 19.77
C SER B 337 -20.88 -19.73 20.89
N ARG B 338 -19.75 -20.42 20.63
CA ARG B 338 -18.65 -20.70 21.59
C ARG B 338 -19.24 -21.40 22.83
N SER B 339 -20.28 -22.20 22.59
CA SER B 339 -21.02 -23.00 23.55
C SER B 339 -20.40 -24.39 23.65
N SER B 340 -20.67 -25.10 24.75
CA SER B 340 -20.17 -26.46 24.95
C SER B 340 -21.08 -27.48 24.23
N LEU B 341 -22.36 -27.12 23.99
CA LEU B 341 -23.36 -27.95 23.32
C LEU B 341 -23.59 -27.55 21.86
N LEU B 342 -23.60 -26.24 21.56
CA LEU B 342 -23.83 -25.74 20.19
C LEU B 342 -22.52 -25.34 19.49
N SER B 343 -22.58 -25.26 18.16
CA SER B 343 -21.49 -24.90 17.26
C SER B 343 -21.90 -23.55 16.59
N VAL B 344 -22.05 -23.53 15.26
CA VAL B 344 -22.46 -22.33 14.52
C VAL B 344 -24.01 -22.22 14.52
N TYR B 345 -24.54 -21.00 14.37
CA TYR B 345 -25.98 -20.74 14.29
C TYR B 345 -26.24 -19.49 13.44
N ALA B 346 -27.48 -19.32 12.96
CA ALA B 346 -27.89 -18.17 12.14
C ALA B 346 -29.40 -17.92 12.22
N ASP B 347 -29.80 -16.64 12.15
CA ASP B 347 -31.21 -16.24 12.09
C ASP B 347 -31.57 -16.30 10.61
N MET B 348 -32.17 -17.44 10.19
CA MET B 348 -32.51 -17.72 8.79
C MET B 348 -33.56 -16.76 8.23
N SER B 349 -34.36 -16.11 9.11
CA SER B 349 -35.35 -15.11 8.71
C SER B 349 -34.65 -13.81 8.25
N VAL B 350 -33.34 -13.68 8.53
CA VAL B 350 -32.52 -12.51 8.17
C VAL B 350 -31.54 -12.85 7.02
N THR B 351 -30.83 -13.99 7.14
CA THR B 351 -29.78 -14.45 6.22
C THR B 351 -30.28 -15.11 4.94
N CYS B 352 -31.37 -15.90 5.00
CA CYS B 352 -31.89 -16.61 3.84
C CYS B 352 -33.06 -15.84 3.23
N LYS B 353 -33.00 -15.60 1.91
CA LYS B 353 -33.99 -14.85 1.12
C LYS B 353 -35.37 -15.53 1.15
N GLU B 354 -35.46 -16.82 0.76
CA GLU B 354 -36.69 -17.61 0.72
C GLU B 354 -37.26 -17.85 2.12
N TYR B 355 -36.43 -17.78 3.17
CA TYR B 355 -36.87 -18.00 4.55
C TYR B 355 -37.14 -16.67 5.30
N TYR B 356 -37.07 -15.53 4.56
CA TYR B 356 -37.29 -14.20 5.13
C TYR B 356 -38.71 -14.04 5.69
N ASP B 357 -38.79 -13.49 6.91
CA ASP B 357 -40.02 -13.18 7.64
C ASP B 357 -39.75 -11.92 8.49
N PRO B 358 -40.55 -10.84 8.33
CA PRO B 358 -40.23 -9.60 9.06
C PRO B 358 -40.71 -9.55 10.52
N ASN B 359 -41.70 -10.38 10.90
CA ASN B 359 -42.26 -10.34 12.26
C ASN B 359 -41.96 -11.61 13.07
N ARG B 360 -41.49 -12.68 12.40
CA ARG B 360 -41.18 -13.97 13.01
C ARG B 360 -39.73 -14.36 12.67
N SER B 361 -38.88 -14.59 13.70
CA SER B 361 -37.49 -14.96 13.45
C SER B 361 -37.26 -16.45 13.74
N MET B 362 -36.50 -17.12 12.84
CA MET B 362 -36.17 -18.54 12.95
C MET B 362 -34.66 -18.73 13.13
N LEU B 363 -34.27 -19.52 14.13
CA LEU B 363 -32.87 -19.80 14.41
C LEU B 363 -32.50 -21.25 14.05
N GLU B 364 -31.58 -21.43 13.08
CA GLU B 364 -31.06 -22.72 12.66
C GLU B 364 -29.68 -22.90 13.28
N LEU B 365 -29.54 -23.88 14.19
CA LEU B 365 -28.32 -24.11 14.98
C LEU B 365 -27.76 -25.52 14.85
N VAL B 366 -26.43 -25.64 14.76
CA VAL B 366 -25.71 -26.92 14.69
C VAL B 366 -25.38 -27.34 16.13
N PHE B 367 -25.89 -28.51 16.55
CA PHE B 367 -25.68 -29.09 17.88
C PHE B 367 -24.53 -30.11 17.80
N ALA B 368 -23.32 -29.68 18.22
CA ALA B 368 -22.11 -30.52 18.18
C ALA B 368 -21.21 -30.27 19.41
N PRO B 369 -20.54 -31.29 20.00
CA PRO B 369 -20.53 -32.72 19.64
C PRO B 369 -21.88 -33.38 19.99
N ALA B 370 -22.35 -34.28 19.11
CA ALA B 370 -23.68 -34.89 19.24
C ALA B 370 -23.67 -36.40 19.64
N GLU B 371 -22.50 -36.98 19.97
CA GLU B 371 -22.35 -38.39 20.35
C GLU B 371 -23.31 -38.80 21.48
N GLU B 372 -23.40 -37.98 22.55
CA GLU B 372 -24.27 -38.27 23.69
C GLU B 372 -25.67 -37.68 23.52
N TRP B 373 -26.00 -37.14 22.33
CA TRP B 373 -27.28 -36.46 22.10
C TRP B 373 -28.16 -37.04 20.97
N VAL B 374 -27.58 -37.76 19.99
CA VAL B 374 -28.35 -38.36 18.88
C VAL B 374 -29.40 -39.36 19.41
N GLY B 375 -29.12 -40.00 20.55
CA GLY B 375 -30.03 -40.95 21.18
C GLY B 375 -31.14 -40.33 22.01
N ARG B 376 -30.94 -39.07 22.44
CA ARG B 376 -31.89 -38.36 23.30
C ARG B 376 -33.10 -37.85 22.50
N SER B 377 -34.21 -37.56 23.20
CA SER B 377 -35.47 -37.11 22.58
C SER B 377 -35.35 -35.67 22.07
N ASP B 378 -36.26 -35.30 21.14
CA ASP B 378 -36.32 -33.97 20.54
C ASP B 378 -36.57 -32.88 21.61
N THR B 379 -37.42 -33.18 22.62
CA THR B 379 -37.75 -32.24 23.71
C THR B 379 -36.51 -32.02 24.59
N GLU B 380 -35.71 -33.08 24.83
CA GLU B 380 -34.46 -33.02 25.59
C GLU B 380 -33.43 -32.12 24.88
N ILE B 381 -33.35 -32.22 23.55
CA ILE B 381 -32.43 -31.45 22.70
C ILE B 381 -32.88 -29.98 22.69
N ILE B 382 -34.20 -29.71 22.49
CA ILE B 382 -34.77 -28.35 22.46
C ILE B 382 -34.54 -27.65 23.82
N GLU B 383 -34.69 -28.38 24.94
CA GLU B 383 -34.46 -27.84 26.28
C GLU B 383 -33.01 -27.36 26.42
N ALA B 384 -32.03 -28.22 26.02
CA ALA B 384 -30.60 -27.91 26.06
C ALA B 384 -30.25 -26.71 25.16
N THR B 385 -30.91 -26.60 23.99
CA THR B 385 -30.74 -25.53 23.02
C THR B 385 -31.28 -24.21 23.60
N MET B 386 -32.47 -24.25 24.25
CA MET B 386 -33.10 -23.08 24.87
C MET B 386 -32.27 -22.55 26.04
N GLN B 387 -31.63 -23.47 26.80
CA GLN B 387 -30.74 -23.12 27.91
C GLN B 387 -29.49 -22.40 27.40
N GLU B 388 -29.00 -22.79 26.21
CA GLU B 388 -27.83 -22.17 25.59
C GLU B 388 -28.22 -20.86 24.92
N LEU B 389 -29.46 -20.75 24.41
CA LEU B 389 -29.96 -19.54 23.75
C LEU B 389 -30.24 -18.42 24.78
N ALA B 390 -30.51 -18.81 26.05
CA ALA B 390 -30.75 -17.90 27.17
C ALA B 390 -29.44 -17.19 27.56
N LYS B 391 -28.30 -17.73 27.12
CA LYS B 391 -26.97 -17.18 27.36
C LYS B 391 -26.57 -16.23 26.21
N LEU B 392 -27.07 -16.51 24.99
CA LEU B 392 -26.78 -15.71 23.78
C LEU B 392 -27.76 -14.53 23.61
N PHE B 393 -29.02 -14.73 24.03
CA PHE B 393 -30.11 -13.73 23.98
C PHE B 393 -30.70 -13.67 25.41
N PRO B 394 -29.99 -13.09 26.41
CA PRO B 394 -30.52 -13.16 27.79
C PRO B 394 -31.72 -12.25 28.05
N ASP B 395 -31.90 -11.20 27.23
CA ASP B 395 -33.01 -10.25 27.38
C ASP B 395 -34.14 -10.52 26.37
N GLU B 396 -33.99 -11.59 25.57
CA GLU B 396 -34.97 -11.94 24.53
C GLU B 396 -35.46 -13.39 24.61
N ILE B 397 -34.61 -14.34 25.02
CA ILE B 397 -34.98 -15.75 25.09
C ILE B 397 -34.72 -16.30 26.49
N ALA B 398 -35.74 -16.98 27.05
CA ALA B 398 -35.71 -17.65 28.36
C ALA B 398 -36.13 -19.10 28.15
N ALA B 399 -35.43 -20.05 28.83
CA ALA B 399 -35.68 -21.50 28.71
C ALA B 399 -37.13 -21.90 29.02
N ASP B 400 -37.78 -21.21 29.99
CA ASP B 400 -39.17 -21.47 30.42
C ASP B 400 -40.20 -20.69 29.57
N GLN B 401 -39.73 -20.13 28.42
CA GLN B 401 -40.50 -19.35 27.44
C GLN B 401 -41.22 -18.14 28.08
N SER B 402 -40.53 -17.51 29.06
CA SER B 402 -40.97 -16.31 29.78
C SER B 402 -40.98 -15.12 28.84
N LYS B 403 -39.97 -15.03 27.96
CA LYS B 403 -39.80 -13.97 26.98
C LYS B 403 -40.34 -14.48 25.64
N ALA B 404 -39.47 -14.71 24.62
CA ALA B 404 -39.89 -15.24 23.31
C ALA B 404 -40.38 -16.67 23.44
N LYS B 405 -41.43 -17.01 22.66
CA LYS B 405 -42.06 -18.33 22.73
C LYS B 405 -41.89 -19.10 21.41
N ILE B 406 -41.69 -20.43 21.55
CA ILE B 406 -41.52 -21.35 20.43
C ILE B 406 -42.88 -21.63 19.77
N LEU B 407 -43.00 -21.31 18.48
CA LEU B 407 -44.21 -21.62 17.72
C LEU B 407 -44.16 -23.09 17.32
N LYS B 408 -42.99 -23.54 16.83
CA LYS B 408 -42.67 -24.93 16.41
C LYS B 408 -41.16 -25.13 16.30
N TYR B 409 -40.74 -26.40 16.22
CA TYR B 409 -39.34 -26.76 16.04
C TYR B 409 -39.19 -27.96 15.11
N HIS B 410 -37.96 -28.17 14.62
CA HIS B 410 -37.58 -29.29 13.78
C HIS B 410 -36.16 -29.70 14.13
N VAL B 411 -35.98 -30.95 14.59
CA VAL B 411 -34.69 -31.51 15.00
C VAL B 411 -34.30 -32.60 14.01
N VAL B 412 -33.28 -32.33 13.17
CA VAL B 412 -32.78 -33.28 12.17
C VAL B 412 -31.48 -33.88 12.69
N LYS B 413 -31.51 -35.19 12.98
CA LYS B 413 -30.35 -35.93 13.49
C LYS B 413 -29.70 -36.74 12.38
N THR B 414 -28.37 -36.64 12.25
CA THR B 414 -27.55 -37.40 11.30
C THR B 414 -26.46 -38.09 12.14
N PRO B 415 -26.73 -39.32 12.65
CA PRO B 415 -25.75 -39.98 13.53
C PRO B 415 -24.45 -40.40 12.84
N ARG B 416 -24.42 -40.44 11.50
CA ARG B 416 -23.26 -40.81 10.69
C ARG B 416 -23.19 -39.87 9.49
N SER B 417 -22.74 -38.63 9.72
CA SER B 417 -22.67 -37.61 8.68
C SER B 417 -21.33 -37.71 7.92
N VAL B 418 -20.52 -36.65 7.94
CA VAL B 418 -19.19 -36.60 7.31
C VAL B 418 -18.25 -37.52 8.12
N TYR B 419 -17.19 -38.02 7.50
CA TYR B 419 -16.26 -38.91 8.21
C TYR B 419 -15.56 -38.12 9.32
N LYS B 420 -15.37 -38.74 10.50
CA LYS B 420 -14.70 -38.13 11.64
C LYS B 420 -13.22 -37.98 11.27
N THR B 421 -12.80 -36.74 10.98
CA THR B 421 -11.45 -36.41 10.51
C THR B 421 -10.48 -36.44 11.70
N ILE B 422 -10.29 -37.64 12.28
CA ILE B 422 -9.33 -37.89 13.36
C ILE B 422 -7.93 -38.02 12.72
N PRO B 423 -6.82 -37.93 13.47
CA PRO B 423 -5.50 -38.07 12.81
C PRO B 423 -5.30 -39.43 12.13
N ASP B 424 -4.53 -39.42 11.02
CA ASP B 424 -4.10 -40.55 10.19
C ASP B 424 -5.23 -41.20 9.35
N CYS B 425 -6.18 -40.39 8.86
CA CYS B 425 -7.27 -40.84 7.99
C CYS B 425 -6.89 -40.66 6.52
N GLU B 426 -5.99 -39.70 6.22
CA GLU B 426 -5.56 -39.33 4.87
C GLU B 426 -5.03 -40.54 4.05
N PRO B 427 -4.22 -41.50 4.57
CA PRO B 427 -3.79 -42.62 3.70
C PRO B 427 -4.91 -43.60 3.34
N CYS B 428 -6.00 -43.63 4.12
CA CYS B 428 -7.17 -44.50 3.96
C CYS B 428 -8.17 -43.96 2.92
N ARG B 429 -8.10 -42.66 2.61
CA ARG B 429 -9.01 -41.99 1.69
C ARG B 429 -8.77 -42.50 0.26
N PRO B 430 -9.83 -43.06 -0.37
CA PRO B 430 -9.63 -43.70 -1.68
C PRO B 430 -9.69 -42.74 -2.87
N LEU B 431 -8.93 -43.07 -3.93
CA LEU B 431 -9.00 -42.33 -5.18
C LEU B 431 -10.32 -42.66 -5.84
N GLN B 432 -10.79 -41.82 -6.77
CA GLN B 432 -12.08 -42.02 -7.44
C GLN B 432 -12.08 -43.28 -8.33
N ARG B 433 -10.92 -43.69 -8.85
CA ARG B 433 -10.75 -44.90 -9.66
C ARG B 433 -10.39 -46.06 -8.73
N SER B 434 -11.27 -47.09 -8.66
CA SER B 434 -11.09 -48.26 -7.80
C SER B 434 -10.27 -49.36 -8.50
N PRO B 435 -9.61 -50.30 -7.77
CA PRO B 435 -8.86 -51.38 -8.44
C PRO B 435 -9.76 -52.37 -9.20
N ILE B 436 -11.09 -52.23 -9.04
CA ILE B 436 -12.08 -53.04 -9.74
C ILE B 436 -12.44 -52.31 -11.02
N GLU B 437 -12.14 -52.97 -12.15
CA GLU B 437 -12.40 -52.48 -13.50
C GLU B 437 -13.91 -52.18 -13.68
N GLY B 438 -14.21 -50.93 -14.00
CA GLY B 438 -15.57 -50.46 -14.21
C GLY B 438 -16.26 -49.87 -13.00
N PHE B 439 -15.68 -50.06 -11.79
CA PHE B 439 -16.23 -49.51 -10.55
C PHE B 439 -15.43 -48.28 -10.10
N TYR B 440 -16.16 -47.20 -9.75
CA TYR B 440 -15.60 -45.90 -9.32
C TYR B 440 -16.29 -45.40 -8.05
N LEU B 441 -15.61 -44.52 -7.31
CA LEU B 441 -16.14 -43.91 -6.08
C LEU B 441 -16.19 -42.38 -6.19
N ALA B 442 -17.19 -41.80 -5.55
CA ALA B 442 -17.38 -40.35 -5.45
C ALA B 442 -17.88 -40.05 -4.01
N GLY B 443 -17.66 -38.82 -3.56
CA GLY B 443 -18.04 -38.42 -2.21
C GLY B 443 -16.97 -37.59 -1.53
N ASP B 444 -17.38 -36.75 -0.58
CA ASP B 444 -16.49 -35.86 0.16
C ASP B 444 -15.34 -36.64 0.87
N TYR B 445 -15.57 -37.92 1.28
CA TYR B 445 -14.59 -38.77 1.96
C TYR B 445 -13.45 -39.24 1.03
N THR B 446 -13.67 -39.27 -0.31
CA THR B 446 -12.66 -39.73 -1.28
C THR B 446 -11.47 -38.75 -1.32
N LYS B 447 -10.33 -39.18 -1.91
CA LYS B 447 -9.10 -38.39 -1.97
C LYS B 447 -9.27 -37.14 -2.83
N GLN B 448 -9.38 -36.00 -2.13
CA GLN B 448 -9.48 -34.63 -2.65
C GLN B 448 -9.06 -33.67 -1.53
N LYS B 449 -8.47 -32.51 -1.89
CA LYS B 449 -7.86 -31.55 -0.95
C LYS B 449 -8.80 -30.53 -0.24
N TYR B 450 -10.13 -30.59 -0.43
CA TYR B 450 -10.98 -29.57 0.19
C TYR B 450 -11.88 -30.07 1.36
N LEU B 451 -11.39 -31.04 2.15
CA LEU B 451 -12.05 -31.60 3.35
C LEU B 451 -13.40 -32.29 3.05
N ALA B 452 -14.08 -32.77 4.11
CA ALA B 452 -15.41 -33.34 4.03
C ALA B 452 -16.37 -32.14 4.04
N SER B 453 -16.57 -31.56 2.86
CA SER B 453 -17.36 -30.35 2.63
C SER B 453 -18.16 -30.44 1.34
N MET B 454 -19.00 -29.42 1.06
CA MET B 454 -19.78 -29.32 -0.19
C MET B 454 -18.81 -29.22 -1.37
N GLU B 455 -17.70 -28.48 -1.19
CA GLU B 455 -16.64 -28.30 -2.17
C GLU B 455 -15.94 -29.63 -2.45
N GLY B 456 -15.69 -30.39 -1.38
CA GLY B 456 -15.09 -31.72 -1.44
C GLY B 456 -15.94 -32.69 -2.22
N ALA B 457 -17.26 -32.66 -1.95
CA ALA B 457 -18.28 -33.47 -2.62
C ALA B 457 -18.31 -33.18 -4.12
N VAL B 458 -18.42 -31.89 -4.50
CA VAL B 458 -18.46 -31.44 -5.91
C VAL B 458 -17.13 -31.81 -6.62
N LEU B 459 -15.97 -31.54 -5.98
CA LEU B 459 -14.66 -31.84 -6.57
C LEU B 459 -14.50 -33.34 -6.80
N SER B 460 -14.91 -34.18 -5.81
CA SER B 460 -14.83 -35.65 -5.93
C SER B 460 -15.66 -36.15 -7.13
N GLY B 461 -16.79 -35.49 -7.39
CA GLY B 461 -17.65 -35.77 -8.52
C GLY B 461 -16.96 -35.45 -9.84
N LYS B 462 -16.31 -34.28 -9.92
CA LYS B 462 -15.54 -33.81 -11.07
C LYS B 462 -14.36 -34.77 -11.32
N LEU B 463 -13.67 -35.20 -10.25
CA LEU B 463 -12.54 -36.14 -10.30
C LEU B 463 -12.99 -37.53 -10.73
N CYS B 464 -14.20 -37.94 -10.32
CA CYS B 464 -14.78 -39.24 -10.68
C CYS B 464 -15.12 -39.27 -12.16
N ALA B 465 -15.88 -38.26 -12.64
CA ALA B 465 -16.28 -38.12 -14.03
C ALA B 465 -15.05 -38.07 -14.94
N GLN B 466 -13.97 -37.42 -14.48
CA GLN B 466 -12.68 -37.28 -15.17
C GLN B 466 -12.01 -38.66 -15.35
N SER B 467 -12.03 -39.50 -14.29
CA SER B 467 -11.44 -40.85 -14.31
C SER B 467 -12.22 -41.78 -15.26
N VAL B 468 -13.56 -41.62 -15.33
CA VAL B 468 -14.43 -42.43 -16.18
C VAL B 468 -14.15 -42.10 -17.64
N VAL B 469 -14.10 -40.79 -18.01
CA VAL B 469 -13.83 -40.35 -19.40
C VAL B 469 -12.40 -40.70 -19.84
N GLU B 470 -11.43 -40.74 -18.89
CA GLU B 470 -10.05 -41.12 -19.15
C GLU B 470 -9.96 -42.60 -19.56
N ASP B 471 -10.86 -43.44 -19.00
CA ASP B 471 -10.92 -44.87 -19.25
C ASP B 471 -11.97 -45.24 -20.32
N TYR B 472 -12.45 -44.26 -21.11
CA TYR B 472 -13.46 -44.46 -22.16
C TYR B 472 -13.14 -45.62 -23.09
N LYS B 473 -11.89 -45.68 -23.61
CA LYS B 473 -11.42 -46.72 -24.55
C LYS B 473 -11.57 -48.12 -23.96
N MET B 474 -11.13 -48.31 -22.71
CA MET B 474 -11.18 -49.57 -21.98
C MET B 474 -12.63 -49.92 -21.57
N LEU B 475 -13.45 -48.91 -21.25
CA LEU B 475 -14.84 -49.12 -20.82
C LEU B 475 -15.77 -49.43 -22.00
N SER B 476 -15.47 -48.90 -23.21
CA SER B 476 -16.26 -49.14 -24.42
C SER B 476 -16.00 -50.52 -25.01
N ARG B 477 -14.73 -50.98 -24.94
CA ARG B 477 -14.31 -52.28 -25.44
C ARG B 477 -14.89 -53.41 -24.56
N ARG B 478 -14.98 -53.18 -23.22
CA ARG B 478 -15.51 -54.13 -22.23
C ARG B 478 -17.01 -54.40 -22.46
N SER B 479 -17.73 -53.40 -23.01
CA SER B 479 -19.17 -53.44 -23.30
C SER B 479 -19.49 -54.45 -24.41
N THR C 15 -33.16 -16.36 -29.61
CA THR C 15 -32.60 -17.17 -28.52
C THR C 15 -32.33 -16.26 -27.32
N LYS C 16 -31.61 -15.14 -27.55
CA LYS C 16 -31.29 -14.12 -26.55
C LYS C 16 -31.56 -12.73 -27.12
N PRO C 17 -32.48 -11.94 -26.52
CA PRO C 17 -32.80 -10.61 -27.06
C PRO C 17 -31.63 -9.63 -27.06
N LEU C 18 -31.49 -8.86 -28.16
CA LEU C 18 -30.45 -7.85 -28.30
C LEU C 18 -30.78 -6.59 -27.49
N GLN C 19 -29.76 -5.99 -26.89
CA GLN C 19 -29.91 -4.73 -26.15
C GLN C 19 -29.44 -3.63 -27.10
N VAL C 20 -30.39 -2.84 -27.65
CA VAL C 20 -30.07 -1.81 -28.64
C VAL C 20 -30.21 -0.43 -28.01
N VAL C 21 -29.10 0.33 -27.99
CA VAL C 21 -29.06 1.68 -27.42
C VAL C 21 -29.39 2.68 -28.54
N ILE C 22 -30.51 3.42 -28.40
CA ILE C 22 -30.95 4.40 -29.40
C ILE C 22 -30.80 5.83 -28.84
N ALA C 23 -30.12 6.71 -29.60
CA ALA C 23 -29.89 8.11 -29.24
C ALA C 23 -30.91 9.03 -29.94
N GLY C 24 -31.91 9.50 -29.19
CA GLY C 24 -32.92 10.41 -29.69
C GLY C 24 -34.31 9.80 -29.79
N ALA C 25 -35.27 10.38 -29.05
CA ALA C 25 -36.66 9.92 -29.03
C ALA C 25 -37.59 10.80 -29.88
N GLY C 26 -37.20 10.99 -31.14
CA GLY C 26 -38.01 11.66 -32.14
C GLY C 26 -38.85 10.57 -32.77
N LEU C 27 -39.58 10.84 -33.86
CA LEU C 27 -40.39 9.79 -34.49
C LEU C 27 -39.52 8.64 -35.01
N ALA C 28 -38.26 8.90 -35.44
CA ALA C 28 -37.35 7.88 -35.95
C ALA C 28 -36.89 6.95 -34.83
N GLY C 29 -36.48 7.52 -33.69
CA GLY C 29 -36.05 6.77 -32.52
C GLY C 29 -37.18 5.99 -31.89
N LEU C 30 -38.36 6.63 -31.76
CA LEU C 30 -39.56 6.00 -31.20
C LEU C 30 -40.00 4.83 -32.08
N SER C 31 -39.92 5.00 -33.42
CA SER C 31 -40.27 3.96 -34.39
C SER C 31 -39.26 2.80 -34.33
N THR C 32 -37.93 3.10 -34.24
CA THR C 32 -36.88 2.08 -34.13
C THR C 32 -37.15 1.21 -32.89
N ALA C 33 -37.42 1.85 -31.73
CA ALA C 33 -37.71 1.21 -30.46
C ALA C 33 -38.98 0.34 -30.54
N LYS C 34 -40.06 0.85 -31.18
CA LYS C 34 -41.35 0.16 -31.35
C LYS C 34 -41.17 -1.16 -32.11
N TYR C 35 -40.51 -1.11 -33.30
CA TYR C 35 -40.36 -2.30 -34.14
C TYR C 35 -39.26 -3.26 -33.63
N LEU C 36 -38.30 -2.78 -32.81
CA LEU C 36 -37.31 -3.69 -32.22
C LEU C 36 -37.96 -4.48 -31.09
N ALA C 37 -38.87 -3.82 -30.33
CA ALA C 37 -39.64 -4.42 -29.23
C ALA C 37 -40.59 -5.49 -29.77
N ASP C 38 -41.19 -5.23 -30.96
CA ASP C 38 -42.09 -6.15 -31.67
C ASP C 38 -41.34 -7.40 -32.13
N ALA C 39 -40.05 -7.25 -32.46
CA ALA C 39 -39.17 -8.33 -32.90
C ALA C 39 -38.65 -9.18 -31.71
N GLY C 40 -38.97 -8.75 -30.48
CA GLY C 40 -38.59 -9.43 -29.25
C GLY C 40 -37.28 -8.98 -28.64
N HIS C 41 -36.72 -7.84 -29.10
CA HIS C 41 -35.47 -7.29 -28.59
C HIS C 41 -35.72 -6.25 -27.49
N LYS C 42 -34.64 -5.81 -26.80
CA LYS C 42 -34.74 -4.84 -25.71
C LYS C 42 -34.15 -3.46 -26.12
N PRO C 43 -34.99 -2.51 -26.59
CA PRO C 43 -34.44 -1.19 -26.94
C PRO C 43 -34.28 -0.31 -25.71
N ILE C 44 -33.21 0.50 -25.70
CA ILE C 44 -32.92 1.49 -24.65
C ILE C 44 -32.88 2.85 -25.36
N LEU C 45 -34.03 3.54 -25.34
CA LEU C 45 -34.24 4.83 -25.99
C LEU C 45 -33.86 5.97 -25.04
N LEU C 46 -32.80 6.71 -25.40
CA LEU C 46 -32.27 7.82 -24.62
C LEU C 46 -32.54 9.16 -25.30
N GLU C 47 -33.38 10.00 -24.66
CA GLU C 47 -33.75 11.32 -25.15
C GLU C 47 -33.02 12.41 -24.36
N ALA C 48 -32.35 13.32 -25.09
CA ALA C 48 -31.60 14.44 -24.52
C ALA C 48 -32.44 15.41 -23.68
N ARG C 49 -33.67 15.70 -24.12
CA ARG C 49 -34.53 16.70 -23.49
C ARG C 49 -35.55 16.09 -22.52
N ASP C 50 -36.37 16.95 -21.89
CA ASP C 50 -37.43 16.57 -20.94
C ASP C 50 -38.79 16.47 -21.68
N VAL C 51 -38.73 16.28 -23.03
CA VAL C 51 -39.90 16.18 -23.90
C VAL C 51 -39.62 15.14 -25.00
N LEU C 52 -40.68 14.40 -25.40
CA LEU C 52 -40.62 13.41 -26.48
C LEU C 52 -41.02 14.05 -27.82
N GLY C 53 -40.61 13.45 -28.93
CA GLY C 53 -41.02 13.87 -30.26
C GLY C 53 -40.03 14.56 -31.16
N GLY C 54 -39.10 15.30 -30.57
CA GLY C 54 -38.10 16.05 -31.31
C GLY C 54 -38.70 17.22 -32.05
N LYS C 55 -38.74 17.16 -33.38
CA LYS C 55 -39.30 18.21 -34.21
C LYS C 55 -40.86 18.21 -34.16
N ILE C 56 -41.48 17.26 -33.42
CA ILE C 56 -42.93 17.22 -33.24
C ILE C 56 -43.27 17.55 -31.75
N ALA C 57 -42.23 17.81 -30.91
CA ALA C 57 -42.41 18.14 -29.49
C ALA C 57 -43.25 19.39 -29.28
N ALA C 58 -44.02 19.39 -28.17
CA ALA C 58 -44.88 20.48 -27.74
C ALA C 58 -44.72 20.71 -26.23
N TRP C 59 -45.04 21.92 -25.75
CA TRP C 59 -44.93 22.28 -24.34
C TRP C 59 -46.18 22.99 -23.85
N LYS C 60 -46.59 22.71 -22.60
CA LYS C 60 -47.75 23.32 -21.94
C LYS C 60 -47.28 24.52 -21.13
N ASP C 61 -47.80 25.72 -21.42
CA ASP C 61 -47.40 26.92 -20.68
C ASP C 61 -48.20 27.07 -19.34
N GLU C 62 -47.92 28.13 -18.55
CA GLU C 62 -48.54 28.43 -17.26
C GLU C 62 -50.08 28.41 -17.27
N ASP C 63 -50.69 28.95 -18.35
CA ASP C 63 -52.14 29.03 -18.52
C ASP C 63 -52.76 27.68 -18.98
N GLY C 64 -51.91 26.67 -19.19
CA GLY C 64 -52.33 25.33 -19.61
C GLY C 64 -52.53 25.14 -21.10
N ASP C 65 -52.04 26.10 -21.91
CA ASP C 65 -52.15 26.08 -23.37
C ASP C 65 -50.87 25.53 -24.01
N TRP C 66 -51.02 24.65 -25.00
CA TRP C 66 -49.90 24.02 -25.70
C TRP C 66 -49.40 24.85 -26.88
N TYR C 67 -48.08 24.82 -27.09
CA TYR C 67 -47.37 25.43 -28.22
C TYR C 67 -46.42 24.36 -28.77
N GLU C 68 -46.36 24.23 -30.11
CA GLU C 68 -45.63 23.18 -30.81
C GLU C 68 -44.36 23.66 -31.51
N THR C 69 -43.46 22.71 -31.84
CA THR C 69 -42.23 22.95 -32.61
C THR C 69 -42.64 23.33 -34.05
N GLY C 70 -43.73 22.72 -34.53
CA GLY C 70 -44.26 23.00 -35.86
C GLY C 70 -45.70 22.57 -36.09
N LEU C 71 -46.28 23.12 -37.18
CA LEU C 71 -47.62 22.79 -37.67
C LEU C 71 -47.46 21.54 -38.51
N HIS C 72 -47.92 20.39 -37.99
CA HIS C 72 -47.75 19.11 -38.66
C HIS C 72 -49.03 18.62 -39.29
N ILE C 73 -48.93 18.21 -40.57
CA ILE C 73 -50.01 17.68 -41.38
C ILE C 73 -49.68 16.25 -41.76
N PHE C 74 -50.63 15.36 -41.53
CA PHE C 74 -50.57 13.95 -41.88
C PHE C 74 -51.29 13.78 -43.20
N PHE C 75 -50.71 12.99 -44.12
CA PHE C 75 -51.29 12.77 -45.44
C PHE C 75 -51.76 11.34 -45.61
N GLY C 76 -52.68 11.12 -46.55
CA GLY C 76 -53.18 9.79 -46.86
C GLY C 76 -52.06 8.92 -47.42
N ALA C 77 -51.13 9.55 -48.18
CA ALA C 77 -49.96 8.91 -48.78
C ALA C 77 -48.79 8.79 -47.78
N TYR C 78 -49.11 8.48 -46.51
CA TYR C 78 -48.18 8.22 -45.42
C TYR C 78 -48.45 6.79 -44.96
N PRO C 79 -48.06 5.74 -45.74
CA PRO C 79 -48.42 4.37 -45.35
C PRO C 79 -47.86 3.86 -44.03
N ASN C 80 -46.59 4.20 -43.69
CA ASN C 80 -45.96 3.71 -42.46
C ASN C 80 -46.55 4.39 -41.21
N ILE C 81 -47.00 5.65 -41.32
CA ILE C 81 -47.66 6.41 -40.26
C ILE C 81 -49.03 5.76 -39.99
N GLN C 82 -49.81 5.46 -41.08
CA GLN C 82 -51.14 4.81 -41.01
C GLN C 82 -51.03 3.46 -40.31
N ASN C 83 -49.99 2.67 -40.66
CA ASN C 83 -49.71 1.36 -40.08
C ASN C 83 -49.44 1.48 -38.58
N LEU C 84 -48.56 2.43 -38.18
CA LEU C 84 -48.19 2.70 -36.78
C LEU C 84 -49.43 3.08 -35.93
N PHE C 85 -50.26 4.02 -36.43
CA PHE C 85 -51.48 4.47 -35.76
C PHE C 85 -52.46 3.29 -35.58
N GLY C 86 -52.57 2.44 -36.60
CA GLY C 86 -53.41 1.25 -36.61
C GLY C 86 -52.93 0.19 -35.62
N GLU C 87 -51.60 -0.04 -35.60
CA GLU C 87 -50.91 -0.99 -34.71
C GLU C 87 -51.10 -0.60 -33.23
N LEU C 88 -51.17 0.72 -32.94
CA LEU C 88 -51.36 1.26 -31.59
C LEU C 88 -52.84 1.52 -31.29
N GLY C 89 -53.70 1.34 -32.30
CA GLY C 89 -55.14 1.54 -32.21
C GLY C 89 -55.54 2.96 -31.88
N ILE C 90 -54.87 3.94 -32.50
CA ILE C 90 -55.10 5.37 -32.28
C ILE C 90 -55.48 6.09 -33.60
N ASN C 91 -56.09 5.37 -34.56
CA ASN C 91 -56.52 5.90 -35.87
C ASN C 91 -57.49 7.08 -35.73
N ASP C 92 -58.33 7.06 -34.68
CA ASP C 92 -59.34 8.07 -34.37
C ASP C 92 -58.70 9.39 -33.89
N ARG C 93 -57.37 9.41 -33.64
CA ARG C 93 -56.63 10.60 -33.18
C ARG C 93 -56.25 11.51 -34.36
N LEU C 94 -56.52 11.06 -35.60
CA LEU C 94 -56.27 11.85 -36.81
C LEU C 94 -57.59 12.45 -37.30
N GLN C 95 -57.68 13.77 -37.28
CA GLN C 95 -58.85 14.53 -37.71
C GLN C 95 -58.73 14.86 -39.19
N TRP C 96 -59.24 13.97 -40.07
CA TRP C 96 -59.19 14.14 -41.52
C TRP C 96 -60.10 15.28 -41.95
N LYS C 97 -59.55 16.20 -42.75
CA LYS C 97 -60.27 17.36 -43.22
C LYS C 97 -60.78 17.12 -44.66
N GLU C 98 -61.58 18.06 -45.21
CA GLU C 98 -62.14 18.00 -46.57
C GLU C 98 -61.03 17.81 -47.61
N HIS C 99 -61.28 17.06 -48.70
CA HIS C 99 -60.25 16.88 -49.73
C HIS C 99 -60.17 18.14 -50.59
N SER C 100 -59.52 19.18 -50.04
CA SER C 100 -59.34 20.49 -50.66
C SER C 100 -57.98 21.10 -50.33
N MET C 101 -57.56 22.07 -51.15
CA MET C 101 -56.29 22.80 -51.02
C MET C 101 -56.64 24.27 -51.09
N ILE C 102 -56.81 24.91 -49.94
CA ILE C 102 -57.25 26.31 -49.90
C ILE C 102 -56.03 27.24 -49.87
N PHE C 103 -55.99 28.16 -50.84
CA PHE C 103 -54.93 29.15 -51.06
C PHE C 103 -55.46 30.55 -50.92
N ALA C 104 -54.67 31.46 -50.37
CA ALA C 104 -55.05 32.86 -50.23
C ALA C 104 -54.80 33.62 -51.52
N MET C 105 -55.46 34.77 -51.70
CA MET C 105 -55.30 35.62 -52.89
C MET C 105 -54.49 36.86 -52.50
N PRO C 106 -53.17 36.92 -52.81
CA PRO C 106 -52.39 38.10 -52.41
C PRO C 106 -52.88 39.39 -53.09
N ASN C 107 -53.36 39.28 -54.35
CA ASN C 107 -53.90 40.39 -55.15
C ASN C 107 -55.25 40.90 -54.58
N LYS C 108 -56.06 39.99 -54.02
CA LYS C 108 -57.38 40.28 -53.45
C LYS C 108 -57.39 39.94 -51.94
N PRO C 109 -56.95 40.89 -51.07
CA PRO C 109 -56.89 40.62 -49.61
C PRO C 109 -58.20 40.10 -49.02
N GLY C 110 -58.10 39.05 -48.21
CA GLY C 110 -59.24 38.43 -47.55
C GLY C 110 -59.90 37.33 -48.36
N GLU C 111 -59.64 37.30 -49.67
CA GLU C 111 -60.21 36.32 -50.60
C GLU C 111 -59.34 35.06 -50.66
N PHE C 112 -60.00 33.91 -50.86
CA PHE C 112 -59.37 32.60 -50.94
C PHE C 112 -59.86 31.81 -52.16
N SER C 113 -58.95 31.05 -52.78
CA SER C 113 -59.20 30.17 -53.92
C SER C 113 -58.91 28.75 -53.50
N ARG C 114 -59.54 27.75 -54.13
CA ARG C 114 -59.29 26.38 -53.69
C ARG C 114 -59.35 25.33 -54.81
N PHE C 115 -58.68 24.19 -54.59
CA PHE C 115 -58.68 23.02 -55.46
C PHE C 115 -59.47 21.93 -54.77
N ASP C 116 -60.70 21.69 -55.21
CA ASP C 116 -61.57 20.68 -54.60
C ASP C 116 -61.46 19.37 -55.35
N PHE C 117 -61.18 18.29 -54.62
CA PHE C 117 -61.00 16.96 -55.18
C PHE C 117 -62.29 16.14 -55.02
N PRO C 118 -63.04 15.89 -56.12
CA PRO C 118 -64.30 15.14 -56.02
C PRO C 118 -64.09 13.72 -55.50
N GLU C 119 -64.90 13.34 -54.50
CA GLU C 119 -64.79 12.04 -53.84
C GLU C 119 -65.34 10.90 -54.72
N THR C 120 -65.95 11.23 -55.87
CA THR C 120 -66.50 10.27 -56.82
C THR C 120 -65.48 9.91 -57.92
N LEU C 121 -64.54 10.83 -58.20
CA LEU C 121 -63.49 10.63 -59.20
C LEU C 121 -62.25 9.99 -58.57
N PRO C 122 -61.62 8.98 -59.21
CA PRO C 122 -60.40 8.40 -58.64
C PRO C 122 -59.15 9.24 -58.97
N ALA C 123 -57.97 8.84 -58.46
CA ALA C 123 -56.72 9.55 -58.75
C ALA C 123 -56.17 9.09 -60.11
N PRO C 124 -55.64 10.00 -60.97
CA PRO C 124 -55.43 11.44 -60.78
C PRO C 124 -56.55 12.32 -61.35
N LEU C 125 -57.71 11.71 -61.65
CA LEU C 125 -58.85 12.42 -62.23
C LEU C 125 -59.39 13.50 -61.30
N ASN C 126 -59.44 13.21 -59.98
CA ASN C 126 -59.90 14.16 -58.95
C ASN C 126 -59.00 15.40 -58.94
N GLY C 127 -57.69 15.18 -59.14
CA GLY C 127 -56.68 16.23 -59.23
C GLY C 127 -56.81 17.06 -60.50
N ILE C 128 -56.94 16.37 -61.65
CA ILE C 128 -57.12 16.98 -62.97
C ILE C 128 -58.38 17.86 -62.92
N TRP C 129 -59.48 17.32 -62.34
CA TRP C 129 -60.75 18.04 -62.19
C TRP C 129 -60.59 19.30 -61.34
N ALA C 130 -59.88 19.19 -60.18
CA ALA C 130 -59.64 20.30 -59.25
C ALA C 130 -58.97 21.49 -59.96
N ILE C 131 -57.96 21.21 -60.81
CA ILE C 131 -57.22 22.21 -61.59
C ILE C 131 -58.13 22.79 -62.68
N LEU C 132 -58.90 21.92 -63.39
CA LEU C 132 -59.82 22.31 -64.44
C LEU C 132 -60.95 23.21 -63.91
N ARG C 133 -61.55 22.86 -62.74
CA ARG C 133 -62.63 23.59 -62.08
C ARG C 133 -62.16 24.96 -61.57
N ASN C 134 -60.94 25.06 -61.00
CA ASN C 134 -60.40 26.33 -60.48
C ASN C 134 -60.16 27.31 -61.61
N ASN C 135 -60.71 28.53 -61.48
CA ASN C 135 -60.60 29.54 -62.53
C ASN C 135 -59.87 30.82 -62.09
N GLU C 136 -59.52 30.96 -60.80
CA GLU C 136 -58.88 32.19 -60.34
C GLU C 136 -57.38 32.04 -60.06
N MET C 137 -56.83 30.80 -60.11
CA MET C 137 -55.39 30.60 -59.86
C MET C 137 -54.60 30.28 -61.12
N LEU C 138 -55.24 29.83 -62.21
CA LEU C 138 -54.59 29.49 -63.48
C LEU C 138 -55.47 29.83 -64.67
N THR C 139 -54.88 30.40 -65.73
CA THR C 139 -55.59 30.68 -66.98
C THR C 139 -55.62 29.38 -67.80
N TRP C 140 -56.53 29.27 -68.77
CA TRP C 140 -56.63 28.06 -69.60
C TRP C 140 -55.32 27.78 -70.36
N PRO C 141 -54.61 28.78 -70.98
CA PRO C 141 -53.32 28.47 -71.63
C PRO C 141 -52.29 27.92 -70.63
N GLU C 142 -52.23 28.54 -69.41
CA GLU C 142 -51.34 28.14 -68.32
C GLU C 142 -51.60 26.70 -67.90
N LYS C 143 -52.89 26.30 -67.84
CA LYS C 143 -53.32 24.95 -67.48
C LYS C 143 -52.81 23.91 -68.49
N VAL C 144 -52.81 24.27 -69.79
CA VAL C 144 -52.38 23.41 -70.90
C VAL C 144 -50.86 23.21 -70.84
N LYS C 145 -50.09 24.32 -70.71
CA LYS C 145 -48.62 24.32 -70.62
C LYS C 145 -48.13 23.55 -69.39
N PHE C 146 -48.87 23.68 -68.26
CA PHE C 146 -48.61 22.98 -66.99
C PHE C 146 -48.83 21.47 -67.15
N ALA C 147 -49.94 21.07 -67.80
CA ALA C 147 -50.28 19.67 -68.07
C ALA C 147 -49.25 19.04 -69.03
N LEU C 148 -48.81 19.82 -70.05
CA LEU C 148 -47.79 19.39 -71.00
C LEU C 148 -46.46 19.15 -70.32
N GLY C 149 -46.03 20.12 -69.50
CA GLY C 149 -44.79 20.07 -68.75
C GLY C 149 -44.68 18.93 -67.75
N LEU C 150 -45.81 18.55 -67.12
CA LEU C 150 -45.86 17.51 -66.09
C LEU C 150 -46.17 16.12 -66.61
N LEU C 151 -46.86 15.97 -67.77
CA LEU C 151 -47.21 14.64 -68.30
C LEU C 151 -45.99 13.69 -68.41
N PRO C 152 -44.82 14.08 -68.98
CA PRO C 152 -43.70 13.13 -69.04
C PRO C 152 -43.24 12.68 -67.66
N ALA C 153 -43.27 13.60 -66.67
CA ALA C 153 -42.88 13.35 -65.29
C ALA C 153 -43.78 12.33 -64.59
N MET C 154 -45.13 12.48 -64.67
CA MET C 154 -46.07 11.56 -64.00
C MET C 154 -46.03 10.15 -64.62
N VAL C 155 -45.74 10.04 -65.94
CA VAL C 155 -45.62 8.77 -66.66
C VAL C 155 -44.29 8.08 -66.27
N GLY C 156 -43.29 8.88 -65.90
CA GLY C 156 -41.95 8.44 -65.51
C GLY C 156 -41.87 7.54 -64.29
N GLY C 157 -40.86 6.67 -64.29
CA GLY C 157 -40.59 5.74 -63.19
C GLY C 157 -39.75 6.34 -62.08
N GLN C 158 -39.29 5.46 -61.16
CA GLN C 158 -38.45 5.85 -60.03
C GLN C 158 -37.10 6.39 -60.50
N ALA C 159 -36.50 5.75 -61.54
CA ALA C 159 -35.22 6.15 -62.13
C ALA C 159 -35.30 7.58 -62.69
N TYR C 160 -36.47 7.97 -63.23
CA TYR C 160 -36.70 9.31 -63.78
C TYR C 160 -36.71 10.36 -62.66
N VAL C 161 -37.45 10.11 -61.55
CA VAL C 161 -37.56 11.09 -60.45
C VAL C 161 -36.18 11.32 -59.80
N GLU C 162 -35.35 10.26 -59.69
CA GLU C 162 -34.00 10.34 -59.10
C GLU C 162 -33.08 11.20 -59.99
N ALA C 163 -33.28 11.16 -61.32
CA ALA C 163 -32.52 11.94 -62.30
C ALA C 163 -32.85 13.44 -62.24
N GLN C 164 -33.97 13.81 -61.59
CA GLN C 164 -34.41 15.21 -61.48
C GLN C 164 -33.81 15.90 -60.27
N ASP C 165 -33.08 15.15 -59.42
CA ASP C 165 -32.43 15.66 -58.21
C ASP C 165 -31.30 16.66 -58.51
N GLY C 166 -30.86 16.76 -59.77
CA GLY C 166 -29.83 17.71 -60.18
C GLY C 166 -30.34 19.11 -60.47
N PHE C 167 -31.67 19.28 -60.55
CA PHE C 167 -32.32 20.56 -60.87
C PHE C 167 -33.07 21.17 -59.70
N THR C 168 -33.18 22.51 -59.70
CA THR C 168 -34.02 23.21 -58.74
C THR C 168 -35.45 23.16 -59.31
N VAL C 169 -36.46 23.52 -58.51
CA VAL C 169 -37.86 23.51 -58.97
C VAL C 169 -38.01 24.56 -60.09
N SER C 170 -37.51 25.79 -59.87
CA SER C 170 -37.55 26.88 -60.84
C SER C 170 -36.87 26.51 -62.18
N GLU C 171 -35.72 25.79 -62.13
CA GLU C 171 -34.95 25.34 -63.29
C GLU C 171 -35.73 24.33 -64.15
N TRP C 172 -36.26 23.27 -63.50
CA TRP C 172 -37.00 22.19 -64.16
C TRP C 172 -38.33 22.68 -64.74
N MET C 173 -39.03 23.59 -64.04
CA MET C 173 -40.30 24.16 -64.50
C MET C 173 -40.10 24.94 -65.81
N LYS C 174 -38.99 25.70 -65.91
CA LYS C 174 -38.62 26.49 -67.09
C LYS C 174 -38.31 25.57 -68.28
N LYS C 175 -37.56 24.47 -68.03
CA LYS C 175 -37.15 23.47 -69.02
C LYS C 175 -38.37 22.73 -69.60
N GLN C 176 -39.33 22.33 -68.73
CA GLN C 176 -40.53 21.60 -69.15
C GLN C 176 -41.60 22.53 -69.74
N GLY C 177 -41.33 23.82 -69.77
CA GLY C 177 -42.24 24.80 -70.36
C GLY C 177 -43.39 25.24 -69.50
N VAL C 178 -43.36 24.89 -68.20
CA VAL C 178 -44.39 25.29 -67.22
C VAL C 178 -44.23 26.80 -67.05
N PRO C 179 -45.32 27.60 -67.25
CA PRO C 179 -45.18 29.07 -67.19
C PRO C 179 -44.58 29.55 -65.87
N ASP C 180 -43.77 30.61 -65.95
CA ASP C 180 -43.10 31.19 -64.79
C ASP C 180 -44.10 31.64 -63.73
N ARG C 181 -45.32 32.05 -64.15
CA ARG C 181 -46.37 32.48 -63.23
C ARG C 181 -46.91 31.28 -62.43
N VAL C 182 -46.96 30.08 -63.02
CA VAL C 182 -47.41 28.85 -62.34
C VAL C 182 -46.42 28.47 -61.22
N ASN C 183 -45.12 28.59 -61.51
CA ASN C 183 -44.04 28.30 -60.56
C ASN C 183 -44.10 29.26 -59.38
N ASP C 184 -44.46 30.54 -59.64
CA ASP C 184 -44.55 31.60 -58.64
C ASP C 184 -45.89 31.60 -57.88
N GLU C 185 -46.98 31.23 -58.54
CA GLU C 185 -48.31 31.19 -57.93
C GLU C 185 -48.48 29.92 -57.10
N VAL C 186 -48.39 28.75 -57.75
CA VAL C 186 -48.62 27.44 -57.14
C VAL C 186 -47.39 26.85 -56.43
N PHE C 187 -46.23 26.79 -57.10
CA PHE C 187 -45.08 26.07 -56.54
C PHE C 187 -44.28 26.83 -55.48
N ILE C 188 -44.42 28.16 -55.30
CA ILE C 188 -43.74 28.83 -54.18
C ILE C 188 -44.35 28.26 -52.87
N ALA C 189 -45.69 28.17 -52.84
CA ALA C 189 -46.49 27.66 -51.73
C ALA C 189 -46.15 26.20 -51.40
N MET C 190 -46.02 25.34 -52.42
CA MET C 190 -45.71 23.92 -52.24
C MET C 190 -44.26 23.70 -51.75
N SER C 191 -43.30 24.48 -52.28
CA SER C 191 -41.88 24.40 -51.90
C SER C 191 -41.68 24.76 -50.43
N LYS C 192 -42.28 25.88 -49.96
CA LYS C 192 -42.19 26.35 -48.58
C LYS C 192 -42.91 25.38 -47.64
N ALA C 193 -43.97 24.74 -48.14
CA ALA C 193 -44.72 23.79 -47.34
C ALA C 193 -43.90 22.56 -47.05
N LEU C 194 -43.19 22.01 -48.06
CA LEU C 194 -42.41 20.78 -47.93
C LEU C 194 -41.03 20.94 -47.27
N ASN C 195 -40.30 22.04 -47.51
CA ASN C 195 -38.93 22.16 -46.97
C ASN C 195 -38.56 23.57 -46.49
N PHE C 196 -39.54 24.48 -46.36
CA PHE C 196 -39.42 25.85 -45.84
C PHE C 196 -38.46 26.74 -46.67
N ILE C 197 -38.26 26.40 -47.95
CA ILE C 197 -37.40 27.15 -48.88
C ILE C 197 -38.15 27.37 -50.20
N ASN C 198 -37.75 28.41 -50.96
CA ASN C 198 -38.38 28.78 -52.23
C ASN C 198 -38.01 27.80 -53.37
N PRO C 199 -38.79 27.77 -54.49
CA PRO C 199 -38.49 26.82 -55.58
C PRO C 199 -37.15 27.05 -56.29
N ASP C 200 -36.52 28.24 -56.17
CA ASP C 200 -35.22 28.52 -56.80
C ASP C 200 -34.06 27.79 -56.08
N GLU C 201 -34.32 27.21 -54.88
CA GLU C 201 -33.34 26.49 -54.06
C GLU C 201 -33.66 25.00 -53.90
N LEU C 202 -34.96 24.64 -53.84
CA LEU C 202 -35.43 23.29 -53.59
C LEU C 202 -35.20 22.36 -54.78
N SER C 203 -34.84 21.10 -54.52
CA SER C 203 -34.63 20.04 -55.51
C SER C 203 -35.97 19.64 -56.13
N MET C 204 -36.00 19.40 -57.45
CA MET C 204 -37.23 18.99 -58.15
C MET C 204 -37.70 17.61 -57.68
N GLN C 205 -36.77 16.74 -57.22
CA GLN C 205 -37.13 15.40 -56.74
C GLN C 205 -38.11 15.48 -55.56
N CYS C 206 -37.98 16.53 -54.74
CA CYS C 206 -38.83 16.78 -53.57
C CYS C 206 -40.28 17.00 -54.02
N ILE C 207 -40.50 17.90 -55.02
CA ILE C 207 -41.82 18.23 -55.55
C ILE C 207 -42.45 17.00 -56.25
N LEU C 208 -41.65 16.21 -56.98
CA LEU C 208 -42.15 15.04 -57.69
C LEU C 208 -42.65 13.95 -56.73
N ILE C 209 -42.02 13.77 -55.56
CA ILE C 209 -42.44 12.78 -54.55
C ILE C 209 -43.76 13.28 -53.91
N ALA C 210 -43.89 14.62 -53.75
CA ALA C 210 -45.10 15.26 -53.22
C ALA C 210 -46.24 15.19 -54.22
N LEU C 211 -45.97 15.39 -55.53
CA LEU C 211 -46.99 15.33 -56.59
C LEU C 211 -47.45 13.90 -56.81
N ASN C 212 -46.65 12.91 -56.38
CA ASN C 212 -46.98 11.49 -56.47
C ASN C 212 -48.12 11.12 -55.51
N ARG C 213 -48.39 11.98 -54.51
CA ARG C 213 -49.49 11.80 -53.55
C ARG C 213 -50.83 11.98 -54.26
N PHE C 214 -50.84 12.87 -55.27
CA PHE C 214 -51.99 13.25 -56.09
C PHE C 214 -52.35 12.23 -57.18
N LEU C 215 -51.41 11.40 -57.67
CA LEU C 215 -51.72 10.45 -58.75
C LEU C 215 -51.72 8.97 -58.32
N GLN C 216 -51.04 8.60 -57.25
CA GLN C 216 -51.00 7.20 -56.82
C GLN C 216 -52.34 6.78 -56.16
N GLU C 217 -52.53 7.11 -54.87
CA GLU C 217 -53.75 6.77 -54.12
C GLU C 217 -54.78 7.89 -54.29
N LYS C 218 -56.08 7.53 -54.16
CA LYS C 218 -57.21 8.44 -54.28
C LYS C 218 -57.15 9.55 -53.23
N HIS C 219 -56.92 9.17 -51.95
CA HIS C 219 -56.85 10.09 -50.83
C HIS C 219 -55.41 10.39 -50.38
N GLY C 220 -54.44 10.16 -51.26
CA GLY C 220 -53.04 10.41 -50.99
C GLY C 220 -52.72 11.84 -50.57
N SER C 221 -53.40 12.81 -51.23
CA SER C 221 -53.24 14.24 -50.98
C SER C 221 -54.20 14.77 -49.90
N LYS C 222 -55.04 13.88 -49.30
CA LYS C 222 -55.96 14.26 -48.23
C LYS C 222 -55.16 14.53 -46.96
N MET C 223 -55.53 15.58 -46.23
CA MET C 223 -54.82 16.05 -45.04
C MET C 223 -55.55 15.77 -43.72
N ALA C 224 -54.76 15.60 -42.63
CA ALA C 224 -55.24 15.34 -41.26
C ALA C 224 -54.42 16.07 -40.22
N PHE C 225 -55.09 16.53 -39.16
CA PHE C 225 -54.50 17.17 -37.98
C PHE C 225 -54.55 16.19 -36.82
N LEU C 226 -53.53 16.17 -35.94
CA LEU C 226 -53.58 15.33 -34.76
C LEU C 226 -54.57 15.99 -33.78
N ASP C 227 -55.39 15.18 -33.07
CA ASP C 227 -56.45 15.67 -32.19
C ASP C 227 -55.95 16.41 -30.91
N GLY C 228 -54.64 16.45 -30.71
CA GLY C 228 -54.01 17.14 -29.57
C GLY C 228 -52.51 17.24 -29.71
N ASN C 229 -51.82 17.59 -28.61
CA ASN C 229 -50.36 17.75 -28.57
C ASN C 229 -49.67 16.42 -28.93
N PRO C 230 -48.65 16.44 -29.81
CA PRO C 230 -48.00 15.19 -30.21
C PRO C 230 -47.30 14.39 -29.08
N PRO C 231 -46.61 14.97 -28.05
CA PRO C 231 -46.00 14.10 -27.02
C PRO C 231 -47.00 13.20 -26.28
N GLU C 232 -48.19 13.73 -25.93
CA GLU C 232 -49.22 12.96 -25.20
C GLU C 232 -50.04 12.05 -26.13
N ARG C 233 -50.54 12.60 -27.26
CA ARG C 233 -51.43 11.90 -28.19
C ARG C 233 -50.73 10.91 -29.13
N LEU C 234 -49.43 11.09 -29.44
CA LEU C 234 -48.75 10.17 -30.37
C LEU C 234 -47.51 9.51 -29.75
N CYS C 235 -46.63 10.29 -29.09
CA CYS C 235 -45.39 9.76 -28.53
C CYS C 235 -45.63 8.84 -27.34
N MET C 236 -46.56 9.20 -26.42
CA MET C 236 -46.85 8.39 -25.24
C MET C 236 -47.37 6.99 -25.66
N PRO C 237 -48.38 6.83 -26.57
CA PRO C 237 -48.77 5.47 -27.01
C PRO C 237 -47.60 4.57 -27.46
N ILE C 238 -46.58 5.15 -28.14
CA ILE C 238 -45.38 4.40 -28.59
C ILE C 238 -44.53 4.01 -27.37
N VAL C 239 -44.31 4.96 -26.43
CA VAL C 239 -43.53 4.75 -25.20
C VAL C 239 -44.20 3.65 -24.34
N ASP C 240 -45.52 3.70 -24.17
CA ASP C 240 -46.31 2.72 -23.41
C ASP C 240 -46.18 1.32 -24.02
N HIS C 241 -46.19 1.23 -25.36
CA HIS C 241 -46.04 -0.01 -26.12
C HIS C 241 -44.64 -0.60 -25.94
N VAL C 242 -43.57 0.24 -26.06
CA VAL C 242 -42.17 -0.16 -25.93
C VAL C 242 -41.91 -0.68 -24.49
N ARG C 243 -42.40 0.05 -23.48
CA ARG C 243 -42.24 -0.29 -22.07
C ARG C 243 -42.98 -1.58 -21.68
N SER C 244 -44.17 -1.81 -22.27
CA SER C 244 -44.97 -3.02 -22.02
C SER C 244 -44.30 -4.30 -22.56
N LEU C 245 -43.37 -4.16 -23.52
CA LEU C 245 -42.66 -5.28 -24.13
C LEU C 245 -41.22 -5.43 -23.60
N GLY C 246 -40.88 -4.70 -22.54
CA GLY C 246 -39.57 -4.77 -21.90
C GLY C 246 -38.53 -3.74 -22.29
N GLY C 247 -38.91 -2.79 -23.14
CA GLY C 247 -38.03 -1.73 -23.58
C GLY C 247 -37.96 -0.58 -22.59
N GLU C 248 -36.86 0.18 -22.64
CA GLU C 248 -36.62 1.31 -21.75
C GLU C 248 -36.64 2.64 -22.52
N VAL C 249 -37.31 3.66 -21.95
CA VAL C 249 -37.40 5.01 -22.50
C VAL C 249 -36.96 5.97 -21.38
N ARG C 250 -35.85 6.68 -21.59
CA ARG C 250 -35.31 7.60 -20.59
C ARG C 250 -35.11 9.02 -21.13
N LEU C 251 -35.73 10.02 -20.46
CA LEU C 251 -35.58 11.44 -20.81
C LEU C 251 -34.32 12.00 -20.13
N ASN C 252 -33.90 13.23 -20.51
CA ASN C 252 -32.73 13.96 -19.98
C ASN C 252 -31.46 13.09 -20.00
N SER C 253 -31.29 12.31 -21.07
CA SER C 253 -30.17 11.41 -21.33
C SER C 253 -29.48 11.77 -22.65
N ARG C 254 -28.75 12.89 -22.65
CA ARG C 254 -28.03 13.39 -23.82
C ARG C 254 -26.72 12.63 -23.97
N ILE C 255 -26.42 12.15 -25.17
CA ILE C 255 -25.18 11.45 -25.47
C ILE C 255 -24.13 12.54 -25.73
N GLN C 256 -23.07 12.52 -24.90
CA GLN C 256 -21.95 13.46 -24.93
C GLN C 256 -20.83 12.98 -25.86
N LYS C 257 -20.62 11.65 -25.93
CA LYS C 257 -19.55 11.07 -26.75
C LYS C 257 -19.84 9.63 -27.17
N ILE C 258 -19.39 9.28 -28.39
CA ILE C 258 -19.44 7.92 -28.93
C ILE C 258 -18.04 7.36 -28.65
N GLU C 259 -17.87 6.60 -27.54
CA GLU C 259 -16.58 6.02 -27.17
C GLU C 259 -16.34 4.77 -28.00
N LEU C 260 -15.12 4.62 -28.54
CA LEU C 260 -14.79 3.51 -29.41
C LEU C 260 -13.80 2.49 -28.85
N ASN C 261 -13.94 1.23 -29.32
CA ASN C 261 -13.03 0.12 -29.04
C ASN C 261 -11.77 0.33 -29.92
N PRO C 262 -10.61 -0.34 -29.64
CA PRO C 262 -9.42 -0.11 -30.48
C PRO C 262 -9.60 -0.39 -31.98
N ASP C 263 -10.52 -1.33 -32.35
CA ASP C 263 -10.76 -1.70 -33.75
C ASP C 263 -11.63 -0.67 -34.52
N GLY C 264 -12.24 0.28 -33.80
CA GLY C 264 -13.07 1.32 -34.40
C GLY C 264 -14.56 1.22 -34.10
N THR C 265 -15.03 0.04 -33.64
CA THR C 265 -16.44 -0.18 -33.30
C THR C 265 -16.81 0.59 -32.02
N VAL C 266 -18.10 0.67 -31.67
CA VAL C 266 -18.55 1.41 -30.50
C VAL C 266 -18.36 0.59 -29.20
N LYS C 267 -17.68 1.21 -28.21
CA LYS C 267 -17.43 0.67 -26.88
C LYS C 267 -18.67 0.92 -26.02
N HIS C 268 -19.11 2.20 -25.97
CA HIS C 268 -20.28 2.68 -25.24
C HIS C 268 -20.66 4.09 -25.68
N PHE C 269 -21.86 4.51 -25.27
CA PHE C 269 -22.35 5.87 -25.43
C PHE C 269 -22.19 6.57 -24.08
N ALA C 270 -21.30 7.58 -24.01
CA ALA C 270 -21.10 8.32 -22.76
C ALA C 270 -22.13 9.45 -22.66
N LEU C 271 -22.94 9.44 -21.58
CA LEU C 271 -23.97 10.46 -21.37
C LEU C 271 -23.37 11.76 -20.79
N THR C 272 -24.21 12.79 -20.68
CA THR C 272 -23.84 14.11 -20.18
C THR C 272 -23.51 14.07 -18.66
N ASP C 273 -24.13 13.15 -17.89
CA ASP C 273 -23.87 12.99 -16.46
C ASP C 273 -22.73 11.95 -16.20
N GLY C 274 -22.02 11.57 -17.26
CA GLY C 274 -20.89 10.64 -17.19
C GLY C 274 -21.22 9.17 -17.42
N THR C 275 -22.50 8.78 -17.19
CA THR C 275 -22.98 7.39 -17.31
C THR C 275 -22.63 6.80 -18.67
N GLN C 276 -22.07 5.58 -18.65
CA GLN C 276 -21.71 4.85 -19.87
C GLN C 276 -22.77 3.80 -20.12
N ILE C 277 -23.41 3.87 -21.29
CA ILE C 277 -24.47 2.92 -21.66
C ILE C 277 -23.94 2.02 -22.77
N THR C 278 -24.06 0.71 -22.56
CA THR C 278 -23.61 -0.34 -23.48
C THR C 278 -24.78 -1.17 -24.01
N GLY C 279 -24.55 -1.75 -25.18
CA GLY C 279 -25.50 -2.62 -25.84
C GLY C 279 -24.83 -3.49 -26.89
N ASP C 280 -25.61 -4.40 -27.49
CA ASP C 280 -25.14 -5.30 -28.55
C ASP C 280 -25.11 -4.55 -29.88
N ALA C 281 -26.00 -3.54 -30.02
CA ALA C 281 -26.13 -2.64 -31.16
C ALA C 281 -26.39 -1.20 -30.69
N TYR C 282 -25.94 -0.22 -31.48
CA TYR C 282 -26.09 1.21 -31.20
C TYR C 282 -26.74 1.92 -32.39
N VAL C 283 -27.73 2.79 -32.11
CA VAL C 283 -28.50 3.55 -33.12
C VAL C 283 -28.44 5.04 -32.81
N PHE C 284 -28.21 5.87 -33.84
CA PHE C 284 -28.23 7.32 -33.71
C PHE C 284 -29.44 7.85 -34.51
N ALA C 285 -30.53 8.14 -33.79
CA ALA C 285 -31.80 8.64 -34.32
C ALA C 285 -31.94 10.14 -34.06
N THR C 286 -30.80 10.80 -34.02
CA THR C 286 -30.61 12.23 -33.77
C THR C 286 -30.66 12.98 -35.13
N PRO C 287 -30.84 14.33 -35.18
CA PRO C 287 -30.77 15.03 -36.48
C PRO C 287 -29.35 14.96 -37.06
N VAL C 288 -29.19 15.04 -38.39
CA VAL C 288 -27.90 14.92 -39.06
C VAL C 288 -26.86 15.94 -38.51
N ASP C 289 -27.28 17.15 -38.12
CA ASP C 289 -26.41 18.22 -37.60
C ASP C 289 -25.73 17.79 -36.29
N ILE C 290 -26.49 17.14 -35.39
CA ILE C 290 -26.00 16.67 -34.10
C ILE C 290 -25.05 15.48 -34.31
N LEU C 291 -25.43 14.53 -35.19
CA LEU C 291 -24.60 13.35 -35.50
C LEU C 291 -23.24 13.78 -36.05
N LYS C 292 -23.22 14.72 -37.01
CA LYS C 292 -22.01 15.24 -37.65
C LYS C 292 -21.00 15.76 -36.62
N LEU C 293 -21.48 16.36 -35.52
CA LEU C 293 -20.64 16.91 -34.46
C LEU C 293 -20.12 15.80 -33.52
N LEU C 294 -20.87 14.72 -33.39
CA LEU C 294 -20.54 13.61 -32.50
C LEU C 294 -19.79 12.45 -33.22
N VAL C 295 -19.57 12.54 -34.55
CA VAL C 295 -18.85 11.49 -35.29
C VAL C 295 -17.39 11.43 -34.80
N PRO C 296 -16.91 10.25 -34.30
CA PRO C 296 -15.51 10.14 -33.86
C PRO C 296 -14.53 10.43 -35.01
N GLN C 297 -13.37 11.04 -34.68
CA GLN C 297 -12.32 11.44 -35.64
C GLN C 297 -11.88 10.32 -36.60
N GLU C 298 -11.86 9.06 -36.11
CA GLU C 298 -11.44 7.89 -36.88
C GLU C 298 -12.49 7.45 -37.93
N TRP C 299 -13.74 7.95 -37.82
CA TRP C 299 -14.83 7.66 -38.77
C TRP C 299 -14.96 8.75 -39.83
N LYS C 300 -14.55 9.99 -39.49
CA LYS C 300 -14.67 11.22 -40.26
C LYS C 300 -14.24 11.14 -41.73
N GLU C 301 -13.31 10.23 -42.10
CA GLU C 301 -12.87 10.15 -43.50
C GLU C 301 -13.55 8.99 -44.28
N ILE C 302 -14.45 8.22 -43.62
CA ILE C 302 -15.22 7.16 -44.28
C ILE C 302 -16.33 7.85 -45.11
N SER C 303 -16.41 7.49 -46.41
CA SER C 303 -17.35 8.03 -47.41
C SER C 303 -18.76 8.28 -46.82
N TYR C 304 -19.33 7.27 -46.16
CA TYR C 304 -20.65 7.27 -45.50
C TYR C 304 -20.85 8.49 -44.59
N PHE C 305 -19.85 8.80 -43.74
CA PHE C 305 -19.92 9.92 -42.79
C PHE C 305 -19.42 11.22 -43.41
N LYS C 306 -18.48 11.16 -44.36
CA LYS C 306 -17.94 12.35 -45.01
C LYS C 306 -18.98 13.00 -45.93
N LYS C 307 -19.84 12.18 -46.59
CA LYS C 307 -20.90 12.63 -47.50
C LYS C 307 -21.95 13.53 -46.79
N LEU C 308 -22.16 13.29 -45.47
CA LEU C 308 -23.12 14.00 -44.61
C LEU C 308 -22.89 15.51 -44.52
N GLU C 309 -21.75 16.03 -45.01
CA GLU C 309 -21.43 17.46 -44.98
C GLU C 309 -22.39 18.29 -45.85
N LYS C 310 -22.99 17.66 -46.88
CA LYS C 310 -23.95 18.26 -47.80
C LYS C 310 -25.30 18.50 -47.12
N LEU C 311 -25.70 17.58 -46.22
CA LEU C 311 -26.97 17.65 -45.48
C LEU C 311 -26.84 18.59 -44.27
N VAL C 312 -27.43 19.80 -44.38
CA VAL C 312 -27.43 20.84 -43.35
C VAL C 312 -28.89 21.25 -43.03
N GLY C 313 -29.22 21.35 -41.74
CA GLY C 313 -30.55 21.73 -41.26
C GLY C 313 -30.98 23.10 -41.76
N VAL C 314 -32.25 23.24 -42.11
CA VAL C 314 -32.82 24.48 -42.64
C VAL C 314 -33.51 25.29 -41.50
N PRO C 315 -33.34 26.63 -41.39
CA PRO C 315 -34.05 27.37 -40.34
C PRO C 315 -35.57 27.45 -40.59
N VAL C 316 -36.36 27.39 -39.51
CA VAL C 316 -37.81 27.49 -39.54
C VAL C 316 -38.28 28.10 -38.20
N ILE C 317 -39.41 28.81 -38.22
CA ILE C 317 -40.04 29.44 -37.05
C ILE C 317 -41.52 29.05 -37.04
N ASN C 318 -42.04 28.64 -35.88
CA ASN C 318 -43.45 28.30 -35.73
C ASN C 318 -44.05 29.31 -34.75
N VAL C 319 -44.96 30.16 -35.27
CA VAL C 319 -45.61 31.24 -34.52
C VAL C 319 -47.00 30.79 -34.06
N HIS C 320 -47.34 31.07 -32.79
CA HIS C 320 -48.67 30.82 -32.20
C HIS C 320 -49.21 32.14 -31.68
N ILE C 321 -50.44 32.52 -32.09
CA ILE C 321 -51.03 33.76 -31.58
C ILE C 321 -52.44 33.48 -31.09
N TRP C 322 -52.70 33.76 -29.79
CA TRP C 322 -54.03 33.64 -29.17
C TRP C 322 -54.68 35.01 -29.21
N PHE C 323 -55.87 35.11 -29.84
CA PHE C 323 -56.59 36.37 -29.96
C PHE C 323 -57.76 36.44 -28.97
N ASP C 324 -58.21 37.66 -28.62
CA ASP C 324 -59.31 37.89 -27.68
C ASP C 324 -60.67 37.38 -28.22
N ARG C 325 -60.93 37.55 -29.52
CA ARG C 325 -62.17 37.13 -30.20
C ARG C 325 -62.02 35.80 -30.95
N LYS C 326 -63.16 35.22 -31.37
CA LYS C 326 -63.19 34.04 -32.24
C LYS C 326 -63.39 34.59 -33.63
N LEU C 327 -62.47 34.29 -34.56
CA LEU C 327 -62.53 34.82 -35.93
C LEU C 327 -63.73 34.28 -36.68
N LYS C 328 -64.54 35.20 -37.26
CA LYS C 328 -65.74 34.88 -38.02
C LYS C 328 -65.42 34.24 -39.36
N ASN C 329 -64.30 34.65 -40.02
CA ASN C 329 -63.90 34.08 -41.31
C ASN C 329 -62.66 33.18 -41.17
N THR C 330 -62.88 31.89 -40.82
CA THR C 330 -61.83 30.87 -40.68
C THR C 330 -62.30 29.53 -41.25
N TYR C 331 -61.36 28.57 -41.37
CA TYR C 331 -61.61 27.25 -41.93
C TYR C 331 -61.21 26.14 -41.00
N ASP C 332 -61.87 24.97 -41.13
CA ASP C 332 -61.50 23.74 -40.43
C ASP C 332 -60.55 23.01 -41.41
N HIS C 333 -59.44 23.70 -41.73
CA HIS C 333 -58.45 23.24 -42.68
C HIS C 333 -57.13 23.98 -42.53
N LEU C 334 -56.12 23.51 -43.28
CA LEU C 334 -54.83 24.13 -43.44
C LEU C 334 -54.95 25.15 -44.57
N LEU C 335 -54.26 26.29 -44.45
CA LEU C 335 -54.31 27.33 -45.47
C LEU C 335 -52.92 27.72 -45.94
N PHE C 336 -52.77 27.92 -47.27
CA PHE C 336 -51.54 28.37 -47.90
C PHE C 336 -51.63 29.89 -48.00
N SER C 337 -50.91 30.60 -47.13
CA SER C 337 -50.94 32.07 -47.06
C SER C 337 -50.51 32.76 -48.35
N ARG C 338 -49.63 32.11 -49.15
CA ARG C 338 -49.03 32.63 -50.40
C ARG C 338 -48.37 33.99 -50.11
N SER C 339 -47.82 34.09 -48.90
CA SER C 339 -47.10 35.23 -48.37
C SER C 339 -45.62 35.08 -48.65
N SER C 340 -44.89 36.20 -48.63
CA SER C 340 -43.43 36.18 -48.83
C SER C 340 -42.70 35.80 -47.53
N LEU C 341 -43.35 36.04 -46.35
CA LEU C 341 -42.80 35.75 -45.02
C LEU C 341 -43.39 34.47 -44.41
N LEU C 342 -44.68 34.21 -44.61
CA LEU C 342 -45.33 33.02 -44.06
C LEU C 342 -45.51 31.91 -45.10
N SER C 343 -45.73 30.68 -44.60
CA SER C 343 -45.96 29.47 -45.38
C SER C 343 -47.40 29.02 -45.09
N VAL C 344 -47.59 27.82 -44.52
CA VAL C 344 -48.91 27.29 -44.18
C VAL C 344 -49.34 27.83 -42.78
N TYR C 345 -50.65 27.89 -42.53
CA TYR C 345 -51.21 28.33 -41.26
C TYR C 345 -52.57 27.64 -41.02
N ALA C 346 -53.04 27.63 -39.77
CA ALA C 346 -54.31 27.02 -39.37
C ALA C 346 -54.85 27.61 -38.08
N ASP C 347 -56.19 27.70 -37.98
CA ASP C 347 -56.87 28.14 -36.76
C ASP C 347 -57.03 26.88 -35.92
N MET C 348 -56.09 26.67 -34.97
CA MET C 348 -56.02 25.47 -34.14
C MET C 348 -57.23 25.33 -33.20
N SER C 349 -57.93 26.44 -32.91
CA SER C 349 -59.15 26.43 -32.11
C SER C 349 -60.32 25.78 -32.88
N VAL C 350 -60.15 25.58 -34.21
CA VAL C 350 -61.15 24.99 -35.11
C VAL C 350 -60.72 23.57 -35.54
N THR C 351 -59.45 23.41 -35.96
CA THR C 351 -58.89 22.18 -36.52
C THR C 351 -58.47 21.13 -35.49
N CYS C 352 -57.91 21.56 -34.33
CA CYS C 352 -57.44 20.63 -33.30
C CYS C 352 -58.49 20.48 -32.19
N LYS C 353 -58.84 19.22 -31.88
CA LYS C 353 -59.86 18.84 -30.88
C LYS C 353 -59.48 19.33 -29.47
N GLU C 354 -58.29 18.97 -28.97
CA GLU C 354 -57.77 19.34 -27.65
C GLU C 354 -57.53 20.85 -27.53
N TYR C 355 -57.32 21.56 -28.66
CA TYR C 355 -57.05 22.99 -28.67
C TYR C 355 -58.33 23.81 -28.96
N TYR C 356 -59.49 23.13 -29.05
CA TYR C 356 -60.78 23.76 -29.34
C TYR C 356 -61.17 24.78 -28.27
N ASP C 357 -61.61 25.96 -28.73
CA ASP C 357 -62.09 27.08 -27.92
C ASP C 357 -63.18 27.80 -28.73
N PRO C 358 -64.42 27.95 -28.20
CA PRO C 358 -65.49 28.54 -29.01
C PRO C 358 -65.50 30.07 -29.07
N ASN C 359 -64.86 30.77 -28.11
CA ASN C 359 -64.88 32.24 -28.07
C ASN C 359 -63.51 32.88 -28.32
N ARG C 360 -62.44 32.06 -28.27
CA ARG C 360 -61.05 32.49 -28.48
CA ARG C 360 -61.06 32.50 -28.51
C ARG C 360 -60.41 31.67 -29.61
N SER C 361 -59.92 32.34 -30.68
CA SER C 361 -59.29 31.61 -31.78
C SER C 361 -57.77 31.78 -31.74
N MET C 362 -57.04 30.67 -31.97
CA MET C 362 -55.59 30.61 -31.98
C MET C 362 -55.07 30.27 -33.37
N LEU C 363 -54.12 31.06 -33.89
CA LEU C 363 -53.53 30.83 -35.20
C LEU C 363 -52.09 30.34 -35.08
N GLU C 364 -51.82 29.11 -35.55
CA GLU C 364 -50.48 28.51 -35.59
C GLU C 364 -49.97 28.63 -37.03
N LEU C 365 -48.91 29.43 -37.23
CA LEU C 365 -48.35 29.74 -38.56
C LEU C 365 -46.88 29.38 -38.70
N VAL C 366 -46.50 28.82 -39.87
CA VAL C 366 -45.11 28.48 -40.20
C VAL C 366 -44.50 29.72 -40.88
N PHE C 367 -43.42 30.26 -40.29
CA PHE C 367 -42.69 31.43 -40.80
C PHE C 367 -41.49 30.95 -41.60
N ALA C 368 -41.60 30.92 -42.94
CA ALA C 368 -40.55 30.45 -43.86
C ALA C 368 -40.49 31.28 -45.13
N PRO C 369 -39.30 31.57 -45.73
CA PRO C 369 -37.94 31.22 -45.28
C PRO C 369 -37.55 32.00 -44.01
N ALA C 370 -36.85 31.33 -43.07
CA ALA C 370 -36.51 31.90 -41.77
C ALA C 370 -35.02 32.26 -41.58
N GLU C 371 -34.18 32.14 -42.64
CA GLU C 371 -32.73 32.43 -42.57
C GLU C 371 -32.44 33.82 -42.00
N GLU C 372 -33.15 34.86 -42.46
CA GLU C 372 -32.95 36.23 -42.01
C GLU C 372 -33.84 36.57 -40.79
N TRP C 373 -34.54 35.58 -40.20
CA TRP C 373 -35.47 35.83 -39.11
C TRP C 373 -35.20 35.07 -37.80
N VAL C 374 -34.48 33.93 -37.83
CA VAL C 374 -34.15 33.15 -36.61
C VAL C 374 -33.34 34.00 -35.60
N GLY C 375 -32.55 34.96 -36.10
CA GLY C 375 -31.75 35.84 -35.27
C GLY C 375 -32.49 37.05 -34.73
N ARG C 376 -33.66 37.39 -35.31
CA ARG C 376 -34.46 38.55 -34.89
C ARG C 376 -35.27 38.23 -33.64
N SER C 377 -35.71 39.28 -32.91
CA SER C 377 -36.47 39.16 -31.67
C SER C 377 -37.89 38.65 -31.92
N ASP C 378 -38.53 38.10 -30.86
CA ASP C 378 -39.89 37.59 -30.90
C ASP C 378 -40.90 38.68 -31.26
N THR C 379 -40.70 39.92 -30.76
CA THR C 379 -41.58 41.06 -31.04
C THR C 379 -41.46 41.47 -32.53
N GLU C 380 -40.24 41.40 -33.10
CA GLU C 380 -39.96 41.67 -34.52
C GLU C 380 -40.69 40.67 -35.42
N ILE C 381 -40.69 39.37 -35.01
CA ILE C 381 -41.34 38.28 -35.75
C ILE C 381 -42.87 38.44 -35.67
N ILE C 382 -43.42 38.73 -34.46
CA ILE C 382 -44.86 38.91 -34.22
C ILE C 382 -45.37 40.11 -35.05
N GLU C 383 -44.59 41.21 -35.13
CA GLU C 383 -44.95 42.39 -35.90
C GLU C 383 -45.09 42.03 -37.39
N ALA C 384 -44.10 41.30 -37.96
CA ALA C 384 -44.09 40.84 -39.35
C ALA C 384 -45.27 39.89 -39.64
N THR C 385 -45.62 39.03 -38.66
CA THR C 385 -46.72 38.07 -38.74
C THR C 385 -48.06 38.84 -38.74
N MET C 386 -48.20 39.85 -37.86
CA MET C 386 -49.41 40.68 -37.75
C MET C 386 -49.65 41.49 -39.02
N GLN C 387 -48.55 41.96 -39.66
CA GLN C 387 -48.61 42.71 -40.93
C GLN C 387 -49.09 41.81 -42.06
N GLU C 388 -48.71 40.52 -42.03
CA GLU C 388 -49.14 39.54 -43.02
C GLU C 388 -50.56 39.07 -42.74
N LEU C 389 -50.97 39.02 -41.46
CA LEU C 389 -52.31 38.60 -41.06
C LEU C 389 -53.36 39.68 -41.40
N ALA C 390 -52.92 40.95 -41.48
CA ALA C 390 -53.76 42.11 -41.86
C ALA C 390 -54.13 42.04 -43.35
N LYS C 391 -53.41 41.20 -44.13
CA LYS C 391 -53.65 40.97 -45.55
C LYS C 391 -54.59 39.78 -45.73
N LEU C 392 -54.54 38.80 -44.81
CA LEU C 392 -55.37 37.58 -44.85
C LEU C 392 -56.74 37.78 -44.16
N PHE C 393 -56.77 38.61 -43.10
CA PHE C 393 -57.95 38.96 -42.33
C PHE C 393 -58.01 40.50 -42.28
N PRO C 394 -58.34 41.20 -43.39
CA PRO C 394 -58.26 42.67 -43.36
C PRO C 394 -59.37 43.35 -42.55
N ASP C 395 -60.51 42.66 -42.34
CA ASP C 395 -61.64 43.21 -41.59
C ASP C 395 -61.70 42.64 -40.16
N GLU C 396 -60.70 41.82 -39.78
CA GLU C 396 -60.66 41.19 -38.47
C GLU C 396 -59.35 41.40 -37.71
N ILE C 397 -58.20 41.48 -38.41
CA ILE C 397 -56.89 41.64 -37.77
C ILE C 397 -56.17 42.88 -38.35
N ALA C 398 -55.68 43.74 -37.47
CA ALA C 398 -54.89 44.94 -37.77
C ALA C 398 -53.59 44.88 -36.98
N ALA C 399 -52.47 45.26 -37.62
CA ALA C 399 -51.11 45.21 -37.04
C ALA C 399 -50.99 46.01 -35.71
N ASP C 400 -51.71 47.15 -35.60
CA ASP C 400 -51.70 48.02 -34.42
C ASP C 400 -52.77 47.59 -33.37
N GLN C 401 -53.32 46.36 -33.53
CA GLN C 401 -54.32 45.71 -32.67
C GLN C 401 -55.59 46.58 -32.52
N SER C 402 -55.97 47.28 -33.62
CA SER C 402 -57.18 48.11 -33.74
C SER C 402 -58.43 47.25 -33.67
N LYS C 403 -58.37 46.09 -34.34
CA LYS C 403 -59.46 45.12 -34.41
C LYS C 403 -59.20 44.03 -33.34
N ALA C 404 -58.89 42.77 -33.74
CA ALA C 404 -58.59 41.67 -32.81
C ALA C 404 -57.29 41.95 -32.07
N LYS C 405 -57.25 41.58 -30.78
CA LYS C 405 -56.09 41.84 -29.92
C LYS C 405 -55.43 40.54 -29.45
N ILE C 406 -54.09 40.58 -29.37
CA ILE C 406 -53.25 39.45 -28.94
C ILE C 406 -53.33 39.31 -27.42
N LEU C 407 -53.78 38.15 -26.95
CA LEU C 407 -53.80 37.85 -25.52
C LEU C 407 -52.39 37.43 -25.08
N LYS C 408 -51.75 36.55 -25.91
CA LYS C 408 -50.40 36.03 -25.72
C LYS C 408 -49.90 35.40 -27.03
N TYR C 409 -48.58 35.15 -27.09
CA TYR C 409 -47.94 34.51 -28.23
C TYR C 409 -46.83 33.56 -27.79
N HIS C 410 -46.43 32.66 -28.69
CA HIS C 410 -45.33 31.72 -28.50
C HIS C 410 -44.62 31.56 -29.84
N VAL C 411 -43.32 31.93 -29.87
CA VAL C 411 -42.47 31.84 -31.06
C VAL C 411 -41.42 30.74 -30.82
N VAL C 412 -41.55 29.60 -31.53
CA VAL C 412 -40.63 28.47 -31.43
C VAL C 412 -39.72 28.50 -32.65
N LYS C 413 -38.43 28.77 -32.44
CA LYS C 413 -37.41 28.82 -33.48
C LYS C 413 -36.59 27.54 -33.52
N THR C 414 -36.44 26.95 -34.73
CA THR C 414 -35.62 25.76 -34.99
C THR C 414 -34.64 26.17 -36.09
N PRO C 415 -33.45 26.71 -35.73
CA PRO C 415 -32.52 27.19 -36.78
C PRO C 415 -31.89 26.08 -37.64
N ARG C 416 -31.98 24.81 -37.21
CA ARG C 416 -31.47 23.64 -37.91
C ARG C 416 -32.50 22.51 -37.81
N SER C 417 -33.59 22.60 -38.58
CA SER C 417 -34.66 21.61 -38.54
C SER C 417 -34.36 20.45 -39.48
N VAL C 418 -35.23 20.20 -40.48
CA VAL C 418 -35.06 19.15 -41.49
C VAL C 418 -33.89 19.56 -42.41
N TYR C 419 -33.22 18.59 -43.05
CA TYR C 419 -32.11 18.92 -43.94
C TYR C 419 -32.62 19.74 -45.13
N LYS C 420 -31.87 20.77 -45.53
CA LYS C 420 -32.21 21.63 -46.67
C LYS C 420 -32.09 20.77 -47.93
N THR C 421 -33.25 20.37 -48.51
CA THR C 421 -33.31 19.49 -49.67
C THR C 421 -32.96 20.27 -50.95
N ILE C 422 -31.70 20.72 -51.03
CA ILE C 422 -31.15 21.42 -52.19
C ILE C 422 -30.77 20.34 -53.22
N PRO C 423 -30.54 20.67 -54.52
CA PRO C 423 -30.18 19.61 -55.47
C PRO C 423 -28.88 18.87 -55.12
N ASP C 424 -28.85 17.56 -55.45
CA ASP C 424 -27.73 16.61 -55.32
C ASP C 424 -27.42 16.18 -53.87
N CYS C 425 -28.46 16.05 -53.03
CA CYS C 425 -28.36 15.60 -51.64
C CYS C 425 -28.59 14.10 -51.56
N GLU C 426 -29.36 13.54 -52.51
CA GLU C 426 -29.76 12.13 -52.53
C GLU C 426 -28.57 11.15 -52.48
N PRO C 427 -27.41 11.34 -53.18
CA PRO C 427 -26.31 10.35 -53.03
C PRO C 427 -25.65 10.37 -51.64
N CYS C 428 -25.76 11.49 -50.90
CA CYS C 428 -25.19 11.72 -49.58
C CYS C 428 -26.02 11.10 -48.46
N ARG C 429 -27.29 10.80 -48.72
CA ARG C 429 -28.22 10.24 -47.73
C ARG C 429 -27.81 8.82 -47.35
N PRO C 430 -27.55 8.57 -46.05
CA PRO C 430 -27.03 7.26 -45.65
C PRO C 430 -28.07 6.18 -45.45
N LEU C 431 -27.69 4.92 -45.70
CA LEU C 431 -28.55 3.78 -45.42
C LEU C 431 -28.60 3.60 -43.91
N GLN C 432 -29.60 2.89 -43.38
CA GLN C 432 -29.75 2.70 -41.94
C GLN C 432 -28.62 1.84 -41.35
N ARG C 433 -28.03 0.94 -42.16
CA ARG C 433 -26.89 0.09 -41.76
C ARG C 433 -25.60 0.83 -42.14
N SER C 434 -24.77 1.17 -41.11
CA SER C 434 -23.52 1.90 -41.30
C SER C 434 -22.35 0.93 -41.58
N PRO C 435 -21.23 1.39 -42.22
CA PRO C 435 -20.09 0.48 -42.44
C PRO C 435 -19.38 0.06 -41.15
N ILE C 436 -19.77 0.67 -40.01
CA ILE C 436 -19.25 0.34 -38.68
C ILE C 436 -20.16 -0.74 -38.10
N GLU C 437 -19.58 -1.91 -37.87
CA GLU C 437 -20.25 -3.09 -37.33
C GLU C 437 -20.87 -2.77 -35.98
N GLY C 438 -22.19 -2.95 -35.87
CA GLY C 438 -22.92 -2.67 -34.64
C GLY C 438 -23.52 -1.28 -34.52
N PHE C 439 -23.10 -0.34 -35.40
CA PHE C 439 -23.62 1.03 -35.42
C PHE C 439 -24.62 1.21 -36.57
N TYR C 440 -25.78 1.81 -36.26
CA TYR C 440 -26.89 2.05 -37.19
C TYR C 440 -27.40 3.50 -37.10
N LEU C 441 -28.05 3.98 -38.17
CA LEU C 441 -28.63 5.32 -38.22
C LEU C 441 -30.13 5.28 -38.48
N ALA C 442 -30.85 6.23 -37.89
CA ALA C 442 -32.28 6.44 -38.09
C ALA C 442 -32.54 7.94 -38.18
N GLY C 443 -33.63 8.33 -38.81
CA GLY C 443 -33.97 9.73 -39.01
C GLY C 443 -34.47 10.02 -40.40
N ASP C 444 -35.29 11.08 -40.52
CA ASP C 444 -35.89 11.50 -41.79
C ASP C 444 -34.83 11.75 -42.89
N TYR C 445 -33.61 12.18 -42.52
CA TYR C 445 -32.50 12.47 -43.44
C TYR C 445 -31.90 11.19 -44.08
N THR C 446 -32.04 10.01 -43.43
CA THR C 446 -31.48 8.75 -43.94
C THR C 446 -32.19 8.32 -45.25
N LYS C 447 -31.60 7.38 -46.00
CA LYS C 447 -32.10 6.91 -47.29
C LYS C 447 -33.44 6.19 -47.14
N GLN C 448 -34.50 6.91 -47.54
CA GLN C 448 -35.90 6.48 -47.58
C GLN C 448 -36.64 7.42 -48.56
N LYS C 449 -37.67 6.91 -49.25
CA LYS C 449 -38.39 7.60 -50.34
C LYS C 449 -39.51 8.59 -49.95
N TYR C 450 -39.74 8.87 -48.65
CA TYR C 450 -40.86 9.75 -48.29
C TYR C 450 -40.46 11.14 -47.73
N LEU C 451 -39.33 11.71 -48.23
CA LEU C 451 -38.80 13.05 -47.89
C LEU C 451 -38.45 13.22 -46.39
N ALA C 452 -38.02 14.44 -46.02
CA ALA C 452 -37.75 14.81 -44.63
C ALA C 452 -39.11 15.17 -44.03
N SER C 453 -39.83 14.13 -43.59
CA SER C 453 -41.19 14.21 -43.06
C SER C 453 -41.38 13.29 -41.87
N MET C 454 -42.59 13.32 -41.25
CA MET C 454 -42.96 12.43 -40.16
C MET C 454 -42.98 10.99 -40.66
N GLU C 455 -43.44 10.79 -41.91
CA GLU C 455 -43.50 9.50 -42.60
C GLU C 455 -42.08 8.98 -42.84
N GLY C 456 -41.19 9.89 -43.26
CA GLY C 456 -39.79 9.59 -43.49
C GLY C 456 -39.09 9.12 -42.23
N ALA C 457 -39.37 9.82 -41.11
CA ALA C 457 -38.85 9.53 -39.78
C ALA C 457 -39.29 8.13 -39.33
N VAL C 458 -40.62 7.83 -39.39
CA VAL C 458 -41.20 6.54 -39.00
C VAL C 458 -40.65 5.41 -39.90
N LEU C 459 -40.61 5.63 -41.24
CA LEU C 459 -40.09 4.61 -42.17
C LEU C 459 -38.61 4.32 -41.89
N SER C 460 -37.79 5.36 -41.66
CA SER C 460 -36.35 5.18 -41.36
C SER C 460 -36.16 4.33 -40.09
N GLY C 461 -37.07 4.49 -39.13
CA GLY C 461 -37.09 3.71 -37.89
C GLY C 461 -37.38 2.25 -38.15
N LYS C 462 -38.40 1.97 -38.99
CA LYS C 462 -38.81 0.63 -39.43
C LYS C 462 -37.66 -0.03 -40.20
N LEU C 463 -36.99 0.74 -41.09
CA LEU C 463 -35.86 0.28 -41.90
C LEU C 463 -34.64 0.00 -41.03
N CYS C 464 -34.45 0.80 -39.96
CA CYS C 464 -33.33 0.63 -39.02
C CYS C 464 -33.51 -0.64 -38.22
N ALA C 465 -34.70 -0.82 -37.59
CA ALA C 465 -35.06 -1.99 -36.80
C ALA C 465 -34.94 -3.28 -37.64
N GLN C 466 -35.31 -3.19 -38.94
CA GLN C 466 -35.25 -4.27 -39.93
C GLN C 466 -33.79 -4.69 -40.17
N SER C 467 -32.87 -3.72 -40.31
CA SER C 467 -31.45 -3.96 -40.55
C SER C 467 -30.78 -4.59 -39.32
N VAL C 468 -31.21 -4.22 -38.10
CA VAL C 468 -30.68 -4.73 -36.84
C VAL C 468 -31.09 -6.21 -36.69
N VAL C 469 -32.38 -6.55 -36.92
CA VAL C 469 -32.89 -7.92 -36.80
C VAL C 469 -32.30 -8.82 -37.92
N GLU C 470 -31.96 -8.25 -39.09
CA GLU C 470 -31.34 -8.98 -40.20
C GLU C 470 -29.92 -9.42 -39.82
N ASP C 471 -29.25 -8.61 -38.99
CA ASP C 471 -27.88 -8.87 -38.52
C ASP C 471 -27.84 -9.52 -37.13
N TYR C 472 -28.98 -10.07 -36.65
CA TYR C 472 -29.10 -10.71 -35.33
C TYR C 472 -28.00 -11.74 -35.06
N LYS C 473 -27.73 -12.65 -36.02
CA LYS C 473 -26.73 -13.72 -35.91
C LYS C 473 -25.33 -13.15 -35.67
N MET C 474 -24.94 -12.12 -36.45
CA MET C 474 -23.65 -11.46 -36.35
C MET C 474 -23.55 -10.59 -35.07
N LEU C 475 -24.66 -9.97 -34.64
CA LEU C 475 -24.70 -9.12 -33.45
C LEU C 475 -24.71 -9.92 -32.16
N SER C 476 -25.28 -11.15 -32.16
CA SER C 476 -25.34 -12.03 -30.99
C SER C 476 -24.00 -12.73 -30.75
N ARG C 477 -23.29 -13.11 -31.82
CA ARG C 477 -21.98 -13.77 -31.77
C ARG C 477 -20.91 -12.78 -31.26
N ARG C 478 -21.00 -11.50 -31.69
CA ARG C 478 -20.08 -10.43 -31.31
C ARG C 478 -20.15 -10.11 -29.80
N SER C 479 -21.32 -10.32 -29.18
CA SER C 479 -21.61 -10.12 -27.75
C SER C 479 -20.85 -11.09 -26.86
N LEU C 480 -20.77 -12.37 -27.29
CA LEU C 480 -20.12 -13.48 -26.59
C LEU C 480 -18.63 -13.54 -26.86
N LYS C 481 -18.15 -12.99 -28.01
CA LYS C 481 -16.72 -12.95 -28.35
C LYS C 481 -16.00 -11.95 -27.43
N SER C 482 -16.67 -10.84 -27.08
CA SER C 482 -16.16 -9.79 -26.18
C SER C 482 -16.19 -10.28 -24.72
N LEU C 483 -17.14 -11.19 -24.40
CA LEU C 483 -17.33 -11.80 -23.07
C LEU C 483 -16.14 -12.69 -22.68
N GLN C 484 -15.42 -13.24 -23.70
CA GLN C 484 -14.26 -14.10 -23.54
C GLN C 484 -12.99 -13.31 -23.19
N THR D 15 54.02 31.75 -14.26
CA THR D 15 55.02 32.52 -15.01
C THR D 15 55.96 33.21 -14.01
N LYS D 16 55.39 33.92 -13.01
CA LYS D 16 56.11 34.59 -11.93
C LYS D 16 55.42 34.22 -10.59
N PRO D 17 56.16 33.58 -9.64
CA PRO D 17 55.51 33.18 -8.37
C PRO D 17 55.07 34.36 -7.51
N LEU D 18 53.88 34.24 -6.89
CA LEU D 18 53.34 35.28 -6.02
C LEU D 18 54.03 35.25 -4.66
N GLN D 19 54.25 36.44 -4.09
CA GLN D 19 54.82 36.59 -2.75
C GLN D 19 53.63 36.84 -1.82
N VAL D 20 53.25 35.84 -1.02
CA VAL D 20 52.08 35.94 -0.14
C VAL D 20 52.53 36.07 1.31
N VAL D 21 52.16 37.19 1.95
CA VAL D 21 52.50 37.46 3.35
C VAL D 21 51.38 36.90 4.23
N ILE D 22 51.69 35.92 5.10
CA ILE D 22 50.71 35.29 5.99
C ILE D 22 51.02 35.67 7.45
N ALA D 23 49.99 36.19 8.16
CA ALA D 23 50.09 36.59 9.57
C ALA D 23 49.55 35.48 10.50
N GLY D 24 50.47 34.76 11.14
CA GLY D 24 50.13 33.70 12.09
C GLY D 24 50.47 32.30 11.61
N ALA D 25 51.34 31.61 12.37
CA ALA D 25 51.79 30.25 12.05
C ALA D 25 51.09 29.19 12.92
N GLY D 26 49.77 29.23 12.93
CA GLY D 26 48.92 28.22 13.56
C GLY D 26 48.69 27.18 12.48
N LEU D 27 47.80 26.20 12.71
CA LEU D 27 47.55 25.18 11.67
C LEU D 27 46.99 25.80 10.37
N ALA D 28 46.21 26.91 10.47
CA ALA D 28 45.63 27.59 9.31
C ALA D 28 46.70 28.27 8.47
N GLY D 29 47.62 29.01 9.13
CA GLY D 29 48.73 29.70 8.49
C GLY D 29 49.74 28.73 7.90
N LEU D 30 50.08 27.67 8.67
CA LEU D 30 51.01 26.63 8.23
C LEU D 30 50.45 25.89 7.01
N SER D 31 49.13 25.61 7.02
CA SER D 31 48.44 24.95 5.92
C SER D 31 48.39 25.86 4.68
N THR D 32 48.10 27.18 4.85
CA THR D 32 48.07 28.15 3.75
C THR D 32 49.44 28.18 3.06
N ALA D 33 50.52 28.27 3.86
CA ALA D 33 51.91 28.29 3.40
C ALA D 33 52.29 27.00 2.67
N LYS D 34 51.89 25.83 3.20
CA LYS D 34 52.16 24.49 2.64
C LYS D 34 51.56 24.36 1.22
N TYR D 35 50.26 24.67 1.06
CA TYR D 35 49.58 24.53 -0.22
C TYR D 35 49.92 25.65 -1.22
N LEU D 36 50.38 26.83 -0.75
CA LEU D 36 50.82 27.89 -1.67
C LEU D 36 52.19 27.52 -2.25
N ALA D 37 53.05 26.89 -1.43
CA ALA D 37 54.38 26.41 -1.82
C ALA D 37 54.26 25.27 -2.84
N ASP D 38 53.24 24.40 -2.66
CA ASP D 38 52.93 23.28 -3.56
C ASP D 38 52.48 23.80 -4.93
N ALA D 39 51.81 24.96 -4.95
CA ALA D 39 51.31 25.62 -6.15
C ALA D 39 52.42 26.38 -6.90
N GLY D 40 53.61 26.43 -6.30
CA GLY D 40 54.79 27.09 -6.87
C GLY D 40 54.97 28.55 -6.48
N HIS D 41 54.23 29.03 -5.47
CA HIS D 41 54.30 30.41 -5.00
C HIS D 41 55.27 30.53 -3.81
N LYS D 42 55.59 31.79 -3.41
CA LYS D 42 56.51 32.06 -2.31
C LYS D 42 55.77 32.60 -1.07
N PRO D 43 55.40 31.73 -0.10
CA PRO D 43 54.75 32.24 1.12
C PRO D 43 55.76 32.79 2.12
N ILE D 44 55.39 33.87 2.81
CA ILE D 44 56.18 34.49 3.88
C ILE D 44 55.30 34.42 5.14
N LEU D 45 55.52 33.38 5.94
CA LEU D 45 54.79 33.07 7.16
C LEU D 45 55.44 33.77 8.35
N LEU D 46 54.70 34.73 8.93
CA LEU D 46 55.15 35.54 10.07
C LEU D 46 54.39 35.18 11.34
N GLU D 47 55.09 34.59 12.33
CA GLU D 47 54.54 34.20 13.62
C GLU D 47 54.94 35.19 14.70
N ALA D 48 53.95 35.70 15.45
CA ALA D 48 54.13 36.65 16.56
C ALA D 48 55.02 36.14 17.69
N ARG D 49 54.86 34.86 18.07
CA ARG D 49 55.56 34.27 19.21
C ARG D 49 56.83 33.51 18.82
N ASP D 50 57.53 32.95 19.82
CA ASP D 50 58.75 32.16 19.66
C ASP D 50 58.40 30.64 19.62
N VAL D 51 57.15 30.33 19.26
CA VAL D 51 56.63 28.96 19.19
C VAL D 51 55.65 28.85 17.99
N LEU D 52 55.65 27.68 17.34
CA LEU D 52 54.75 27.39 16.22
C LEU D 52 53.48 26.67 16.73
N GLY D 53 52.40 26.74 15.96
CA GLY D 53 51.18 26.01 16.26
C GLY D 53 49.96 26.75 16.73
N GLY D 54 50.18 27.85 17.44
CA GLY D 54 49.10 28.65 17.97
C GLY D 54 48.40 27.96 19.12
N LYS D 55 47.15 27.55 18.89
CA LYS D 55 46.35 26.86 19.90
C LYS D 55 46.81 25.38 20.06
N ILE D 56 47.80 24.92 19.27
CA ILE D 56 48.36 23.58 19.41
C ILE D 56 49.83 23.69 19.93
N ALA D 57 50.32 24.92 20.19
CA ALA D 57 51.67 25.16 20.70
C ALA D 57 51.92 24.49 22.05
N ALA D 58 53.17 24.06 22.26
CA ALA D 58 53.65 23.42 23.48
C ALA D 58 55.01 23.99 23.86
N TRP D 59 55.39 23.89 25.14
CA TRP D 59 56.65 24.41 25.65
C TRP D 59 57.34 23.39 26.54
N LYS D 60 58.69 23.32 26.45
CA LYS D 60 59.53 22.43 27.25
C LYS D 60 60.02 23.20 28.48
N ASP D 61 59.71 22.70 29.69
CA ASP D 61 60.14 23.37 30.92
C ASP D 61 61.60 22.97 31.30
N GLU D 62 62.12 23.51 32.42
CA GLU D 62 63.49 23.30 32.93
C GLU D 62 63.87 21.81 33.06
N ASP D 63 62.93 20.96 33.53
CA ASP D 63 63.12 19.52 33.72
C ASP D 63 63.05 18.73 32.39
N GLY D 64 62.77 19.42 31.28
CA GLY D 64 62.67 18.84 29.95
C GLY D 64 61.33 18.22 29.62
N ASP D 65 60.28 18.52 30.42
CA ASP D 65 58.92 18.01 30.23
C ASP D 65 58.07 19.03 29.49
N TRP D 66 57.29 18.56 28.52
CA TRP D 66 56.41 19.39 27.71
C TRP D 66 55.03 19.59 28.33
N TYR D 67 54.48 20.81 28.15
CA TYR D 67 53.14 21.22 28.55
C TYR D 67 52.52 21.91 27.33
N GLU D 68 51.25 21.59 27.05
CA GLU D 68 50.55 22.04 25.86
C GLU D 68 49.46 23.09 26.12
N THR D 69 49.05 23.80 25.05
CA THR D 69 47.97 24.79 25.07
C THR D 69 46.65 24.03 25.32
N GLY D 70 46.55 22.82 24.77
CA GLY D 70 45.40 21.95 24.95
C GLY D 70 45.59 20.48 24.65
N LEU D 71 44.63 19.67 25.10
CA LEU D 71 44.54 18.23 24.86
C LEU D 71 43.88 18.08 23.50
N HIS D 72 44.66 17.70 22.48
CA HIS D 72 44.15 17.60 21.12
C HIS D 72 43.94 16.16 20.69
N ILE D 73 42.76 15.89 20.13
CA ILE D 73 42.33 14.59 19.63
C ILE D 73 42.09 14.71 18.14
N PHE D 74 42.69 13.79 17.38
CA PHE D 74 42.54 13.66 15.94
C PHE D 74 41.48 12.59 15.69
N PHE D 75 40.57 12.84 14.74
CA PHE D 75 39.48 11.91 14.43
C PHE D 75 39.65 11.32 13.05
N GLY D 76 39.02 10.16 12.81
CA GLY D 76 39.03 9.51 11.50
C GLY D 76 38.34 10.37 10.47
N ALA D 77 37.28 11.10 10.91
CA ALA D 77 36.49 12.03 10.09
C ALA D 77 37.16 13.43 9.97
N TYR D 78 38.50 13.42 9.84
CA TYR D 78 39.34 14.60 9.63
C TYR D 78 40.06 14.37 8.30
N PRO D 79 39.36 14.47 7.13
CA PRO D 79 40.01 14.13 5.84
C PRO D 79 41.20 15.02 5.44
N ASN D 80 41.15 16.34 5.69
CA ASN D 80 42.23 17.25 5.30
C ASN D 80 43.48 17.06 6.17
N ILE D 81 43.30 16.67 7.46
CA ILE D 81 44.39 16.39 8.39
C ILE D 81 45.09 15.10 7.92
N GLN D 82 44.30 14.04 7.57
CA GLN D 82 44.80 12.74 7.07
C GLN D 82 45.63 12.96 5.81
N ASN D 83 45.14 13.81 4.88
CA ASN D 83 45.81 14.16 3.63
C ASN D 83 47.16 14.82 3.90
N LEU D 84 47.19 15.84 4.81
CA LEU D 84 48.39 16.59 5.20
C LEU D 84 49.46 15.65 5.79
N PHE D 85 49.08 14.79 6.74
CA PHE D 85 49.97 13.82 7.39
C PHE D 85 50.56 12.86 6.35
N GLY D 86 49.73 12.42 5.39
CA GLY D 86 50.12 11.54 4.30
C GLY D 86 51.08 12.19 3.34
N GLU D 87 50.79 13.47 2.97
CA GLU D 87 51.60 14.30 2.07
C GLU D 87 53.01 14.55 2.65
N LEU D 88 53.12 14.64 3.99
CA LEU D 88 54.38 14.86 4.70
C LEU D 88 55.00 13.54 5.15
N GLY D 89 54.29 12.43 4.94
CA GLY D 89 54.73 11.08 5.29
C GLY D 89 54.94 10.87 6.77
N ILE D 90 54.03 11.42 7.60
CA ILE D 90 54.09 11.34 9.06
C ILE D 90 52.83 10.67 9.65
N ASN D 91 52.18 9.77 8.88
CA ASN D 91 50.96 9.03 9.29
C ASN D 91 51.18 8.21 10.58
N ASP D 92 52.40 7.69 10.75
CA ASP D 92 52.81 6.88 11.90
C ASP D 92 52.92 7.71 13.20
N ARG D 93 52.82 9.06 13.12
CA ARG D 93 52.90 9.96 14.26
C ARG D 93 51.54 10.08 14.98
N LEU D 94 50.48 9.46 14.42
CA LEU D 94 49.14 9.41 15.03
C LEU D 94 48.95 8.06 15.70
N GLN D 95 48.79 8.07 17.02
CA GLN D 95 48.59 6.88 17.83
C GLN D 95 47.08 6.62 17.98
N TRP D 96 46.51 5.83 17.03
CA TRP D 96 45.08 5.48 17.03
C TRP D 96 44.74 4.58 18.20
N LYS D 97 43.70 4.96 18.95
CA LYS D 97 43.27 4.21 20.13
C LYS D 97 42.06 3.31 19.77
N GLU D 98 41.61 2.46 20.73
CA GLU D 98 40.48 1.54 20.58
C GLU D 98 39.21 2.31 20.15
N HIS D 99 38.34 1.71 19.32
CA HIS D 99 37.11 2.39 18.91
C HIS D 99 36.09 2.31 20.05
N SER D 100 36.29 3.17 21.07
CA SER D 100 35.48 3.26 22.28
C SER D 100 35.35 4.69 22.77
N MET D 101 34.32 4.94 23.58
CA MET D 101 34.02 6.23 24.18
C MET D 101 33.84 5.98 25.66
N ILE D 102 34.92 6.20 26.45
CA ILE D 102 34.88 5.88 27.88
C ILE D 102 34.45 7.12 28.67
N PHE D 103 33.38 6.96 29.45
CA PHE D 103 32.75 7.98 30.29
C PHE D 103 32.83 7.60 31.75
N ALA D 104 33.04 8.58 32.62
CA ALA D 104 33.08 8.34 34.06
C ALA D 104 31.66 8.29 34.63
N MET D 105 31.50 7.69 35.82
CA MET D 105 30.22 7.60 36.50
C MET D 105 30.20 8.56 37.68
N PRO D 106 29.55 9.74 37.57
CA PRO D 106 29.54 10.69 38.69
C PRO D 106 28.84 10.13 39.95
N ASN D 107 27.79 9.33 39.75
CA ASN D 107 27.00 8.68 40.82
C ASN D 107 27.82 7.57 41.51
N LYS D 108 28.69 6.87 40.75
CA LYS D 108 29.53 5.78 41.24
C LYS D 108 31.03 6.14 41.10
N PRO D 109 31.62 6.84 42.11
CA PRO D 109 33.03 7.27 42.01
C PRO D 109 34.00 6.12 41.71
N GLY D 110 34.90 6.36 40.76
CA GLY D 110 35.92 5.40 40.34
C GLY D 110 35.47 4.47 39.22
N GLU D 111 34.15 4.38 39.01
CA GLU D 111 33.56 3.52 37.98
C GLU D 111 33.45 4.26 36.64
N PHE D 112 33.60 3.50 35.55
CA PHE D 112 33.54 3.99 34.18
C PHE D 112 32.62 3.13 33.32
N SER D 113 31.89 3.78 32.41
CA SER D 113 30.99 3.17 31.44
C SER D 113 31.52 3.46 30.04
N ARG D 114 31.22 2.62 29.06
CA ARG D 114 31.77 2.88 27.73
C ARG D 114 30.86 2.43 26.57
N PHE D 115 31.05 3.06 25.40
CA PHE D 115 30.37 2.75 24.15
C PHE D 115 31.39 2.11 23.24
N ASP D 116 31.31 0.78 23.06
CA ASP D 116 32.25 0.05 22.22
C ASP D 116 31.68 -0.13 20.82
N PHE D 117 32.45 0.27 19.82
CA PHE D 117 32.06 0.22 18.42
C PHE D 117 32.64 -1.03 17.75
N PRO D 118 31.80 -2.06 17.46
CA PRO D 118 32.32 -3.31 16.84
C PRO D 118 32.96 -3.05 15.48
N GLU D 119 34.18 -3.59 15.31
CA GLU D 119 34.96 -3.40 14.09
C GLU D 119 34.42 -4.21 12.90
N THR D 120 33.44 -5.09 13.16
CA THR D 120 32.80 -5.94 12.15
C THR D 120 31.54 -5.28 11.57
N LEU D 121 30.90 -4.39 12.35
CA LEU D 121 29.70 -3.65 11.95
C LEU D 121 30.07 -2.33 11.27
N PRO D 122 29.43 -1.96 10.14
CA PRO D 122 29.74 -0.67 9.51
C PRO D 122 29.01 0.49 10.19
N ALA D 123 29.25 1.73 9.72
CA ALA D 123 28.57 2.91 10.26
C ALA D 123 27.19 3.05 9.61
N PRO D 124 26.11 3.40 10.34
CA PRO D 124 26.04 3.76 11.78
C PRO D 124 25.67 2.59 12.69
N LEU D 125 25.73 1.35 12.18
CA LEU D 125 25.37 0.15 12.93
C LEU D 125 26.25 -0.05 14.15
N ASN D 126 27.57 0.23 14.02
CA ASN D 126 28.54 0.11 15.12
C ASN D 126 28.15 1.06 16.26
N GLY D 127 27.67 2.25 15.90
CA GLY D 127 27.19 3.27 16.83
C GLY D 127 25.90 2.87 17.52
N ILE D 128 24.91 2.40 16.71
CA ILE D 128 23.61 1.94 17.17
C ILE D 128 23.84 0.79 18.17
N TRP D 129 24.74 -0.16 17.81
CA TRP D 129 25.10 -1.30 18.65
C TRP D 129 25.71 -0.86 19.98
N ALA D 130 26.65 0.12 19.95
CA ALA D 130 27.34 0.65 21.13
C ALA D 130 26.34 1.17 22.16
N ILE D 131 25.30 1.92 21.69
CA ILE D 131 24.24 2.49 22.52
C ILE D 131 23.34 1.36 23.04
N LEU D 132 22.97 0.40 22.17
CA LEU D 132 22.13 -0.74 22.53
C LEU D 132 22.79 -1.65 23.58
N ARG D 133 24.11 -1.93 23.43
CA ARG D 133 24.91 -2.77 24.33
C ARG D 133 25.10 -2.10 25.70
N ASN D 134 25.34 -0.78 25.75
CA ASN D 134 25.54 -0.05 27.01
C ASN D 134 24.25 -0.04 27.83
N ASN D 135 24.34 -0.44 29.11
CA ASN D 135 23.17 -0.53 29.97
C ASN D 135 23.23 0.39 31.21
N GLU D 136 24.37 1.07 31.45
CA GLU D 136 24.47 1.90 32.65
C GLU D 136 24.38 3.41 32.36
N MET D 137 24.36 3.84 31.09
CA MET D 137 24.26 5.27 30.77
C MET D 137 22.89 5.69 30.23
N LEU D 138 22.08 4.74 29.74
CA LEU D 138 20.73 5.02 29.21
C LEU D 138 19.77 3.88 29.49
N THR D 139 18.53 4.21 29.89
CA THR D 139 17.47 3.21 30.10
C THR D 139 16.88 2.88 28.73
N TRP D 140 16.20 1.72 28.60
CA TRP D 140 15.59 1.31 27.33
C TRP D 140 14.55 2.34 26.82
N PRO D 141 13.64 2.92 27.67
CA PRO D 141 12.74 3.97 27.17
C PRO D 141 13.49 5.20 26.62
N GLU D 142 14.56 5.63 27.36
CA GLU D 142 15.43 6.75 27.00
C GLU D 142 16.10 6.51 25.65
N LYS D 143 16.54 5.25 25.39
CA LYS D 143 17.16 4.84 24.14
C LYS D 143 16.21 4.98 22.95
N VAL D 144 14.91 4.67 23.17
CA VAL D 144 13.84 4.74 22.15
C VAL D 144 13.54 6.20 21.80
N LYS D 145 13.33 7.04 22.83
CA LYS D 145 13.06 8.48 22.68
C LYS D 145 14.23 9.21 21.99
N PHE D 146 15.47 8.80 22.32
CA PHE D 146 16.72 9.34 21.75
C PHE D 146 16.83 8.98 20.27
N ALA D 147 16.53 7.70 19.93
CA ALA D 147 16.53 7.20 18.54
C ALA D 147 15.44 7.90 17.71
N LEU D 148 14.25 8.12 18.31
CA LEU D 148 13.14 8.83 17.66
C LEU D 148 13.52 10.27 17.37
N GLY D 149 14.06 10.96 18.37
CA GLY D 149 14.49 12.35 18.26
C GLY D 149 15.60 12.62 17.26
N LEU D 150 16.52 11.66 17.08
CA LEU D 150 17.66 11.81 16.19
C LEU D 150 17.45 11.25 14.79
N LEU D 151 16.53 10.28 14.58
CA LEU D 151 16.30 9.70 13.25
C LEU D 151 16.05 10.78 12.17
N PRO D 152 15.16 11.80 12.34
CA PRO D 152 14.99 12.80 11.26
C PRO D 152 16.28 13.54 10.95
N ALA D 153 17.10 13.83 11.99
CA ALA D 153 18.37 14.54 11.86
C ALA D 153 19.41 13.78 11.06
N MET D 154 19.62 12.47 11.35
CA MET D 154 20.61 11.65 10.63
C MET D 154 20.23 11.42 9.15
N VAL D 155 18.92 11.37 8.85
CA VAL D 155 18.40 11.21 7.48
C VAL D 155 18.57 12.54 6.70
N GLY D 156 18.59 13.66 7.44
CA GLY D 156 18.72 15.01 6.89
C GLY D 156 20.01 15.33 6.17
N GLY D 157 19.91 16.24 5.20
CA GLY D 157 21.04 16.71 4.40
C GLY D 157 21.75 17.91 5.00
N GLN D 158 22.63 18.54 4.20
CA GLN D 158 23.40 19.73 4.61
C GLN D 158 22.48 20.91 4.92
N ALA D 159 21.44 21.12 4.09
CA ALA D 159 20.46 22.20 4.27
C ALA D 159 19.74 22.10 5.62
N TYR D 160 19.49 20.85 6.06
CA TYR D 160 18.84 20.58 7.34
C TYR D 160 19.73 20.99 8.52
N VAL D 161 21.02 20.58 8.50
CA VAL D 161 21.94 20.87 9.61
C VAL D 161 22.16 22.39 9.75
N GLU D 162 22.20 23.14 8.62
CA GLU D 162 22.37 24.59 8.62
C GLU D 162 21.17 25.29 9.25
N ALA D 163 19.96 24.71 9.08
CA ALA D 163 18.71 25.23 9.64
C ALA D 163 18.62 25.04 11.16
N GLN D 164 19.49 24.18 11.73
CA GLN D 164 19.50 23.89 13.17
C GLN D 164 20.40 24.86 13.94
N ASP D 165 21.12 25.76 13.22
CA ASP D 165 22.03 26.75 13.81
C ASP D 165 21.30 27.81 14.65
N GLY D 166 19.97 27.88 14.55
CA GLY D 166 19.17 28.83 15.32
C GLY D 166 18.82 28.36 16.73
N PHE D 167 19.08 27.07 17.01
CA PHE D 167 18.76 26.45 18.30
C PHE D 167 19.98 26.10 19.13
N THR D 168 19.81 26.09 20.47
CA THR D 168 20.85 25.60 21.37
C THR D 168 20.68 24.07 21.40
N VAL D 169 21.65 23.33 21.95
CA VAL D 169 21.58 21.87 22.04
C VAL D 169 20.40 21.51 22.96
N SER D 170 20.30 22.12 24.15
CA SER D 170 19.22 21.91 25.12
C SER D 170 17.82 22.18 24.51
N GLU D 171 17.68 23.25 23.69
CA GLU D 171 16.42 23.64 23.01
C GLU D 171 15.96 22.59 22.01
N TRP D 172 16.85 22.18 21.08
CA TRP D 172 16.58 21.20 20.03
C TRP D 172 16.29 19.81 20.61
N MET D 173 17.01 19.39 21.66
CA MET D 173 16.81 18.09 22.30
C MET D 173 15.41 17.99 22.90
N LYS D 174 14.92 19.09 23.51
CA LYS D 174 13.58 19.18 24.12
C LYS D 174 12.49 19.09 23.03
N LYS D 175 12.69 19.81 21.90
CA LYS D 175 11.78 19.85 20.76
C LYS D 175 11.65 18.46 20.10
N GLN D 176 12.79 17.74 19.90
CA GLN D 176 12.80 16.43 19.26
C GLN D 176 12.39 15.31 20.23
N GLY D 177 12.09 15.66 21.47
CA GLY D 177 11.62 14.71 22.49
C GLY D 177 12.68 13.85 23.13
N VAL D 178 13.98 14.20 22.93
CA VAL D 178 15.12 13.51 23.54
C VAL D 178 15.03 13.82 25.05
N PRO D 179 15.01 12.78 25.93
CA PRO D 179 14.83 13.04 27.38
C PRO D 179 15.87 14.02 27.92
N ASP D 180 15.45 14.85 28.88
CA ASP D 180 16.30 15.85 29.51
C ASP D 180 17.49 15.20 30.19
N ARG D 181 17.35 13.95 30.68
CA ARG D 181 18.44 13.22 31.32
C ARG D 181 19.51 12.82 30.29
N VAL D 182 19.13 12.54 29.03
CA VAL D 182 20.07 12.18 27.95
C VAL D 182 20.93 13.40 27.60
N ASN D 183 20.31 14.60 27.54
CA ASN D 183 20.98 15.86 27.24
C ASN D 183 21.99 16.19 28.34
N ASP D 184 21.66 15.86 29.60
CA ASP D 184 22.49 16.13 30.78
C ASP D 184 23.57 15.04 31.00
N GLU D 185 23.25 13.78 30.69
CA GLU D 185 24.19 12.68 30.85
C GLU D 185 25.20 12.64 29.71
N VAL D 186 24.72 12.47 28.47
CA VAL D 186 25.55 12.32 27.28
C VAL D 186 26.00 13.65 26.65
N PHE D 187 25.07 14.58 26.39
CA PHE D 187 25.41 15.77 25.62
C PHE D 187 26.12 16.89 26.41
N ILE D 188 26.13 16.89 27.77
CA ILE D 188 26.93 17.90 28.48
C ILE D 188 28.42 17.62 28.15
N ALA D 189 28.82 16.33 28.20
CA ALA D 189 30.14 15.83 27.90
C ALA D 189 30.58 16.15 26.47
N MET D 190 29.69 15.96 25.48
CA MET D 190 29.99 16.20 24.08
C MET D 190 30.10 17.71 23.76
N SER D 191 29.25 18.54 24.38
CA SER D 191 29.25 20.00 24.21
C SER D 191 30.55 20.62 24.71
N LYS D 192 30.99 20.24 25.93
CA LYS D 192 32.23 20.73 26.55
C LYS D 192 33.44 20.23 25.78
N ALA D 193 33.34 19.04 25.18
CA ALA D 193 34.42 18.46 24.41
C ALA D 193 34.66 19.25 23.15
N LEU D 194 33.59 19.63 22.42
CA LEU D 194 33.68 20.33 21.14
C LEU D 194 33.94 21.85 21.23
N ASN D 195 33.36 22.56 22.23
CA ASN D 195 33.52 24.02 22.26
C ASN D 195 33.68 24.60 23.67
N PHE D 196 33.92 23.75 24.68
CA PHE D 196 34.20 24.11 26.09
C PHE D 196 33.03 24.86 26.77
N ILE D 197 31.80 24.68 26.27
CA ILE D 197 30.59 25.30 26.81
C ILE D 197 29.48 24.23 26.96
N ASN D 198 28.51 24.48 27.84
CA ASN D 198 27.40 23.56 28.13
C ASN D 198 26.35 23.54 26.99
N PRO D 199 25.48 22.49 26.90
CA PRO D 199 24.49 22.42 25.81
C PRO D 199 23.43 23.53 25.79
N ASP D 200 23.22 24.25 26.92
CA ASP D 200 22.24 25.35 26.98
C ASP D 200 22.74 26.61 26.22
N GLU D 201 24.03 26.65 25.83
CA GLU D 201 24.66 27.76 25.11
C GLU D 201 25.12 27.39 23.69
N LEU D 202 25.57 26.13 23.50
CA LEU D 202 26.13 25.65 22.22
C LEU D 202 25.06 25.49 21.14
N SER D 203 25.41 25.82 19.88
CA SER D 203 24.55 25.68 18.71
C SER D 203 24.38 24.20 18.38
N MET D 204 23.15 23.80 17.98
CA MET D 204 22.87 22.39 17.63
C MET D 204 23.64 21.98 16.37
N GLN D 205 23.96 22.93 15.47
CA GLN D 205 24.71 22.63 14.24
C GLN D 205 26.06 22.01 14.58
N CYS D 206 26.67 22.44 15.70
CA CYS D 206 27.96 21.95 16.17
C CYS D 206 27.87 20.44 16.50
N ILE D 207 26.86 20.03 17.28
CA ILE D 207 26.63 18.63 17.69
C ILE D 207 26.30 17.76 16.46
N LEU D 208 25.52 18.28 15.51
CA LEU D 208 25.14 17.52 14.31
C LEU D 208 26.34 17.22 13.41
N ILE D 209 27.32 18.14 13.31
CA ILE D 209 28.53 17.94 12.50
C ILE D 209 29.40 16.89 13.20
N ALA D 210 29.40 16.89 14.55
CA ALA D 210 30.13 15.92 15.38
C ALA D 210 29.48 14.54 15.31
N LEU D 211 28.12 14.46 15.32
CA LEU D 211 27.39 13.20 15.23
C LEU D 211 27.50 12.61 13.84
N ASN D 212 27.84 13.42 12.83
CA ASN D 212 28.04 12.98 11.45
C ASN D 212 29.29 12.12 11.33
N ARG D 213 30.20 12.19 12.32
CA ARG D 213 31.43 11.38 12.36
C ARG D 213 31.06 9.92 12.59
N PHE D 214 29.98 9.69 13.35
CA PHE D 214 29.45 8.39 13.74
C PHE D 214 28.63 7.68 12.65
N LEU D 215 28.05 8.42 11.66
CA LEU D 215 27.22 7.77 10.65
C LEU D 215 27.83 7.77 9.24
N GLN D 216 28.74 8.70 8.92
CA GLN D 216 29.32 8.75 7.58
C GLN D 216 30.35 7.62 7.36
N GLU D 217 31.60 7.79 7.85
CA GLU D 217 32.67 6.79 7.74
C GLU D 217 32.61 5.82 8.92
N LYS D 218 33.10 4.59 8.71
CA LYS D 218 33.14 3.54 9.73
C LYS D 218 33.97 3.95 10.94
N HIS D 219 35.19 4.49 10.69
CA HIS D 219 36.13 4.91 11.74
C HIS D 219 36.15 6.44 11.93
N GLY D 220 35.10 7.11 11.51
CA GLY D 220 34.97 8.57 11.65
C GLY D 220 35.09 9.07 13.06
N SER D 221 34.49 8.32 14.02
CA SER D 221 34.50 8.64 15.45
C SER D 221 35.72 8.04 16.19
N LYS D 222 36.62 7.34 15.46
CA LYS D 222 37.81 6.76 16.06
C LYS D 222 38.79 7.91 16.39
N MET D 223 39.43 7.82 17.55
CA MET D 223 40.32 8.86 18.07
C MET D 223 41.81 8.50 18.01
N ALA D 224 42.66 9.54 17.90
CA ALA D 224 44.13 9.43 17.86
C ALA D 224 44.81 10.56 18.62
N PHE D 225 45.95 10.24 19.25
CA PHE D 225 46.82 11.16 19.96
C PHE D 225 48.08 11.36 19.14
N LEU D 226 48.65 12.59 19.12
CA LEU D 226 49.93 12.81 18.42
C LEU D 226 51.01 12.16 19.29
N ASP D 227 52.02 11.51 18.67
CA ASP D 227 53.08 10.76 19.37
C ASP D 227 54.06 11.64 20.20
N GLY D 228 53.92 12.96 20.14
CA GLY D 228 54.73 13.92 20.88
C GLY D 228 54.20 15.33 20.81
N ASN D 229 55.03 16.31 21.22
CA ASN D 229 54.65 17.73 21.23
C ASN D 229 54.33 18.21 19.80
N PRO D 230 53.23 18.96 19.62
CA PRO D 230 52.85 19.40 18.27
C PRO D 230 53.86 20.32 17.54
N PRO D 231 54.59 21.29 18.17
CA PRO D 231 55.54 22.11 17.38
C PRO D 231 56.64 21.29 16.68
N GLU D 232 57.20 20.28 17.36
CA GLU D 232 58.26 19.43 16.79
C GLU D 232 57.72 18.33 15.86
N ARG D 233 56.69 17.58 16.33
CA ARG D 233 56.13 16.43 15.62
C ARG D 233 55.19 16.77 14.45
N LEU D 234 54.55 17.95 14.45
CA LEU D 234 53.61 18.30 13.37
C LEU D 234 53.98 19.61 12.66
N CYS D 235 54.27 20.68 13.42
CA CYS D 235 54.57 22.00 12.85
C CYS D 235 55.91 22.03 12.11
N MET D 236 56.96 21.41 12.67
CA MET D 236 58.28 21.38 12.03
C MET D 236 58.21 20.68 10.65
N PRO D 237 57.62 19.45 10.49
CA PRO D 237 57.50 18.87 9.13
C PRO D 237 56.89 19.81 8.08
N ILE D 238 55.90 20.66 8.47
CA ILE D 238 55.25 21.63 7.56
C ILE D 238 56.25 22.76 7.23
N VAL D 239 56.97 23.29 8.26
CA VAL D 239 57.97 24.35 8.11
C VAL D 239 59.11 23.89 7.18
N ASP D 240 59.62 22.65 7.40
CA ASP D 240 60.68 22.04 6.59
C ASP D 240 60.25 21.92 5.12
N HIS D 241 58.99 21.53 4.88
CA HIS D 241 58.40 21.39 3.55
C HIS D 241 58.28 22.75 2.84
N VAL D 242 57.78 23.79 3.55
CA VAL D 242 57.60 25.15 3.03
C VAL D 242 58.95 25.75 2.66
N ARG D 243 59.96 25.61 3.55
CA ARG D 243 61.32 26.12 3.36
C ARG D 243 62.05 25.43 2.21
N SER D 244 61.83 24.11 2.02
CA SER D 244 62.46 23.34 0.94
C SER D 244 61.94 23.75 -0.45
N LEU D 245 60.75 24.39 -0.52
CA LEU D 245 60.14 24.83 -1.77
C LEU D 245 60.28 26.35 -2.00
N GLY D 246 61.11 27.01 -1.19
CA GLY D 246 61.39 28.44 -1.33
C GLY D 246 60.61 29.40 -0.46
N GLY D 247 59.77 28.86 0.42
CA GLY D 247 58.97 29.66 1.33
C GLY D 247 59.74 30.08 2.58
N GLU D 248 59.30 31.17 3.21
CA GLU D 248 59.94 31.71 4.42
C GLU D 248 59.02 31.57 5.64
N VAL D 249 59.60 31.13 6.77
CA VAL D 249 58.90 30.98 8.06
C VAL D 249 59.72 31.77 9.10
N ARG D 250 59.13 32.83 9.66
CA ARG D 250 59.82 33.68 10.64
C ARG D 250 59.05 33.83 11.95
N LEU D 251 59.71 33.48 13.08
CA LEU D 251 59.14 33.62 14.43
C LEU D 251 59.38 35.05 14.94
N ASN D 252 58.74 35.43 16.06
CA ASN D 252 58.85 36.75 16.72
C ASN D 252 58.62 37.91 15.72
N SER D 253 57.64 37.73 14.82
CA SER D 253 57.25 38.68 13.79
C SER D 253 55.75 39.01 13.92
N ARG D 254 55.41 39.80 14.97
CA ARG D 254 54.02 40.20 15.24
C ARG D 254 53.66 41.37 14.35
N ILE D 255 52.49 41.30 13.69
CA ILE D 255 51.97 42.37 12.84
C ILE D 255 51.32 43.37 13.78
N GLN D 256 51.82 44.61 13.75
CA GLN D 256 51.38 45.75 14.57
C GLN D 256 50.26 46.52 13.88
N LYS D 257 50.32 46.63 12.54
CA LYS D 257 49.33 47.38 11.75
C LYS D 257 49.21 46.90 10.31
N ILE D 258 47.98 46.98 9.78
CA ILE D 258 47.68 46.70 8.37
C ILE D 258 47.65 48.09 7.72
N GLU D 259 48.77 48.50 7.08
CA GLU D 259 48.86 49.81 6.41
C GLU D 259 48.18 49.73 5.06
N LEU D 260 47.38 50.74 4.73
CA LEU D 260 46.61 50.74 3.48
C LEU D 260 47.03 51.78 2.45
N ASN D 261 46.79 51.44 1.17
CA ASN D 261 46.97 52.33 0.02
C ASN D 261 45.77 53.30 -0.02
N PRO D 262 45.82 54.44 -0.76
CA PRO D 262 44.68 55.37 -0.74
C PRO D 262 43.33 54.77 -1.20
N ASP D 263 43.35 53.72 -2.07
CA ASP D 263 42.13 53.07 -2.58
C ASP D 263 41.48 52.11 -1.56
N GLY D 264 42.20 51.78 -0.48
CA GLY D 264 41.70 50.89 0.57
C GLY D 264 42.39 49.54 0.66
N THR D 265 43.12 49.13 -0.39
CA THR D 265 43.84 47.86 -0.45
C THR D 265 45.06 47.91 0.51
N VAL D 266 45.71 46.77 0.75
CA VAL D 266 46.86 46.70 1.68
C VAL D 266 48.15 47.19 1.00
N LYS D 267 48.83 48.15 1.65
CA LYS D 267 50.11 48.72 1.24
C LYS D 267 51.22 47.77 1.72
N HIS D 268 51.21 47.46 3.04
CA HIS D 268 52.14 46.55 3.70
C HIS D 268 51.63 46.17 5.09
N PHE D 269 52.28 45.16 5.69
CA PHE D 269 52.06 44.71 7.05
C PHE D 269 53.21 45.29 7.88
N ALA D 270 52.90 46.21 8.80
CA ALA D 270 53.93 46.80 9.65
C ALA D 270 54.14 45.92 10.88
N LEU D 271 55.38 45.43 11.08
CA LEU D 271 55.72 44.57 12.22
C LEU D 271 55.93 45.39 13.51
N THR D 272 56.11 44.68 14.63
CA THR D 272 56.29 45.26 15.95
C THR D 272 57.63 46.02 16.06
N ASP D 273 58.68 45.58 15.32
CA ASP D 273 60.00 46.23 15.30
C ASP D 273 60.09 47.32 14.20
N GLY D 274 58.95 47.67 13.60
CA GLY D 274 58.84 48.70 12.57
C GLY D 274 58.93 48.23 11.14
N THR D 275 59.54 47.04 10.91
CA THR D 275 59.75 46.44 9.59
C THR D 275 58.45 46.37 8.79
N GLN D 276 58.50 46.83 7.54
CA GLN D 276 57.34 46.79 6.65
C GLN D 276 57.53 45.63 5.68
N ILE D 277 56.56 44.70 5.66
CA ILE D 277 56.62 43.52 4.80
C ILE D 277 55.55 43.66 3.72
N THR D 278 55.97 43.53 2.45
CA THR D 278 55.12 43.65 1.27
C THR D 278 55.03 42.32 0.50
N GLY D 279 53.94 42.19 -0.24
CA GLY D 279 53.67 41.04 -1.08
C GLY D 279 52.62 41.34 -2.12
N ASP D 280 52.37 40.37 -3.01
CA ASP D 280 51.36 40.47 -4.06
C ASP D 280 49.98 40.19 -3.47
N ALA D 281 49.95 39.35 -2.42
CA ALA D 281 48.75 38.98 -1.65
C ALA D 281 49.08 38.96 -0.14
N TYR D 282 48.06 39.24 0.68
CA TYR D 282 48.17 39.27 2.14
C TYR D 282 47.11 38.36 2.77
N VAL D 283 47.51 37.54 3.76
CA VAL D 283 46.65 36.58 4.46
C VAL D 283 46.72 36.81 5.98
N PHE D 284 45.56 36.81 6.65
CA PHE D 284 45.48 36.91 8.09
C PHE D 284 44.96 35.58 8.63
N ALA D 285 45.89 34.75 9.12
CA ALA D 285 45.64 33.41 9.68
C ALA D 285 45.72 33.44 11.21
N THR D 286 45.38 34.60 11.76
CA THR D 286 45.36 34.94 13.17
C THR D 286 43.97 34.56 13.76
N PRO D 287 43.76 34.47 15.11
CA PRO D 287 42.40 34.22 15.62
C PRO D 287 41.51 35.43 15.34
N VAL D 288 40.18 35.22 15.26
CA VAL D 288 39.22 36.28 14.94
C VAL D 288 39.34 37.51 15.90
N ASP D 289 39.64 37.27 17.19
CA ASP D 289 39.77 38.32 18.21
C ASP D 289 40.91 39.30 17.88
N ILE D 290 42.05 38.77 17.42
CA ILE D 290 43.23 39.57 17.06
C ILE D 290 42.95 40.34 15.75
N LEU D 291 42.33 39.69 14.76
CA LEU D 291 41.99 40.32 13.48
C LEU D 291 41.04 41.50 13.70
N LYS D 292 39.98 41.32 14.51
CA LYS D 292 39.00 42.36 14.84
C LYS D 292 39.64 43.63 15.39
N LEU D 293 40.74 43.49 16.16
CA LEU D 293 41.45 44.63 16.73
C LEU D 293 42.36 45.32 15.70
N LEU D 294 42.85 44.55 14.70
CA LEU D 294 43.76 45.05 13.68
C LEU D 294 43.04 45.50 12.39
N VAL D 295 41.70 45.35 12.29
CA VAL D 295 40.95 45.78 11.10
C VAL D 295 41.06 47.31 10.94
N PRO D 296 41.57 47.82 9.78
CA PRO D 296 41.65 49.28 9.59
C PRO D 296 40.26 49.94 9.64
N GLN D 297 40.19 51.19 10.14
CA GLN D 297 38.96 51.97 10.33
C GLN D 297 38.08 52.05 9.07
N GLU D 298 38.71 52.10 7.89
CA GLU D 298 38.02 52.22 6.59
C GLU D 298 37.35 50.90 6.15
N TRP D 299 37.71 49.77 6.78
CA TRP D 299 37.13 48.45 6.50
C TRP D 299 36.00 48.11 7.46
N LYS D 300 36.05 48.68 8.69
CA LYS D 300 35.17 48.44 9.84
C LYS D 300 33.66 48.45 9.54
N GLU D 301 33.20 49.17 8.51
CA GLU D 301 31.77 49.21 8.19
C GLU D 301 31.37 48.28 7.03
N ILE D 302 32.33 47.54 6.45
CA ILE D 302 32.05 46.55 5.41
C ILE D 302 31.45 45.31 6.10
N SER D 303 30.27 44.86 5.61
CA SER D 303 29.49 43.73 6.12
C SER D 303 30.37 42.54 6.58
N TYR D 304 31.29 42.10 5.70
CA TYR D 304 32.26 41.02 5.91
C TYR D 304 33.02 41.14 7.23
N PHE D 305 33.53 42.36 7.55
CA PHE D 305 34.30 42.61 8.76
C PHE D 305 33.40 43.02 9.93
N LYS D 306 32.26 43.66 9.67
CA LYS D 306 31.33 44.08 10.72
C LYS D 306 30.61 42.87 11.35
N LYS D 307 30.31 41.82 10.55
CA LYS D 307 29.66 40.57 10.99
C LYS D 307 30.49 39.83 12.06
N LEU D 308 31.84 39.98 12.01
CA LEU D 308 32.81 39.33 12.89
C LEU D 308 32.62 39.66 14.38
N GLU D 309 31.78 40.66 14.71
CA GLU D 309 31.53 41.05 16.10
C GLU D 309 30.82 39.94 16.91
N LYS D 310 30.10 39.04 16.22
CA LYS D 310 29.37 37.92 16.81
C LYS D 310 30.34 36.82 17.24
N LEU D 311 31.45 36.63 16.49
CA LEU D 311 32.47 35.63 16.77
C LEU D 311 33.45 36.12 17.85
N VAL D 312 33.32 35.60 19.08
CA VAL D 312 34.16 35.96 20.23
C VAL D 312 34.80 34.67 20.80
N GLY D 313 36.11 34.71 21.09
CA GLY D 313 36.87 33.60 21.66
C GLY D 313 36.32 33.15 22.99
N VAL D 314 36.28 31.82 23.21
CA VAL D 314 35.75 31.23 24.43
C VAL D 314 36.91 30.93 25.43
N PRO D 315 36.77 31.23 26.76
CA PRO D 315 37.85 30.86 27.69
C PRO D 315 37.98 29.34 27.88
N VAL D 316 39.22 28.87 28.03
CA VAL D 316 39.56 27.47 28.28
C VAL D 316 40.88 27.42 29.09
N ILE D 317 41.04 26.38 29.92
CA ILE D 317 42.23 26.13 30.73
C ILE D 317 42.67 24.69 30.49
N ASN D 318 43.98 24.47 30.27
CA ASN D 318 44.54 23.14 30.10
C ASN D 318 45.48 22.88 31.27
N VAL D 319 45.09 21.93 32.15
CA VAL D 319 45.83 21.57 33.36
C VAL D 319 46.70 20.32 33.13
N HIS D 320 47.96 20.36 33.59
CA HIS D 320 48.90 19.23 33.54
C HIS D 320 49.34 18.93 34.95
N ILE D 321 49.23 17.67 35.39
CA ILE D 321 49.70 17.32 36.74
C ILE D 321 50.57 16.07 36.66
N TRP D 322 51.84 16.19 37.11
CA TRP D 322 52.79 15.07 37.20
C TRP D 322 52.73 14.53 38.62
N PHE D 323 52.43 13.23 38.76
CA PHE D 323 52.33 12.58 40.06
C PHE D 323 53.57 11.74 40.36
N ASP D 324 53.83 11.47 41.66
CA ASP D 324 54.99 10.69 42.10
C ASP D 324 54.91 9.21 41.67
N ARG D 325 53.70 8.61 41.72
CA ARG D 325 53.42 7.22 41.34
C ARG D 325 52.90 7.08 39.92
N LYS D 326 52.86 5.83 39.42
CA LYS D 326 52.21 5.49 38.16
C LYS D 326 50.84 4.96 38.57
N LEU D 327 49.76 5.58 38.07
CA LEU D 327 48.40 5.19 38.44
C LEU D 327 48.07 3.78 37.94
N LYS D 328 47.62 2.92 38.86
CA LYS D 328 47.27 1.53 38.59
C LYS D 328 45.98 1.42 37.74
N ASN D 329 45.00 2.32 37.96
CA ASN D 329 43.73 2.32 37.22
C ASN D 329 43.66 3.49 36.22
N THR D 330 44.25 3.30 35.01
CA THR D 330 44.24 4.28 33.91
C THR D 330 44.00 3.58 32.57
N TYR D 331 43.79 4.39 31.51
CA TYR D 331 43.49 3.92 30.17
C TYR D 331 44.44 4.50 29.13
N ASP D 332 44.64 3.75 28.03
CA ASP D 332 45.39 4.21 26.86
C ASP D 332 44.31 4.81 25.93
N HIS D 333 43.62 5.83 26.47
CA HIS D 333 42.51 6.50 25.81
C HIS D 333 42.20 7.86 26.42
N LEU D 334 41.28 8.58 25.77
CA LEU D 334 40.71 9.83 26.23
C LEU D 334 39.52 9.47 27.12
N LEU D 335 39.29 10.25 28.17
CA LEU D 335 38.19 9.99 29.10
C LEU D 335 37.32 11.22 29.28
N PHE D 336 36.00 11.01 29.30
CA PHE D 336 35.00 12.05 29.54
C PHE D 336 34.71 12.04 31.04
N SER D 337 35.26 13.02 31.77
CA SER D 337 35.14 13.11 33.22
C SER D 337 33.68 13.22 33.71
N ARG D 338 32.78 13.82 32.88
CA ARG D 338 31.36 14.09 33.17
C ARG D 338 31.26 14.89 34.48
N SER D 339 32.27 15.75 34.67
CA SER D 339 32.43 16.65 35.81
C SER D 339 31.80 17.99 35.48
N SER D 340 31.47 18.77 36.51
CA SER D 340 30.91 20.11 36.34
C SER D 340 32.02 21.14 36.05
N LEU D 341 33.28 20.85 36.48
CA LEU D 341 34.44 21.72 36.30
C LEU D 341 35.36 21.25 35.17
N LEU D 342 35.54 19.93 35.01
CA LEU D 342 36.41 19.39 33.96
C LEU D 342 35.62 18.85 32.75
N SER D 343 36.31 18.69 31.63
CA SER D 343 35.81 18.19 30.36
C SER D 343 36.53 16.84 30.10
N VAL D 344 37.28 16.73 29.01
CA VAL D 344 38.03 15.53 28.66
C VAL D 344 39.39 15.52 29.39
N TYR D 345 39.97 14.33 29.62
CA TYR D 345 41.27 14.17 30.25
C TYR D 345 41.94 12.89 29.74
N ALA D 346 43.27 12.77 29.92
CA ALA D 346 44.05 11.61 29.49
C ALA D 346 45.35 11.49 30.29
N ASP D 347 45.79 10.23 30.53
CA ASP D 347 47.07 9.94 31.16
C ASP D 347 48.09 9.93 30.03
N MET D 348 48.79 11.08 29.86
CA MET D 348 49.75 11.29 28.77
C MET D 348 50.96 10.38 28.85
N SER D 349 51.26 9.84 30.05
CA SER D 349 52.35 8.89 30.25
C SER D 349 52.00 7.51 29.64
N VAL D 350 50.72 7.30 29.27
CA VAL D 350 50.20 6.07 28.69
C VAL D 350 49.87 6.26 27.20
N THR D 351 49.17 7.36 26.86
CA THR D 351 48.67 7.69 25.52
C THR D 351 49.70 8.30 24.57
N CYS D 352 50.58 9.17 25.06
CA CYS D 352 51.58 9.84 24.24
C CYS D 352 52.93 9.11 24.31
N LYS D 353 53.51 8.79 23.15
CA LYS D 353 54.77 8.05 22.99
C LYS D 353 55.95 8.83 23.60
N GLU D 354 56.18 10.08 23.17
CA GLU D 354 57.25 10.97 23.65
C GLU D 354 57.10 11.33 25.13
N TYR D 355 55.86 11.26 25.68
CA TYR D 355 55.58 11.61 27.07
C TYR D 355 55.52 10.35 27.96
N TYR D 356 55.83 9.17 27.39
CA TYR D 356 55.80 7.88 28.11
C TYR D 356 56.78 7.85 29.28
N ASP D 357 56.29 7.38 30.43
CA ASP D 357 57.03 7.21 31.68
C ASP D 357 56.42 6.00 32.40
N PRO D 358 57.22 4.96 32.75
CA PRO D 358 56.63 3.76 33.34
C PRO D 358 56.38 3.83 34.84
N ASN D 359 57.03 4.75 35.58
CA ASN D 359 56.88 4.83 37.04
C ASN D 359 56.20 6.13 37.49
N ARG D 360 56.07 7.12 36.59
CA ARG D 360 55.47 8.42 36.86
C ARG D 360 54.34 8.69 35.85
N SER D 361 53.10 8.92 36.33
CA SER D 361 51.99 9.19 35.42
C SER D 361 51.60 10.68 35.44
N MET D 362 51.34 11.25 34.25
CA MET D 362 50.95 12.64 34.05
C MET D 362 49.52 12.72 33.48
N LEU D 363 48.68 13.54 34.11
CA LEU D 363 47.30 13.75 33.68
C LEU D 363 47.11 15.14 33.06
N GLU D 364 46.76 15.19 31.76
CA GLU D 364 46.46 16.42 31.03
C GLU D 364 44.93 16.52 30.93
N LEU D 365 44.34 17.56 31.56
CA LEU D 365 42.90 17.74 31.67
C LEU D 365 42.43 19.10 31.15
N VAL D 366 41.29 19.11 30.43
CA VAL D 366 40.66 20.33 29.92
C VAL D 366 39.69 20.82 30.99
N PHE D 367 39.89 22.05 31.49
CA PHE D 367 39.06 22.70 32.52
C PHE D 367 38.04 23.62 31.82
N ALA D 368 36.79 23.14 31.66
CA ALA D 368 35.72 23.87 30.98
C ALA D 368 34.36 23.64 31.63
N PRO D 369 33.46 24.64 31.73
CA PRO D 369 33.58 26.05 31.29
C PRO D 369 34.57 26.82 32.18
N ALA D 370 35.40 27.69 31.55
CA ALA D 370 36.47 28.41 32.24
C ALA D 370 36.22 29.92 32.46
N GLU D 371 35.01 30.43 32.14
CA GLU D 371 34.66 31.85 32.28
C GLU D 371 34.94 32.38 33.69
N GLU D 372 34.53 31.63 34.73
CA GLU D 372 34.71 32.04 36.13
C GLU D 372 36.06 31.54 36.71
N TRP D 373 36.94 30.97 35.86
CA TRP D 373 38.19 30.37 36.32
C TRP D 373 39.49 30.94 35.71
N VAL D 374 39.43 31.55 34.51
CA VAL D 374 40.62 32.14 33.86
C VAL D 374 41.26 33.25 34.75
N GLY D 375 40.44 33.93 35.55
CA GLY D 375 40.89 34.99 36.45
C GLY D 375 41.44 34.50 37.78
N ARG D 376 41.15 33.24 38.16
CA ARG D 376 41.59 32.65 39.42
C ARG D 376 43.05 32.18 39.33
N SER D 377 43.70 32.01 40.50
CA SER D 377 45.11 31.61 40.60
C SER D 377 45.31 30.15 40.21
N ASP D 378 46.55 29.79 39.87
CA ASP D 378 46.94 28.43 39.48
C ASP D 378 46.70 27.43 40.62
N THR D 379 46.96 27.84 41.89
CA THR D 379 46.75 26.99 43.07
C THR D 379 45.23 26.74 43.28
N GLU D 380 44.39 27.75 43.02
CA GLU D 380 42.92 27.66 43.10
C GLU D 380 42.38 26.65 42.06
N ILE D 381 42.95 26.67 40.84
CA ILE D 381 42.58 25.79 39.74
C ILE D 381 43.03 24.35 40.06
N ILE D 382 44.28 24.16 40.53
CA ILE D 382 44.84 22.85 40.90
C ILE D 382 44.02 22.22 42.04
N GLU D 383 43.59 23.02 43.03
CA GLU D 383 42.76 22.56 44.15
C GLU D 383 41.43 21.98 43.62
N ALA D 384 40.74 22.74 42.74
CA ALA D 384 39.47 22.34 42.11
C ALA D 384 39.64 21.07 41.27
N THR D 385 40.78 20.94 40.56
CA THR D 385 41.12 19.79 39.72
C THR D 385 41.38 18.56 40.60
N MET D 386 42.09 18.73 41.73
CA MET D 386 42.41 17.65 42.68
C MET D 386 41.14 17.12 43.35
N GLN D 387 40.17 18.03 43.63
CA GLN D 387 38.88 17.69 44.23
C GLN D 387 38.05 16.87 43.25
N GLU D 388 38.16 17.14 41.94
CA GLU D 388 37.46 16.40 40.90
C GLU D 388 38.16 15.08 40.61
N LEU D 389 39.50 15.03 40.76
CA LEU D 389 40.29 13.82 40.53
C LEU D 389 40.09 12.81 41.66
N ALA D 390 39.71 13.29 42.87
CA ALA D 390 39.40 12.45 44.04
C ALA D 390 38.09 11.68 43.85
N LYS D 391 37.28 12.11 42.86
CA LYS D 391 36.02 11.48 42.48
C LYS D 391 36.25 10.46 41.38
N LEU D 392 37.26 10.68 40.51
CA LEU D 392 37.61 9.79 39.40
C LEU D 392 38.58 8.68 39.81
N PHE D 393 39.49 8.99 40.75
CA PHE D 393 40.50 8.07 41.31
C PHE D 393 40.34 8.14 42.84
N PRO D 394 39.27 7.58 43.44
CA PRO D 394 39.07 7.75 44.90
C PRO D 394 40.04 6.93 45.77
N ASP D 395 40.62 5.86 45.22
CA ASP D 395 41.56 5.01 45.95
C ASP D 395 43.02 5.32 45.58
N GLU D 396 43.24 6.32 44.70
CA GLU D 396 44.57 6.67 44.23
C GLU D 396 44.92 8.16 44.41
N ILE D 397 43.94 9.08 44.28
CA ILE D 397 44.19 10.51 44.40
C ILE D 397 43.28 11.11 45.47
N ALA D 398 43.88 11.89 46.38
CA ALA D 398 43.21 12.64 47.45
C ALA D 398 43.62 14.11 47.35
N ALA D 399 42.67 15.04 47.54
CA ALA D 399 42.89 16.49 47.42
C ALA D 399 44.01 17.01 48.34
N ASP D 400 44.15 16.43 49.56
CA ASP D 400 45.15 16.82 50.56
C ASP D 400 46.49 16.04 50.37
N GLN D 401 46.66 15.39 49.20
CA GLN D 401 47.81 14.61 48.75
C GLN D 401 48.17 13.49 49.75
N SER D 402 47.14 12.88 50.36
CA SER D 402 47.22 11.75 51.29
C SER D 402 47.70 10.50 50.57
N LYS D 403 47.24 10.32 49.32
CA LYS D 403 47.59 9.19 48.48
C LYS D 403 48.69 9.64 47.51
N ALA D 404 48.40 9.75 46.19
CA ALA D 404 49.37 10.21 45.18
C ALA D 404 49.70 11.69 45.41
N LYS D 405 50.98 12.05 45.18
CA LYS D 405 51.45 13.41 45.42
C LYS D 405 51.91 14.10 44.13
N ILE D 406 51.64 15.41 44.05
CA ILE D 406 51.99 16.25 42.91
C ILE D 406 53.49 16.58 42.95
N LEU D 407 54.21 16.20 41.90
CA LEU D 407 55.63 16.54 41.77
C LEU D 407 55.72 17.99 41.26
N LYS D 408 54.92 18.32 40.23
CA LYS D 408 54.80 19.64 39.61
C LYS D 408 53.51 19.74 38.78
N TYR D 409 53.14 20.96 38.39
CA TYR D 409 51.98 21.23 37.55
C TYR D 409 52.25 22.36 36.57
N HIS D 410 51.41 22.44 35.54
CA HIS D 410 51.43 23.49 34.52
C HIS D 410 49.99 23.81 34.12
N VAL D 411 49.57 25.06 34.35
CA VAL D 411 48.24 25.55 34.04
C VAL D 411 48.35 26.56 32.89
N VAL D 412 47.88 26.17 31.68
CA VAL D 412 47.90 27.00 30.49
C VAL D 412 46.49 27.55 30.26
N LYS D 413 46.33 28.87 30.44
CA LYS D 413 45.06 29.56 30.26
C LYS D 413 44.99 30.25 28.90
N THR D 414 43.89 30.03 28.17
CA THR D 414 43.60 30.67 26.89
C THR D 414 42.23 31.36 27.05
N PRO D 415 42.19 32.63 27.52
CA PRO D 415 40.89 33.27 27.78
C PRO D 415 40.06 33.57 26.52
N ARG D 416 40.68 33.52 25.32
CA ARG D 416 40.04 33.75 24.03
C ARG D 416 40.57 32.72 23.02
N SER D 417 40.09 31.46 23.12
CA SER D 417 40.56 30.38 22.27
C SER D 417 39.74 30.33 20.98
N VAL D 418 39.04 29.20 20.70
CA VAL D 418 38.17 29.02 19.54
C VAL D 418 36.94 29.92 19.71
N TYR D 419 36.29 30.33 18.62
CA TYR D 419 35.10 31.18 18.73
C TYR D 419 33.98 30.42 19.44
N LYS D 420 33.25 31.10 20.34
CA LYS D 420 32.14 30.52 21.08
C LYS D 420 31.02 30.24 20.08
N THR D 421 30.82 28.95 19.73
CA THR D 421 29.86 28.51 18.73
C THR D 421 28.43 28.54 19.31
N ILE D 422 27.97 29.76 19.63
CA ILE D 422 26.60 30.01 20.11
C ILE D 422 25.67 30.02 18.88
N PRO D 423 24.33 29.90 19.02
CA PRO D 423 23.47 29.92 17.82
C PRO D 423 23.58 31.21 17.01
N ASP D 424 23.43 31.08 15.68
CA ASP D 424 23.41 32.12 14.64
C ASP D 424 24.78 32.78 14.38
N CYS D 425 25.87 32.00 14.45
CA CYS D 425 27.23 32.46 14.16
C CYS D 425 27.60 32.16 12.72
N GLU D 426 26.97 31.12 12.13
CA GLU D 426 27.24 30.65 10.77
C GLU D 426 27.12 31.75 9.69
N PRO D 427 26.13 32.69 9.68
CA PRO D 427 26.12 33.72 8.62
C PRO D 427 27.26 34.73 8.73
N CYS D 428 27.84 34.89 9.94
CA CYS D 428 28.93 35.83 10.26
C CYS D 428 30.29 35.30 9.87
N ARG D 429 30.43 33.97 9.67
CA ARG D 429 31.69 33.32 9.32
C ARG D 429 32.14 33.73 7.92
N PRO D 430 33.34 34.32 7.80
CA PRO D 430 33.76 34.84 6.50
C PRO D 430 34.39 33.82 5.57
N LEU D 431 34.21 34.02 4.25
CA LEU D 431 34.88 33.18 3.25
C LEU D 431 36.35 33.54 3.26
N GLN D 432 37.21 32.68 2.73
CA GLN D 432 38.66 32.91 2.72
C GLN D 432 39.05 34.11 1.83
N ARG D 433 38.25 34.42 0.79
CA ARG D 433 38.44 35.55 -0.12
C ARG D 433 37.65 36.74 0.43
N SER D 434 38.35 37.82 0.80
CA SER D 434 37.76 39.03 1.37
C SER D 434 37.32 40.02 0.27
N PRO D 435 36.36 40.96 0.53
CA PRO D 435 35.98 41.93 -0.51
C PRO D 435 37.09 42.93 -0.84
N ILE D 436 38.19 42.90 -0.07
CA ILE D 436 39.36 43.74 -0.28
C ILE D 436 40.30 42.95 -1.19
N GLU D 437 40.54 43.50 -2.38
CA GLU D 437 41.39 42.93 -3.42
C GLU D 437 42.81 42.72 -2.88
N GLY D 438 43.26 41.47 -2.90
CA GLY D 438 44.59 41.11 -2.41
C GLY D 438 44.67 40.65 -0.96
N PHE D 439 43.60 40.88 -0.18
CA PHE D 439 43.53 40.48 1.23
C PHE D 439 42.67 39.22 1.36
N TYR D 440 43.18 38.22 2.11
CA TYR D 440 42.54 36.93 2.35
C TYR D 440 42.57 36.55 3.84
N LEU D 441 41.65 35.66 4.25
CA LEU D 441 41.56 35.18 5.63
C LEU D 441 41.71 33.68 5.71
N ALA D 442 42.31 33.20 6.79
CA ALA D 442 42.48 31.78 7.10
C ALA D 442 42.25 31.61 8.61
N GLY D 443 41.88 30.40 9.02
CA GLY D 443 41.58 30.13 10.42
C GLY D 443 40.34 29.28 10.60
N ASP D 444 40.29 28.52 11.70
CA ASP D 444 39.17 27.63 12.02
C ASP D 444 37.81 28.37 12.03
N TYR D 445 37.79 29.68 12.38
CA TYR D 445 36.58 30.51 12.44
C TYR D 445 35.99 30.84 11.05
N THR D 446 36.81 30.80 9.98
CA THR D 446 36.36 31.12 8.62
C THR D 446 35.36 30.05 8.11
N LYS D 447 34.61 30.36 7.04
CA LYS D 447 33.57 29.50 6.47
C LYS D 447 34.17 28.19 5.91
N GLN D 448 33.96 27.12 6.67
CA GLN D 448 34.35 25.74 6.38
C GLN D 448 33.47 24.82 7.27
N LYS D 449 33.17 23.60 6.78
CA LYS D 449 32.22 22.66 7.40
C LYS D 449 32.74 21.76 8.56
N TYR D 450 34.00 21.91 9.02
CA TYR D 450 34.49 20.99 10.05
C TYR D 450 34.72 21.63 11.44
N LEU D 451 33.88 22.62 11.83
CA LEU D 451 33.88 23.30 13.14
C LEU D 451 35.20 24.05 13.44
N ALA D 452 35.27 24.65 14.65
CA ALA D 452 36.48 25.31 15.15
C ALA D 452 37.35 24.18 15.72
N SER D 453 38.11 23.54 14.81
CA SER D 453 38.95 22.38 15.10
C SER D 453 40.27 22.45 14.33
N MET D 454 41.15 21.47 14.57
CA MET D 454 42.42 21.34 13.85
C MET D 454 42.15 21.08 12.37
N GLU D 455 41.10 20.29 12.08
CA GLU D 455 40.63 19.95 10.74
C GLU D 455 40.12 21.21 10.05
N GLY D 456 39.36 22.02 10.80
CA GLY D 456 38.82 23.29 10.33
C GLY D 456 39.91 24.27 9.96
N ALA D 457 40.95 24.36 10.81
CA ALA D 457 42.13 25.20 10.62
C ALA D 457 42.87 24.81 9.35
N VAL D 458 43.20 23.50 9.18
CA VAL D 458 43.91 22.96 8.02
C VAL D 458 43.07 23.17 6.73
N LEU D 459 41.74 22.87 6.78
CA LEU D 459 40.87 23.04 5.62
C LEU D 459 40.80 24.51 5.21
N SER D 460 40.65 25.45 6.17
CA SER D 460 40.60 26.89 5.90
C SER D 460 41.87 27.36 5.20
N GLY D 461 43.01 26.76 5.55
CA GLY D 461 44.30 27.02 4.94
C GLY D 461 44.34 26.58 3.48
N LYS D 462 43.84 25.35 3.22
CA LYS D 462 43.71 24.76 1.90
C LYS D 462 42.77 25.61 1.03
N LEU D 463 41.63 26.06 1.62
CA LEU D 463 40.63 26.90 0.94
C LEU D 463 41.18 28.30 0.65
N CYS D 464 42.06 28.82 1.54
CA CYS D 464 42.67 30.14 1.38
C CYS D 464 43.66 30.10 0.23
N ALA D 465 44.60 29.11 0.26
CA ALA D 465 45.62 28.90 -0.77
C ALA D 465 44.96 28.71 -2.14
N GLN D 466 43.80 28.00 -2.18
CA GLN D 466 42.99 27.73 -3.37
C GLN D 466 42.44 29.04 -3.95
N SER D 467 41.92 29.94 -3.10
CA SER D 467 41.36 31.23 -3.52
C SER D 467 42.44 32.16 -4.06
N VAL D 468 43.67 32.10 -3.49
CA VAL D 468 44.81 32.92 -3.91
C VAL D 468 45.26 32.47 -5.32
N VAL D 469 45.43 31.14 -5.54
CA VAL D 469 45.87 30.60 -6.84
C VAL D 469 44.78 30.79 -7.92
N GLU D 470 43.49 30.84 -7.53
CA GLU D 470 42.36 31.09 -8.44
C GLU D 470 42.41 32.52 -8.98
N ASP D 471 42.92 33.46 -8.15
CA ASP D 471 43.05 34.87 -8.48
C ASP D 471 44.45 35.25 -8.96
N TYR D 472 45.30 34.25 -9.34
CA TYR D 472 46.67 34.46 -9.80
C TYR D 472 46.79 35.52 -10.90
N LYS D 473 45.93 35.45 -11.94
CA LYS D 473 45.91 36.37 -13.09
C LYS D 473 45.70 37.82 -12.63
N MET D 474 44.71 38.04 -11.76
CA MET D 474 44.35 39.36 -11.21
C MET D 474 45.43 39.86 -10.21
N LEU D 475 46.05 38.94 -9.44
CA LEU D 475 47.06 39.30 -8.45
C LEU D 475 48.43 39.61 -9.09
N SER D 476 48.75 38.97 -10.23
CA SER D 476 50.02 39.19 -10.94
C SER D 476 49.99 40.50 -11.72
N ARG D 477 48.84 40.84 -12.33
CA ARG D 477 48.63 42.07 -13.11
C ARG D 477 48.66 43.30 -12.18
N ARG D 478 48.09 43.18 -10.96
CA ARG D 478 48.02 44.24 -9.95
C ARG D 478 49.42 44.63 -9.46
N SER D 479 50.38 43.67 -9.46
CA SER D 479 51.78 43.83 -9.04
C SER D 479 52.54 44.78 -9.97
N LEU D 480 52.32 44.66 -11.29
CA LEU D 480 52.95 45.43 -12.36
C LEU D 480 52.25 46.77 -12.63
N LYS D 481 50.94 46.88 -12.28
CA LYS D 481 50.18 48.14 -12.45
C LYS D 481 50.65 49.18 -11.44
N SER D 482 51.00 48.72 -10.21
CA SER D 482 51.52 49.56 -9.13
C SER D 482 52.97 49.97 -9.41
N LEU D 483 53.72 49.12 -10.16
CA LEU D 483 55.12 49.33 -10.55
C LEU D 483 55.25 50.53 -11.52
N GLN D 484 54.17 50.84 -12.27
CA GLN D 484 54.10 51.94 -13.24
C GLN D 484 53.91 53.30 -12.54
N THR E 15 54.32 -42.58 -15.80
CA THR E 15 53.88 -42.32 -14.44
C THR E 15 54.06 -43.61 -13.61
N LYS E 16 54.49 -43.42 -12.34
CA LYS E 16 54.73 -44.50 -11.40
C LYS E 16 54.08 -44.18 -10.04
N PRO E 17 53.13 -45.04 -9.57
CA PRO E 17 52.43 -44.74 -8.31
C PRO E 17 53.32 -44.69 -7.08
N LEU E 18 53.07 -43.72 -6.18
CA LEU E 18 53.82 -43.55 -4.94
C LEU E 18 53.36 -44.57 -3.90
N GLN E 19 54.32 -45.09 -3.12
CA GLN E 19 54.04 -46.00 -2.02
C GLN E 19 54.06 -45.16 -0.75
N VAL E 20 52.88 -44.88 -0.17
CA VAL E 20 52.77 -44.02 1.00
C VAL E 20 52.44 -44.85 2.23
N VAL E 21 53.33 -44.81 3.24
CA VAL E 21 53.17 -45.54 4.50
C VAL E 21 52.42 -44.64 5.48
N ILE E 22 51.23 -45.05 5.92
CA ILE E 22 50.39 -44.28 6.86
C ILE E 22 50.32 -45.01 8.21
N ALA E 23 50.63 -44.28 9.30
CA ALA E 23 50.59 -44.80 10.67
C ALA E 23 49.29 -44.40 11.38
N GLY E 24 48.38 -45.37 11.50
CA GLY E 24 47.10 -45.17 12.17
C GLY E 24 45.89 -45.19 11.26
N ALA E 25 44.97 -46.14 11.51
CA ALA E 25 43.75 -46.32 10.71
C ALA E 25 42.51 -45.75 11.42
N GLY E 26 42.60 -44.48 11.84
CA GLY E 26 41.49 -43.73 12.38
C GLY E 26 40.81 -43.09 11.18
N LEU E 27 39.86 -42.17 11.38
CA LEU E 27 39.21 -41.53 10.23
C LEU E 27 40.19 -40.72 9.37
N ALA E 28 41.25 -40.15 9.99
CA ALA E 28 42.27 -39.36 9.28
C ALA E 28 43.13 -40.26 8.39
N GLY E 29 43.59 -41.38 8.91
CA GLY E 29 44.39 -42.37 8.19
C GLY E 29 43.61 -43.06 7.09
N LEU E 30 42.35 -43.46 7.40
CA LEU E 30 41.45 -44.09 6.45
C LEU E 30 41.13 -43.13 5.30
N SER E 31 40.92 -41.83 5.62
CA SER E 31 40.64 -40.79 4.63
C SER E 31 41.88 -40.53 3.76
N THR E 32 43.09 -40.46 4.35
CA THR E 32 44.35 -40.26 3.62
C THR E 32 44.53 -41.38 2.59
N ALA E 33 44.33 -42.65 3.03
CA ALA E 33 44.44 -43.85 2.20
C ALA E 33 43.41 -43.85 1.06
N LYS E 34 42.14 -43.46 1.35
CA LYS E 34 41.03 -43.40 0.39
C LYS E 34 41.35 -42.43 -0.76
N TYR E 35 41.76 -41.19 -0.43
CA TYR E 35 42.01 -40.17 -1.46
C TYR E 35 43.36 -40.36 -2.16
N LEU E 36 44.33 -41.08 -1.55
CA LEU E 36 45.59 -41.38 -2.23
C LEU E 36 45.36 -42.48 -3.27
N ALA E 37 44.48 -43.45 -2.94
CA ALA E 37 44.08 -44.56 -3.82
C ALA E 37 43.30 -44.03 -5.03
N ASP E 38 42.47 -42.99 -4.81
CA ASP E 38 41.67 -42.30 -5.83
C ASP E 38 42.58 -41.56 -6.82
N ALA E 39 43.73 -41.07 -6.32
CA ALA E 39 44.74 -40.35 -7.10
C ALA E 39 45.64 -41.30 -7.90
N GLY E 40 45.46 -42.61 -7.69
CA GLY E 40 46.21 -43.67 -8.38
C GLY E 40 47.47 -44.13 -7.69
N HIS E 41 47.66 -43.76 -6.41
CA HIS E 41 48.84 -44.13 -5.63
C HIS E 41 48.57 -45.39 -4.78
N LYS E 42 49.63 -45.96 -4.16
CA LYS E 42 49.52 -47.17 -3.36
C LYS E 42 49.70 -46.87 -1.85
N PRO E 43 48.60 -46.68 -1.09
CA PRO E 43 48.76 -46.45 0.35
C PRO E 43 48.94 -47.75 1.13
N ILE E 44 49.79 -47.71 2.17
CA ILE E 44 50.03 -48.83 3.08
C ILE E 44 49.63 -48.32 4.47
N LEU E 45 48.39 -48.63 4.85
CA LEU E 45 47.77 -48.21 6.11
C LEU E 45 48.07 -49.24 7.21
N LEU E 46 48.83 -48.81 8.22
CA LEU E 46 49.25 -49.64 9.34
C LEU E 46 48.56 -49.21 10.64
N GLU E 47 47.69 -50.09 11.17
CA GLU E 47 46.95 -49.86 12.41
C GLU E 47 47.55 -50.66 13.54
N ALA E 48 47.85 -49.98 14.67
CA ALA E 48 48.43 -50.57 15.89
C ALA E 48 47.56 -51.66 16.52
N ARG E 49 46.23 -51.46 16.56
CA ARG E 49 45.30 -52.36 17.23
C ARG E 49 44.64 -53.37 16.28
N ASP E 50 43.78 -54.24 16.85
CA ASP E 50 43.03 -55.28 16.12
C ASP E 50 41.61 -54.74 15.78
N VAL E 51 41.47 -53.41 15.74
CA VAL E 51 40.20 -52.71 15.43
C VAL E 51 40.49 -51.44 14.60
N LEU E 52 39.57 -51.12 13.69
CA LEU E 52 39.64 -49.92 12.86
C LEU E 52 38.87 -48.76 13.51
N GLY E 53 39.20 -47.52 13.13
CA GLY E 53 38.47 -46.34 13.57
C GLY E 53 39.11 -45.41 14.58
N GLY E 54 39.93 -45.95 15.46
CA GLY E 54 40.58 -45.16 16.49
C GLY E 54 39.61 -44.70 17.56
N LYS E 55 39.35 -43.39 17.61
CA LYS E 55 38.42 -42.80 18.58
C LYS E 55 36.94 -43.10 18.19
N ILE E 56 36.69 -43.79 17.04
CA ILE E 56 35.34 -44.18 16.64
C ILE E 56 35.23 -45.73 16.71
N ALA E 57 36.31 -46.43 17.13
CA ALA E 57 36.33 -47.90 17.25
C ALA E 57 35.29 -48.42 18.24
N ALA E 58 34.76 -49.61 17.95
CA ALA E 58 33.77 -50.33 18.75
C ALA E 58 34.16 -51.81 18.85
N TRP E 59 33.67 -52.50 19.90
CA TRP E 59 33.96 -53.92 20.13
C TRP E 59 32.70 -54.69 20.47
N LYS E 60 32.59 -55.94 19.97
CA LYS E 60 31.48 -56.85 20.22
C LYS E 60 31.83 -57.73 21.41
N ASP E 61 31.02 -57.70 22.48
CA ASP E 61 31.29 -58.51 23.67
C ASP E 61 30.75 -59.97 23.47
N GLU E 62 30.92 -60.83 24.50
CA GLU E 62 30.53 -62.25 24.52
C GLU E 62 29.05 -62.47 24.16
N ASP E 63 28.15 -61.59 24.63
CA ASP E 63 26.70 -61.66 24.39
C ASP E 63 26.31 -61.14 22.98
N GLY E 64 27.29 -60.66 22.22
CA GLY E 64 27.11 -60.15 20.87
C GLY E 64 26.68 -58.69 20.78
N ASP E 65 26.78 -57.95 21.90
CA ASP E 65 26.41 -56.53 21.99
C ASP E 65 27.64 -55.63 21.82
N TRP E 66 27.49 -54.55 21.03
CA TRP E 66 28.57 -53.60 20.75
C TRP E 66 28.64 -52.48 21.79
N TYR E 67 29.88 -52.07 22.10
CA TYR E 67 30.22 -50.93 22.96
C TYR E 67 31.27 -50.10 22.23
N GLU E 68 31.10 -48.77 22.24
CA GLU E 68 31.91 -47.83 21.48
C GLU E 68 32.87 -46.99 22.32
N THR E 69 33.89 -46.40 21.64
CA THR E 69 34.86 -45.49 22.25
C THR E 69 34.12 -44.20 22.66
N GLY E 70 33.12 -43.80 21.86
CA GLY E 70 32.31 -42.64 22.12
C GLY E 70 30.97 -42.57 21.40
N LEU E 71 30.10 -41.67 21.88
CA LEU E 71 28.80 -41.36 21.31
C LEU E 71 29.07 -40.33 20.22
N HIS E 72 29.00 -40.74 18.96
CA HIS E 72 29.32 -39.87 17.84
C HIS E 72 28.07 -39.39 17.12
N ILE E 73 28.03 -38.06 16.89
CA ILE E 73 26.96 -37.37 16.19
C ILE E 73 27.51 -36.75 14.93
N PHE E 74 26.84 -37.02 13.81
CA PHE E 74 27.15 -36.47 12.50
C PHE E 74 26.25 -35.27 12.28
N PHE E 75 26.80 -34.17 11.76
CA PHE E 75 26.04 -32.94 11.53
C PHE E 75 25.89 -32.66 10.05
N GLY E 76 24.89 -31.86 9.70
CA GLY E 76 24.66 -31.45 8.32
C GLY E 76 25.82 -30.61 7.82
N ALA E 77 26.41 -29.81 8.73
CA ALA E 77 27.57 -28.94 8.46
C ALA E 77 28.91 -29.71 8.53
N TYR E 78 28.90 -30.96 8.03
CA TYR E 78 30.04 -31.85 7.90
C TYR E 78 30.20 -32.13 6.40
N PRO E 79 30.66 -31.17 5.56
CA PRO E 79 30.70 -31.40 4.10
C PRO E 79 31.61 -32.55 3.63
N ASN E 80 32.80 -32.72 4.24
CA ASN E 80 33.73 -33.76 3.81
C ASN E 80 33.26 -35.16 4.19
N ILE E 81 32.51 -35.30 5.32
CA ILE E 81 31.90 -36.55 5.78
C ILE E 81 30.79 -36.94 4.78
N GLN E 82 29.91 -35.95 4.41
CA GLN E 82 28.80 -36.13 3.45
C GLN E 82 29.34 -36.62 2.10
N ASN E 83 30.46 -36.00 1.63
CA ASN E 83 31.13 -36.34 0.38
C ASN E 83 31.63 -37.79 0.41
N LEU E 84 32.32 -38.19 1.50
CA LEU E 84 32.88 -39.53 1.72
C LEU E 84 31.77 -40.60 1.69
N PHE E 85 30.67 -40.38 2.45
CA PHE E 85 29.53 -41.29 2.51
C PHE E 85 28.88 -41.46 1.12
N GLY E 86 28.78 -40.36 0.38
CA GLY E 86 28.25 -40.32 -0.98
C GLY E 86 29.13 -41.05 -1.97
N GLU E 87 30.46 -40.84 -1.87
CA GLU E 87 31.49 -41.46 -2.70
C GLU E 87 31.49 -42.99 -2.53
N LEU E 88 31.17 -43.47 -1.31
CA LEU E 88 31.13 -44.89 -0.96
C LEU E 88 29.70 -45.46 -1.11
N GLY E 89 28.73 -44.58 -1.38
CA GLY E 89 27.33 -44.91 -1.55
C GLY E 89 26.68 -45.50 -0.32
N ILE E 90 27.00 -44.93 0.86
CA ILE E 90 26.50 -45.38 2.16
C ILE E 90 25.73 -44.26 2.90
N ASN E 91 25.13 -43.31 2.14
CA ASN E 91 24.35 -42.17 2.68
C ASN E 91 23.18 -42.62 3.57
N ASP E 92 22.59 -43.78 3.24
CA ASP E 92 21.46 -44.39 3.95
C ASP E 92 21.86 -44.95 5.33
N ARG E 93 23.17 -44.98 5.64
CA ARG E 93 23.70 -45.48 6.92
C ARG E 93 23.65 -44.39 8.01
N LEU E 94 23.27 -43.15 7.64
CA LEU E 94 23.10 -42.05 8.58
C LEU E 94 21.62 -41.88 8.89
N GLN E 95 21.25 -42.09 10.16
CA GLN E 95 19.88 -41.96 10.64
C GLN E 95 19.65 -40.53 11.13
N TRP E 96 19.20 -39.64 10.24
CA TRP E 96 18.94 -38.23 10.54
C TRP E 96 17.74 -38.12 11.47
N LYS E 97 17.92 -37.38 12.57
CA LYS E 97 16.87 -37.20 13.58
C LYS E 97 16.17 -35.85 13.36
N GLU E 98 15.09 -35.57 14.14
CA GLU E 98 14.31 -34.34 14.07
C GLU E 98 15.22 -33.11 14.24
N HIS E 99 14.93 -31.99 13.56
CA HIS E 99 15.77 -30.80 13.72
C HIS E 99 15.40 -30.11 15.04
N SER E 100 15.89 -30.66 16.15
CA SER E 100 15.65 -30.20 17.51
C SER E 100 16.89 -30.36 18.39
N MET E 101 16.92 -29.60 19.50
CA MET E 101 17.98 -29.62 20.50
C MET E 101 17.31 -29.81 21.84
N ILE E 102 17.24 -31.07 22.31
CA ILE E 102 16.52 -31.37 23.55
C ILE E 102 17.49 -31.31 24.74
N PHE E 103 17.15 -30.47 25.72
CA PHE E 103 17.90 -30.21 26.94
C PHE E 103 17.11 -30.62 28.17
N ALA E 104 17.78 -31.16 29.18
CA ALA E 104 17.13 -31.55 30.43
C ALA E 104 16.95 -30.35 31.35
N MET E 105 16.03 -30.44 32.31
CA MET E 105 15.78 -29.37 33.28
C MET E 105 16.36 -29.79 34.64
N PRO E 106 17.55 -29.28 35.04
CA PRO E 106 18.12 -29.68 36.34
C PRO E 106 17.24 -29.28 37.53
N ASN E 107 16.55 -28.12 37.44
CA ASN E 107 15.64 -27.59 38.46
C ASN E 107 14.36 -28.43 38.57
N LYS E 108 13.89 -28.99 37.44
CA LYS E 108 12.68 -29.80 37.35
C LYS E 108 13.03 -31.23 36.87
N PRO E 109 13.40 -32.15 37.82
CA PRO E 109 13.79 -33.52 37.42
C PRO E 109 12.74 -34.24 36.57
N GLY E 110 13.23 -34.88 35.50
CA GLY E 110 12.39 -35.62 34.55
C GLY E 110 11.85 -34.79 33.42
N GLU E 111 11.85 -33.45 33.58
CA GLU E 111 11.36 -32.51 32.58
C GLU E 111 12.45 -32.12 31.58
N PHE E 112 12.04 -31.88 30.32
CA PHE E 112 12.92 -31.52 29.22
C PHE E 112 12.39 -30.30 28.46
N SER E 113 13.30 -29.43 27.99
CA SER E 113 13.04 -28.25 27.18
C SER E 113 13.72 -28.43 25.84
N ARG E 114 13.22 -27.78 24.77
CA ARG E 114 13.84 -27.99 23.46
C ARG E 114 13.77 -26.77 22.54
N PHE E 115 14.71 -26.72 21.57
CA PHE E 115 14.79 -25.71 20.52
C PHE E 115 14.41 -26.40 19.22
N ASP E 116 13.20 -26.14 18.72
CA ASP E 116 12.71 -26.76 17.49
C ASP E 116 12.96 -25.85 16.30
N PHE E 117 13.62 -26.37 15.28
CA PHE E 117 13.97 -25.63 14.08
C PHE E 117 12.96 -25.93 12.95
N PRO E 118 12.06 -24.97 12.62
CA PRO E 118 11.05 -25.22 11.57
C PRO E 118 11.68 -25.53 10.22
N GLU E 119 11.23 -26.61 9.58
CA GLU E 119 11.75 -27.08 8.29
C GLU E 119 11.31 -26.19 7.12
N THR E 120 10.40 -25.23 7.37
CA THR E 120 9.89 -24.30 6.37
C THR E 120 10.69 -23.01 6.35
N LEU E 121 11.33 -22.65 7.49
CA LEU E 121 12.16 -21.45 7.62
C LEU E 121 13.62 -21.75 7.28
N PRO E 122 14.31 -20.88 6.49
CA PRO E 122 15.73 -21.14 6.20
C PRO E 122 16.65 -20.69 7.34
N ALA E 123 17.98 -20.91 7.20
CA ALA E 123 18.95 -20.49 8.21
C ALA E 123 19.31 -19.01 8.01
N PRO E 124 19.43 -18.19 9.08
CA PRO E 124 19.35 -18.50 10.51
C PRO E 124 17.96 -18.25 11.10
N LEU E 125 16.91 -18.09 10.26
CA LEU E 125 15.54 -17.83 10.71
C LEU E 125 14.98 -18.97 11.55
N ASN E 126 15.28 -20.23 11.17
CA ASN E 126 14.85 -21.43 11.91
C ASN E 126 15.44 -21.42 13.33
N GLY E 127 16.68 -20.95 13.44
CA GLY E 127 17.41 -20.81 14.71
C GLY E 127 16.84 -19.69 15.55
N ILE E 128 16.61 -18.50 14.94
CA ILE E 128 16.03 -17.32 15.59
C ILE E 128 14.66 -17.71 16.15
N TRP E 129 13.83 -18.43 15.32
CA TRP E 129 12.51 -18.91 15.70
C TRP E 129 12.58 -19.85 16.91
N ALA E 130 13.51 -20.84 16.88
CA ALA E 130 13.70 -21.83 17.94
C ALA E 130 13.94 -21.17 19.31
N ILE E 131 14.80 -20.13 19.34
CA ILE E 131 15.15 -19.36 20.53
C ILE E 131 13.93 -18.52 20.96
N LEU E 132 13.24 -17.86 20.00
CA LEU E 132 12.05 -17.05 20.24
C LEU E 132 10.89 -17.88 20.83
N ARG E 133 10.64 -19.08 20.26
CA ARG E 133 9.58 -20.01 20.65
C ARG E 133 9.85 -20.58 22.07
N ASN E 134 11.11 -20.94 22.39
CA ASN E 134 11.46 -21.51 23.70
C ASN E 134 11.25 -20.49 24.81
N ASN E 135 10.49 -20.86 25.85
CA ASN E 135 10.17 -19.95 26.95
C ASN E 135 10.68 -20.42 28.32
N GLU E 136 11.23 -21.65 28.43
CA GLU E 136 11.66 -22.17 29.73
C GLU E 136 13.20 -22.17 29.91
N MET E 137 13.98 -21.86 28.86
CA MET E 137 15.43 -21.84 28.99
C MET E 137 16.03 -20.44 28.96
N LEU E 138 15.29 -19.43 28.47
CA LEU E 138 15.74 -18.03 28.40
C LEU E 138 14.59 -17.06 28.60
N THR E 139 14.82 -15.98 29.39
CA THR E 139 13.83 -14.91 29.58
C THR E 139 13.95 -13.96 28.39
N TRP E 140 12.91 -13.13 28.13
CA TRP E 140 12.95 -12.18 27.01
C TRP E 140 14.13 -11.19 27.13
N PRO E 141 14.45 -10.59 28.32
CA PRO E 141 15.64 -9.72 28.39
C PRO E 141 16.93 -10.47 28.05
N GLU E 142 17.08 -11.71 28.56
CA GLU E 142 18.23 -12.59 28.31
C GLU E 142 18.38 -12.87 26.82
N LYS E 143 17.26 -13.09 26.11
CA LYS E 143 17.21 -13.34 24.66
C LYS E 143 17.75 -12.13 23.86
N VAL E 144 17.43 -10.91 24.32
CA VAL E 144 17.84 -9.64 23.70
C VAL E 144 19.34 -9.43 23.87
N LYS E 145 19.85 -9.58 25.13
CA LYS E 145 21.27 -9.42 25.48
C LYS E 145 22.13 -10.46 24.75
N PHE E 146 21.62 -11.70 24.60
CA PHE E 146 22.26 -12.81 23.91
C PHE E 146 22.37 -12.50 22.41
N ALA E 147 21.28 -12.00 21.80
CA ALA E 147 21.22 -11.62 20.38
C ALA E 147 22.17 -10.46 20.10
N LEU E 148 22.22 -9.47 21.03
CA LEU E 148 23.10 -8.31 20.93
C LEU E 148 24.56 -8.74 20.99
N GLY E 149 24.91 -9.57 21.98
CA GLY E 149 26.25 -10.09 22.17
C GLY E 149 26.80 -10.92 21.04
N LEU E 150 25.92 -11.69 20.36
CA LEU E 150 26.32 -12.59 19.26
C LEU E 150 26.24 -11.99 17.87
N LEU E 151 25.38 -10.99 17.63
CA LEU E 151 25.23 -10.40 16.29
C LEU E 151 26.58 -9.96 15.67
N PRO E 152 27.48 -9.21 16.37
CA PRO E 152 28.77 -8.84 15.72
C PRO E 152 29.59 -10.06 15.32
N ALA E 153 29.55 -11.14 16.14
CA ALA E 153 30.27 -12.38 15.91
C ALA E 153 29.80 -13.12 14.65
N MET E 154 28.46 -13.31 14.49
CA MET E 154 27.90 -14.04 13.33
C MET E 154 28.13 -13.27 12.01
N VAL E 155 28.16 -11.93 12.07
CA VAL E 155 28.41 -11.05 10.90
C VAL E 155 29.91 -11.10 10.53
N GLY E 156 30.77 -11.38 11.53
CA GLY E 156 32.22 -11.44 11.40
C GLY E 156 32.75 -12.51 10.46
N GLY E 157 33.91 -12.22 9.86
CA GLY E 157 34.59 -13.12 8.94
C GLY E 157 35.49 -14.14 9.63
N GLN E 158 36.30 -14.85 8.83
CA GLN E 158 37.23 -15.87 9.33
C GLN E 158 38.31 -15.24 10.22
N ALA E 159 38.83 -14.04 9.83
CA ALA E 159 39.84 -13.30 10.58
C ALA E 159 39.33 -12.95 11.99
N TYR E 160 38.02 -12.66 12.12
CA TYR E 160 37.38 -12.33 13.39
C TYR E 160 37.36 -13.54 14.32
N VAL E 161 36.92 -14.73 13.82
CA VAL E 161 36.79 -15.94 14.64
C VAL E 161 38.19 -16.39 15.15
N GLU E 162 39.26 -16.22 14.31
CA GLU E 162 40.63 -16.59 14.68
C GLU E 162 41.15 -15.68 15.81
N ALA E 163 40.71 -14.41 15.84
CA ALA E 163 41.07 -13.41 16.85
C ALA E 163 40.42 -13.71 18.22
N GLN E 164 39.39 -14.58 18.24
CA GLN E 164 38.66 -14.93 19.47
C GLN E 164 39.31 -16.12 20.18
N ASP E 165 40.34 -16.74 19.57
CA ASP E 165 41.07 -17.88 20.12
C ASP E 165 41.86 -17.53 21.41
N GLY E 166 42.01 -16.24 21.71
CA GLY E 166 42.71 -15.79 22.91
C GLY E 166 41.85 -15.78 24.16
N PHE E 167 40.51 -15.93 24.00
CA PHE E 167 39.54 -15.88 25.10
C PHE E 167 38.90 -17.22 25.39
N THR E 168 38.49 -17.41 26.66
CA THR E 168 37.70 -18.58 27.06
C THR E 168 36.25 -18.23 26.70
N VAL E 169 35.35 -19.23 26.73
CA VAL E 169 33.93 -19.01 26.42
C VAL E 169 33.34 -18.07 27.49
N SER E 170 33.57 -18.36 28.78
CA SER E 170 33.11 -17.56 29.92
C SER E 170 33.59 -16.09 29.83
N GLU E 171 34.86 -15.86 29.42
CA GLU E 171 35.49 -14.54 29.27
C GLU E 171 34.80 -13.70 28.19
N TRP E 172 34.67 -14.26 26.97
CA TRP E 172 34.08 -13.61 25.81
C TRP E 172 32.59 -13.31 26.00
N MET E 173 31.84 -14.22 26.66
CA MET E 173 30.41 -14.05 26.92
C MET E 173 30.17 -12.84 27.82
N LYS E 174 31.04 -12.66 28.84
CA LYS E 174 30.98 -11.54 29.78
C LYS E 174 31.28 -10.21 29.08
N LYS E 175 32.29 -10.20 28.19
CA LYS E 175 32.72 -9.04 27.40
C LYS E 175 31.62 -8.57 26.43
N GLN E 176 30.96 -9.52 25.74
CA GLN E 176 29.90 -9.21 24.77
C GLN E 176 28.55 -8.91 25.44
N GLY E 177 28.50 -9.00 26.77
CA GLY E 177 27.31 -8.69 27.53
C GLY E 177 26.26 -9.79 27.58
N VAL E 178 26.61 -11.01 27.15
CA VAL E 178 25.73 -12.18 27.19
C VAL E 178 25.55 -12.51 28.69
N PRO E 179 24.30 -12.59 29.21
CA PRO E 179 24.12 -12.85 30.66
C PRO E 179 24.84 -14.09 31.14
N ASP E 180 25.36 -14.03 32.38
CA ASP E 180 26.09 -15.12 33.01
C ASP E 180 25.23 -16.38 33.13
N ARG E 181 23.89 -16.23 33.25
CA ARG E 181 22.96 -17.35 33.31
C ARG E 181 22.89 -18.07 31.96
N VAL E 182 23.02 -17.34 30.83
CA VAL E 182 22.98 -17.92 29.48
C VAL E 182 24.23 -18.81 29.28
N ASN E 183 25.40 -18.33 29.73
CA ASN E 183 26.67 -19.05 29.64
C ASN E 183 26.62 -20.35 30.47
N ASP E 184 25.93 -20.31 31.63
CA ASP E 184 25.79 -21.44 32.55
C ASP E 184 24.67 -22.41 32.14
N GLU E 185 23.57 -21.88 31.58
CA GLU E 185 22.42 -22.67 31.15
C GLU E 185 22.71 -23.37 29.81
N VAL E 186 22.95 -22.56 28.76
CA VAL E 186 23.13 -23.04 27.40
C VAL E 186 24.58 -23.47 27.08
N PHE E 187 25.58 -22.61 27.36
CA PHE E 187 26.94 -22.88 26.91
C PHE E 187 27.74 -23.89 27.75
N ILE E 188 27.32 -24.27 28.98
CA ILE E 188 28.04 -25.35 29.69
C ILE E 188 27.83 -26.64 28.88
N ALA E 189 26.57 -26.89 28.47
CA ALA E 189 26.14 -28.03 27.67
C ALA E 189 26.86 -28.11 26.33
N MET E 190 26.98 -26.98 25.61
CA MET E 190 27.62 -26.92 24.30
C MET E 190 29.15 -27.14 24.40
N SER E 191 29.79 -26.58 25.44
CA SER E 191 31.23 -26.71 25.67
C SER E 191 31.64 -28.17 25.92
N LYS E 192 30.90 -28.87 26.82
CA LYS E 192 31.14 -30.27 27.17
C LYS E 192 30.84 -31.17 25.98
N ALA E 193 29.88 -30.77 25.14
CA ALA E 193 29.51 -31.54 23.95
C ALA E 193 30.65 -31.52 22.94
N LEU E 194 31.25 -30.35 22.68
CA LEU E 194 32.30 -30.18 21.67
C LEU E 194 33.70 -30.64 22.10
N ASN E 195 34.12 -30.43 23.36
CA ASN E 195 35.50 -30.76 23.75
C ASN E 195 35.63 -31.36 25.16
N PHE E 196 34.51 -31.77 25.78
CA PHE E 196 34.42 -32.45 27.08
C PHE E 196 34.98 -31.61 28.25
N ILE E 197 35.01 -30.27 28.10
CA ILE E 197 35.46 -29.33 29.13
C ILE E 197 34.45 -28.18 29.29
N ASN E 198 34.47 -27.51 30.45
CA ASN E 198 33.53 -26.41 30.78
C ASN E 198 33.89 -25.10 30.04
N PRO E 199 32.94 -24.12 29.92
CA PRO E 199 33.23 -22.87 29.19
C PRO E 199 34.34 -21.99 29.78
N ASP E 200 34.69 -22.17 31.07
CA ASP E 200 35.75 -21.38 31.71
C ASP E 200 37.16 -21.80 31.22
N GLU E 201 37.27 -22.94 30.50
CA GLU E 201 38.52 -23.49 29.97
C GLU E 201 38.58 -23.50 28.44
N LEU E 202 37.42 -23.73 27.77
CA LEU E 202 37.32 -23.86 26.32
C LEU E 202 37.52 -22.53 25.60
N SER E 203 38.21 -22.58 24.44
CA SER E 203 38.46 -21.43 23.56
C SER E 203 37.15 -20.99 22.91
N MET E 204 36.93 -19.66 22.77
CA MET E 204 35.72 -19.14 22.15
C MET E 204 35.67 -19.49 20.66
N GLN E 205 36.84 -19.67 20.00
CA GLN E 205 36.89 -20.02 18.58
C GLN E 205 36.15 -21.34 18.31
N CYS E 206 36.19 -22.27 19.29
CA CYS E 206 35.52 -23.57 19.21
C CYS E 206 34.00 -23.38 19.11
N ILE E 207 33.40 -22.57 20.00
CA ILE E 207 31.96 -22.29 20.04
C ILE E 207 31.51 -21.54 18.78
N LEU E 208 32.32 -20.59 18.27
CA LEU E 208 31.97 -19.83 17.07
C LEU E 208 31.90 -20.68 15.81
N ILE E 209 32.78 -21.71 15.69
CA ILE E 209 32.78 -22.63 14.56
C ILE E 209 31.52 -23.52 14.64
N ALA E 210 31.13 -23.88 15.88
CA ALA E 210 29.92 -24.68 16.17
C ALA E 210 28.65 -23.87 15.91
N LEU E 211 28.62 -22.57 16.30
CA LEU E 211 27.46 -21.69 16.08
C LEU E 211 27.29 -21.35 14.59
N ASN E 212 28.35 -21.51 13.80
CA ASN E 212 28.32 -21.28 12.35
C ASN E 212 27.50 -22.36 11.64
N ARG E 213 27.25 -23.51 12.31
CA ARG E 213 26.43 -24.60 11.79
C ARG E 213 24.96 -24.14 11.70
N PHE E 214 24.55 -23.27 12.63
CA PHE E 214 23.20 -22.72 12.79
C PHE E 214 22.85 -21.59 11.80
N LEU E 215 23.85 -20.86 11.26
CA LEU E 215 23.53 -19.75 10.36
C LEU E 215 23.94 -19.97 8.89
N GLN E 216 24.90 -20.86 8.61
CA GLN E 216 25.35 -21.08 7.24
C GLN E 216 24.30 -21.90 6.45
N GLU E 217 24.30 -23.23 6.60
CA GLU E 217 23.35 -24.11 5.91
C GLU E 217 22.08 -24.29 6.75
N LYS E 218 20.96 -24.59 6.06
CA LYS E 218 19.64 -24.79 6.67
C LYS E 218 19.66 -25.95 7.67
N HIS E 219 20.24 -27.10 7.26
CA HIS E 219 20.31 -28.30 8.08
C HIS E 219 21.71 -28.51 8.70
N GLY E 220 22.51 -27.45 8.79
CA GLY E 220 23.85 -27.49 9.36
C GLY E 220 23.91 -28.04 10.77
N SER E 221 22.93 -27.64 11.60
CA SER E 221 22.81 -28.05 13.01
C SER E 221 21.98 -29.34 13.18
N LYS E 222 21.50 -29.94 12.06
CA LYS E 222 20.73 -31.19 12.11
C LYS E 222 21.69 -32.33 12.44
N MET E 223 21.23 -33.25 13.30
CA MET E 223 22.03 -34.36 13.81
C MET E 223 21.65 -35.74 13.22
N ALA E 224 22.64 -36.65 13.14
CA ALA E 224 22.49 -38.01 12.65
C ALA E 224 23.31 -39.00 13.45
N PHE E 225 22.77 -40.22 13.61
CA PHE E 225 23.41 -41.36 14.27
C PHE E 225 23.78 -42.38 13.20
N LEU E 226 24.93 -43.07 13.35
CA LEU E 226 25.29 -44.12 12.39
C LEU E 226 24.37 -45.32 12.69
N ASP E 227 23.89 -46.03 11.65
CA ASP E 227 22.93 -47.13 11.77
C ASP E 227 23.47 -48.40 12.48
N GLY E 228 24.76 -48.40 12.82
CA GLY E 228 25.43 -49.51 13.51
C GLY E 228 26.81 -49.14 13.99
N ASN E 229 27.60 -50.17 14.38
CA ASN E 229 28.97 -49.99 14.87
C ASN E 229 29.86 -49.35 13.79
N PRO E 230 30.68 -48.33 14.16
CA PRO E 230 31.51 -47.67 13.14
C PRO E 230 32.55 -48.55 12.43
N PRO E 231 33.27 -49.54 13.05
CA PRO E 231 34.24 -50.33 12.26
C PRO E 231 33.63 -51.08 11.07
N GLU E 232 32.43 -51.69 11.26
CA GLU E 232 31.75 -52.44 10.20
C GLU E 232 31.00 -51.53 9.22
N ARG E 233 30.19 -50.59 9.74
CA ARG E 233 29.32 -49.72 8.94
C ARG E 233 30.04 -48.55 8.24
N LEU E 234 31.18 -48.07 8.75
CA LEU E 234 31.88 -46.92 8.14
C LEU E 234 33.33 -47.25 7.73
N CYS E 235 34.11 -47.87 8.63
CA CYS E 235 35.52 -48.15 8.37
C CYS E 235 35.72 -49.24 7.32
N MET E 236 34.92 -50.32 7.35
CA MET E 236 35.04 -51.40 6.37
C MET E 236 34.77 -50.88 4.94
N PRO E 237 33.67 -50.12 4.63
CA PRO E 237 33.52 -49.58 3.26
C PRO E 237 34.76 -48.81 2.73
N ILE E 238 35.49 -48.08 3.59
CA ILE E 238 36.72 -47.34 3.22
C ILE E 238 37.85 -48.34 2.93
N VAL E 239 38.02 -49.36 3.80
CA VAL E 239 39.04 -50.41 3.67
C VAL E 239 38.83 -51.19 2.35
N ASP E 240 37.56 -51.59 2.07
CA ASP E 240 37.17 -52.31 0.85
C ASP E 240 37.50 -51.50 -0.41
N HIS E 241 37.26 -50.17 -0.36
CA HIS E 241 37.54 -49.22 -1.44
C HIS E 241 39.05 -49.10 -1.69
N VAL E 242 39.85 -48.93 -0.61
CA VAL E 242 41.32 -48.79 -0.65
C VAL E 242 41.95 -50.07 -1.24
N ARG E 243 41.51 -51.25 -0.75
CA ARG E 243 42.00 -52.55 -1.18
C ARG E 243 41.64 -52.86 -2.64
N SER E 244 40.45 -52.44 -3.11
CA SER E 244 40.01 -52.64 -4.50
C SER E 244 40.83 -51.82 -5.51
N LEU E 245 41.51 -50.75 -5.05
CA LEU E 245 42.32 -49.88 -5.90
C LEU E 245 43.85 -50.15 -5.74
N GLY E 246 44.20 -51.24 -5.06
CA GLY E 246 45.59 -51.65 -4.88
C GLY E 246 46.28 -51.26 -3.58
N GLY E 247 45.54 -50.62 -2.68
CA GLY E 247 46.07 -50.21 -1.39
C GLY E 247 46.06 -51.33 -0.36
N GLU E 248 46.93 -51.22 0.64
CA GLU E 248 47.07 -52.21 1.71
C GLU E 248 46.61 -51.66 3.07
N VAL E 249 45.84 -52.46 3.81
CA VAL E 249 45.35 -52.12 5.16
C VAL E 249 45.74 -53.29 6.08
N ARG E 250 46.62 -53.00 7.07
CA ARG E 250 47.12 -54.03 7.98
C ARG E 250 46.90 -53.67 9.45
N LEU E 251 46.21 -54.55 10.19
CA LEU E 251 45.97 -54.39 11.63
C LEU E 251 47.17 -54.94 12.40
N ASN E 252 47.22 -54.68 13.73
CA ASN E 252 48.28 -55.12 14.66
C ASN E 252 49.70 -54.79 14.14
N SER E 253 49.84 -53.59 13.55
CA SER E 253 51.07 -53.05 12.98
C SER E 253 51.39 -51.69 13.65
N ARG E 254 51.85 -51.75 14.92
CA ARG E 254 52.21 -50.56 15.69
C ARG E 254 53.61 -50.09 15.31
N ILE E 255 53.76 -48.79 15.02
CA ILE E 255 55.07 -48.19 14.70
C ILE E 255 55.76 -47.93 16.03
N GLN E 256 56.94 -48.56 16.20
CA GLN E 256 57.80 -48.48 17.39
C GLN E 256 58.79 -47.32 17.28
N LYS E 257 59.28 -47.02 16.06
CA LYS E 257 60.28 -45.96 15.84
C LYS E 257 60.25 -45.42 14.42
N ILE E 258 60.54 -44.11 14.30
CA ILE E 258 60.71 -43.42 13.03
C ILE E 258 62.22 -43.38 12.81
N GLU E 259 62.75 -44.33 12.00
CA GLU E 259 64.19 -44.40 11.73
C GLU E 259 64.54 -43.40 10.66
N LEU E 260 65.65 -42.67 10.87
CA LEU E 260 66.05 -41.60 9.96
C LEU E 260 67.33 -41.87 9.18
N ASN E 261 67.40 -41.26 7.98
CA ASN E 261 68.58 -41.25 7.11
C ASN E 261 69.57 -40.23 7.69
N PRO E 262 70.88 -40.24 7.31
CA PRO E 262 71.83 -39.26 7.90
C PRO E 262 71.45 -37.78 7.71
N ASP E 263 70.70 -37.43 6.64
CA ASP E 263 70.30 -36.05 6.35
C ASP E 263 69.10 -35.56 7.22
N GLY E 264 68.44 -36.49 7.90
CA GLY E 264 67.30 -36.17 8.77
C GLY E 264 65.95 -36.66 8.29
N THR E 265 65.84 -37.04 6.99
CA THR E 265 64.60 -37.55 6.38
C THR E 265 64.31 -38.96 6.92
N VAL E 266 63.11 -39.52 6.65
CA VAL E 266 62.72 -40.84 7.14
C VAL E 266 63.33 -41.96 6.26
N LYS E 267 64.02 -42.90 6.92
CA LYS E 267 64.63 -44.10 6.33
C LYS E 267 63.55 -45.17 6.18
N HIS E 268 62.85 -45.46 7.31
CA HIS E 268 61.76 -46.42 7.40
C HIS E 268 61.00 -46.26 8.72
N PHE E 269 59.83 -46.91 8.80
CA PHE E 269 59.02 -47.01 10.01
C PHE E 269 59.27 -48.39 10.59
N ALA E 270 59.89 -48.46 11.78
CA ALA E 270 60.16 -49.74 12.41
C ALA E 270 58.95 -50.16 13.25
N LEU E 271 58.39 -51.34 12.96
CA LEU E 271 57.22 -51.86 13.66
C LEU E 271 57.62 -52.49 15.00
N THR E 272 56.60 -52.89 15.81
CA THR E 272 56.79 -53.47 17.14
C THR E 272 57.49 -54.85 17.07
N ASP E 273 57.23 -55.64 15.99
CA ASP E 273 57.84 -56.96 15.76
C ASP E 273 59.22 -56.85 15.03
N GLY E 274 59.72 -55.62 14.87
CA GLY E 274 61.00 -55.35 14.22
C GLY E 274 60.95 -55.02 12.75
N THR E 275 59.85 -55.44 12.05
CA THR E 275 59.66 -55.23 10.60
C THR E 275 59.85 -53.77 10.22
N GLN E 276 60.65 -53.53 9.18
CA GLN E 276 60.92 -52.19 8.66
C GLN E 276 60.08 -51.99 7.41
N ILE E 277 59.23 -50.95 7.42
CA ILE E 277 58.36 -50.63 6.28
C ILE E 277 58.85 -49.33 5.65
N THR E 278 59.08 -49.38 4.32
CA THR E 278 59.58 -48.26 3.51
C THR E 278 58.55 -47.82 2.48
N GLY E 279 58.68 -46.56 2.08
CA GLY E 279 57.84 -45.93 1.07
C GLY E 279 58.49 -44.68 0.51
N ASP E 280 57.83 -44.08 -0.49
CA ASP E 280 58.29 -42.86 -1.14
C ASP E 280 57.90 -41.65 -0.27
N ALA E 281 56.79 -41.80 0.48
CA ALA E 281 56.25 -40.82 1.43
C ALA E 281 55.77 -41.52 2.70
N TYR E 282 55.83 -40.81 3.84
CA TYR E 282 55.42 -41.31 5.15
C TYR E 282 54.42 -40.35 5.80
N VAL E 283 53.32 -40.90 6.36
CA VAL E 283 52.24 -40.14 7.00
C VAL E 283 52.01 -40.65 8.43
N PHE E 284 51.86 -39.72 9.38
CA PHE E 284 51.53 -40.05 10.76
C PHE E 284 50.12 -39.52 11.06
N ALA E 285 49.15 -40.45 10.99
CA ALA E 285 47.71 -40.19 11.22
C ALA E 285 47.30 -40.69 12.61
N THR E 286 48.25 -40.64 13.52
CA THR E 286 48.16 -41.05 14.92
C THR E 286 47.68 -39.84 15.76
N PRO E 287 47.19 -40.00 17.03
CA PRO E 287 46.86 -38.81 17.84
C PRO E 287 48.13 -38.01 18.18
N VAL E 288 48.00 -36.69 18.43
CA VAL E 288 49.15 -35.80 18.71
C VAL E 288 50.04 -36.32 19.88
N ASP E 289 49.42 -36.93 20.92
CA ASP E 289 50.11 -37.45 22.10
C ASP E 289 51.09 -38.58 21.74
N ILE E 290 50.67 -39.49 20.84
CA ILE E 290 51.50 -40.62 20.37
C ILE E 290 52.63 -40.09 19.47
N LEU E 291 52.32 -39.15 18.55
CA LEU E 291 53.32 -38.56 17.66
C LEU E 291 54.43 -37.87 18.45
N LYS E 292 54.06 -37.05 19.45
CA LYS E 292 54.98 -36.32 20.33
C LYS E 292 56.02 -37.25 20.99
N LEU E 293 55.61 -38.48 21.35
CA LEU E 293 56.50 -39.46 21.97
C LEU E 293 57.42 -40.13 20.95
N LEU E 294 56.98 -40.22 19.69
CA LEU E 294 57.72 -40.89 18.62
C LEU E 294 58.55 -39.93 17.75
N VAL E 295 58.49 -38.59 18.01
CA VAL E 295 59.28 -37.61 17.25
C VAL E 295 60.79 -37.86 17.49
N PRO E 296 61.59 -38.10 16.42
CA PRO E 296 63.05 -38.30 16.62
C PRO E 296 63.70 -37.07 17.25
N GLN E 297 64.75 -37.29 18.09
CA GLN E 297 65.48 -36.26 18.83
C GLN E 297 65.96 -35.08 17.97
N GLU E 298 66.36 -35.37 16.72
CA GLU E 298 66.89 -34.37 15.76
C GLU E 298 65.78 -33.46 15.19
N TRP E 299 64.50 -33.83 15.34
CA TRP E 299 63.34 -33.04 14.90
C TRP E 299 62.76 -32.18 16.03
N LYS E 300 62.93 -32.65 17.28
CA LYS E 300 62.38 -32.09 18.53
C LYS E 300 62.55 -30.57 18.71
N GLU E 301 63.57 -29.94 18.11
CA GLU E 301 63.76 -28.49 18.28
C GLU E 301 63.24 -27.67 17.08
N ILE E 302 62.67 -28.33 16.05
CA ILE E 302 62.06 -27.65 14.90
C ILE E 302 60.70 -27.11 15.37
N SER E 303 60.46 -25.79 15.15
CA SER E 303 59.25 -25.04 15.52
C SER E 303 57.96 -25.86 15.35
N TYR E 304 57.76 -26.46 14.16
CA TYR E 304 56.63 -27.30 13.76
C TYR E 304 56.32 -28.40 14.80
N PHE E 305 57.36 -29.12 15.26
CA PHE E 305 57.20 -30.22 16.23
C PHE E 305 57.28 -29.73 17.67
N LYS E 306 58.02 -28.64 17.94
CA LYS E 306 58.15 -28.09 19.29
C LYS E 306 56.82 -27.44 19.74
N LYS E 307 56.08 -26.79 18.81
CA LYS E 307 54.79 -26.13 19.07
C LYS E 307 53.74 -27.12 19.61
N LEU E 308 53.83 -28.40 19.21
CA LEU E 308 52.90 -29.50 19.56
C LEU E 308 52.80 -29.76 21.07
N GLU E 309 53.68 -29.17 21.89
CA GLU E 309 53.66 -29.34 23.35
C GLU E 309 52.40 -28.75 24.00
N LYS E 310 51.77 -27.76 23.34
CA LYS E 310 50.54 -27.08 23.79
C LYS E 310 49.32 -27.99 23.60
N LEU E 311 49.32 -28.82 22.54
CA LEU E 311 48.24 -29.75 22.20
C LEU E 311 48.36 -31.03 23.03
N VAL E 312 47.50 -31.17 24.05
CA VAL E 312 47.48 -32.33 24.96
C VAL E 312 46.05 -32.91 24.95
N GLY E 313 45.96 -34.24 24.82
CA GLY E 313 44.70 -34.98 24.82
C GLY E 313 43.89 -34.76 26.08
N VAL E 314 42.55 -34.62 25.92
CA VAL E 314 41.64 -34.37 27.04
C VAL E 314 41.02 -35.71 27.52
N PRO E 315 40.92 -35.97 28.84
CA PRO E 315 40.28 -37.22 29.29
C PRO E 315 38.77 -37.22 29.02
N VAL E 316 38.24 -38.40 28.66
CA VAL E 316 36.81 -38.62 28.40
C VAL E 316 36.48 -40.09 28.73
N ILE E 317 35.23 -40.34 29.14
CA ILE E 317 34.72 -41.67 29.48
C ILE E 317 33.39 -41.87 28.75
N ASN E 318 33.21 -43.03 28.10
CA ASN E 318 31.95 -43.36 27.43
C ASN E 318 31.33 -44.54 28.16
N VAL E 319 30.18 -44.29 28.81
CA VAL E 319 29.46 -45.27 29.62
C VAL E 319 28.30 -45.89 28.81
N HIS E 320 28.16 -47.23 28.88
CA HIS E 320 27.05 -47.97 28.26
C HIS E 320 26.33 -48.74 29.34
N ILE E 321 25.01 -48.61 29.45
CA ILE E 321 24.25 -49.36 30.46
C ILE E 321 23.04 -50.02 29.79
N TRP E 322 22.97 -51.36 29.88
CA TRP E 322 21.84 -52.15 29.38
C TRP E 322 20.91 -52.40 30.55
N PHE E 323 19.63 -51.99 30.42
CA PHE E 323 18.63 -52.15 31.48
C PHE E 323 17.68 -53.32 31.16
N ASP E 324 17.04 -53.88 32.21
CA ASP E 324 16.11 -55.00 32.07
C ASP E 324 14.82 -54.63 31.30
N ARG E 325 14.30 -53.40 31.54
CA ARG E 325 13.08 -52.88 30.90
C ARG E 325 13.39 -51.96 29.72
N LYS E 326 12.34 -51.64 28.94
CA LYS E 326 12.41 -50.63 27.89
C LYS E 326 11.83 -49.37 28.53
N LEU E 327 12.62 -48.28 28.54
CA LEU E 327 12.19 -47.03 29.17
C LEU E 327 11.01 -46.40 28.43
N LYS E 328 9.94 -46.09 29.19
CA LYS E 328 8.70 -45.49 28.66
C LYS E 328 8.91 -44.03 28.22
N ASN E 329 9.77 -43.26 28.95
CA ASN E 329 10.05 -41.87 28.62
C ASN E 329 11.46 -41.70 28.03
N THR E 330 11.60 -41.92 26.71
CA THR E 330 12.85 -41.75 25.96
C THR E 330 12.59 -41.07 24.62
N TYR E 331 13.67 -40.69 23.93
CA TYR E 331 13.61 -39.98 22.65
C TYR E 331 14.43 -40.69 21.58
N ASP E 332 14.02 -40.50 20.31
CA ASP E 332 14.77 -40.96 19.14
C ASP E 332 15.67 -39.77 18.77
N HIS E 333 16.52 -39.38 19.73
CA HIS E 333 17.41 -38.23 19.63
C HIS E 333 18.54 -38.25 20.65
N LEU E 334 19.47 -37.29 20.50
CA LEU E 334 20.55 -37.01 21.44
C LEU E 334 19.99 -36.06 22.50
N LEU E 335 20.44 -36.21 23.75
CA LEU E 335 19.96 -35.36 24.83
C LEU E 335 21.12 -34.73 25.59
N PHE E 336 20.96 -33.44 25.94
CA PHE E 336 21.91 -32.67 26.73
C PHE E 336 21.49 -32.79 28.18
N SER E 337 22.17 -33.64 28.96
CA SER E 337 21.84 -33.92 30.36
C SER E 337 21.86 -32.67 31.27
N ARG E 338 22.71 -31.67 30.93
CA ARG E 338 22.93 -30.42 31.69
C ARG E 338 23.32 -30.78 33.14
N SER E 339 24.04 -31.91 33.26
CA SER E 339 24.57 -32.49 34.50
C SER E 339 25.98 -31.97 34.74
N SER E 340 26.45 -32.04 35.99
CA SER E 340 27.80 -31.61 36.35
C SER E 340 28.82 -32.73 36.03
N LEU E 341 28.37 -34.01 35.98
CA LEU E 341 29.22 -35.18 35.70
C LEU E 341 29.05 -35.69 34.27
N LEU E 342 27.82 -35.66 33.72
CA LEU E 342 27.56 -36.14 32.36
C LEU E 342 27.44 -34.99 31.35
N SER E 343 27.59 -35.34 30.06
CA SER E 343 27.50 -34.45 28.92
C SER E 343 26.26 -34.88 28.09
N VAL E 344 26.45 -35.32 26.85
CA VAL E 344 25.38 -35.79 25.98
C VAL E 344 25.11 -37.29 26.25
N TYR E 345 23.88 -37.74 25.98
CA TYR E 345 23.48 -39.15 26.13
C TYR E 345 22.38 -39.49 25.12
N ALA E 346 22.18 -40.80 24.86
CA ALA E 346 21.16 -41.30 23.93
C ALA E 346 20.74 -42.75 24.25
N ASP E 347 19.46 -43.06 24.00
CA ASP E 347 18.93 -44.42 24.13
C ASP E 347 19.22 -45.10 22.79
N MET E 348 20.32 -45.85 22.73
CA MET E 348 20.81 -46.50 21.51
C MET E 348 19.86 -47.59 20.98
N SER E 349 18.99 -48.12 21.86
CA SER E 349 17.97 -49.11 21.48
C SER E 349 16.85 -48.43 20.64
N VAL E 350 16.81 -47.09 20.63
CA VAL E 350 15.82 -46.28 19.92
C VAL E 350 16.45 -45.59 18.69
N THR E 351 17.63 -44.96 18.88
CA THR E 351 18.36 -44.16 17.88
C THR E 351 19.17 -44.98 16.87
N CYS E 352 19.83 -46.06 17.30
CA CYS E 352 20.66 -46.88 16.42
C CYS E 352 19.89 -48.10 15.91
N LYS E 353 19.89 -48.30 14.58
CA LYS E 353 19.20 -49.37 13.86
C LYS E 353 19.70 -50.77 14.30
N GLU E 354 21.02 -51.02 14.18
CA GLU E 354 21.69 -52.28 14.54
C GLU E 354 21.60 -52.58 16.05
N TYR E 355 21.43 -51.53 16.88
CA TYR E 355 21.36 -51.67 18.35
C TYR E 355 19.90 -51.70 18.84
N TYR E 356 18.91 -51.69 17.90
CA TYR E 356 17.48 -51.70 18.24
C TYR E 356 17.07 -52.94 19.02
N ASP E 357 16.31 -52.73 20.10
CA ASP E 357 15.75 -53.74 20.98
C ASP E 357 14.40 -53.20 21.50
N PRO E 358 13.27 -53.93 21.29
CA PRO E 358 11.97 -53.37 21.70
C PRO E 358 11.61 -53.53 23.18
N ASN E 359 12.24 -54.47 23.91
CA ASN E 359 11.92 -54.73 25.32
C ASN E 359 13.05 -54.34 26.29
N ARG E 360 14.26 -54.11 25.75
CA ARG E 360 15.46 -53.77 26.52
C ARG E 360 16.07 -52.46 25.99
N SER E 361 16.19 -51.42 26.85
CA SER E 361 16.76 -50.15 26.42
C SER E 361 18.19 -49.97 26.94
N MET E 362 19.09 -49.49 26.07
CA MET E 362 20.50 -49.24 26.36
C MET E 362 20.82 -47.75 26.28
N LEU E 363 21.47 -47.21 27.32
CA LEU E 363 21.84 -45.80 27.38
C LEU E 363 23.36 -45.63 27.24
N GLU E 364 23.79 -44.94 26.16
CA GLU E 364 25.19 -44.61 25.91
C GLU E 364 25.39 -43.15 26.28
N LEU E 365 26.21 -42.88 27.33
CA LEU E 365 26.41 -41.55 27.89
C LEU E 365 27.89 -41.13 27.92
N VAL E 366 28.14 -39.84 27.61
CA VAL E 366 29.48 -39.25 27.66
C VAL E 366 29.67 -38.65 29.07
N PHE E 367 30.69 -39.14 29.79
CA PHE E 367 31.05 -38.70 31.14
C PHE E 367 32.18 -37.65 31.04
N ALA E 368 31.81 -36.35 31.15
CA ALA E 368 32.73 -35.23 31.03
C ALA E 368 32.37 -34.07 31.98
N PRO E 369 33.34 -33.35 32.61
CA PRO E 369 34.81 -33.53 32.55
C PRO E 369 35.25 -34.82 33.27
N ALA E 370 36.23 -35.53 32.69
CA ALA E 370 36.68 -36.84 33.20
C ALA E 370 38.07 -36.85 33.88
N GLU E 371 38.71 -35.67 34.08
CA GLU E 371 40.04 -35.56 34.69
C GLU E 371 40.14 -36.26 36.06
N GLU E 372 39.13 -36.08 36.92
CA GLU E 372 39.11 -36.70 38.25
C GLU E 372 38.41 -38.05 38.26
N TRP E 373 38.07 -38.60 37.06
CA TRP E 373 37.32 -39.85 36.97
C TRP E 373 37.99 -40.98 36.17
N VAL E 374 38.94 -40.67 35.25
CA VAL E 374 39.63 -41.70 34.45
C VAL E 374 40.41 -42.69 35.36
N GLY E 375 40.87 -42.21 36.53
CA GLY E 375 41.60 -43.03 37.49
C GLY E 375 40.73 -43.87 38.39
N ARG E 376 39.44 -43.51 38.54
CA ARG E 376 38.49 -44.20 39.41
C ARG E 376 38.00 -45.52 38.77
N SER E 377 37.47 -46.44 39.60
CA SER E 377 37.00 -47.76 39.17
C SER E 377 35.71 -47.66 38.37
N ASP E 378 35.40 -48.72 37.58
CA ASP E 378 34.20 -48.82 36.75
C ASP E 378 32.92 -48.77 37.59
N THR E 379 32.93 -49.40 38.79
CA THR E 379 31.79 -49.42 39.72
C THR E 379 31.54 -48.01 40.28
N GLU E 380 32.63 -47.25 40.56
CA GLU E 380 32.56 -45.86 41.05
C GLU E 380 31.93 -44.95 40.00
N ILE E 381 32.27 -45.17 38.71
CA ILE E 381 31.76 -44.39 37.57
C ILE E 381 30.28 -44.74 37.34
N ILE E 382 29.91 -46.04 37.36
CA ILE E 382 28.53 -46.51 37.17
C ILE E 382 27.63 -45.95 38.30
N GLU E 383 28.13 -45.90 39.56
CA GLU E 383 27.38 -45.36 40.69
C GLU E 383 27.05 -43.87 40.45
N ALA E 384 28.06 -43.08 40.04
CA ALA E 384 27.91 -41.65 39.73
C ALA E 384 26.94 -41.41 38.57
N THR E 385 26.97 -42.30 37.56
CA THR E 385 26.11 -42.26 36.37
C THR E 385 24.66 -42.57 36.77
N MET E 386 24.46 -43.59 37.65
CA MET E 386 23.13 -43.99 38.13
C MET E 386 22.50 -42.89 39.00
N GLN E 387 23.32 -42.17 39.78
CA GLN E 387 22.90 -41.04 40.61
C GLN E 387 22.41 -39.88 39.74
N GLU E 388 23.06 -39.68 38.57
CA GLU E 388 22.69 -38.63 37.63
C GLU E 388 21.47 -39.06 36.79
N LEU E 389 21.33 -40.37 36.52
CA LEU E 389 20.21 -40.91 35.76
C LEU E 389 18.91 -40.89 36.58
N ALA E 390 19.03 -40.91 37.93
CA ALA E 390 17.92 -40.82 38.87
C ALA E 390 17.29 -39.42 38.87
N LYS E 391 18.03 -38.44 38.31
CA LYS E 391 17.59 -37.05 38.17
C LYS E 391 16.91 -36.84 36.81
N LEU E 392 17.34 -37.60 35.78
CA LEU E 392 16.82 -37.53 34.41
C LEU E 392 15.59 -38.43 34.21
N PHE E 393 15.56 -39.60 34.89
CA PHE E 393 14.48 -40.59 34.88
C PHE E 393 14.11 -40.85 36.35
N PRO E 394 13.44 -39.91 37.06
CA PRO E 394 13.19 -40.13 38.50
C PRO E 394 12.12 -41.19 38.81
N ASP E 395 11.22 -41.47 37.86
CA ASP E 395 10.16 -42.46 38.05
C ASP E 395 10.48 -43.78 37.33
N GLU E 396 11.69 -43.89 36.74
CA GLU E 396 12.10 -45.08 36.00
C GLU E 396 13.45 -45.65 36.44
N ILE E 397 14.41 -44.79 36.85
CA ILE E 397 15.75 -45.24 37.26
C ILE E 397 16.06 -44.74 38.68
N ALA E 398 16.51 -45.66 39.55
CA ALA E 398 16.94 -45.40 40.93
C ALA E 398 18.35 -45.95 41.11
N ALA E 399 19.23 -45.21 41.80
CA ALA E 399 20.64 -45.57 42.03
C ALA E 399 20.82 -46.95 42.69
N ASP E 400 19.91 -47.33 43.61
CA ASP E 400 19.92 -48.60 44.34
C ASP E 400 19.19 -49.72 43.56
N GLN E 401 18.91 -49.49 42.26
CA GLN E 401 18.23 -50.39 41.31
C GLN E 401 16.86 -50.86 41.83
N SER E 402 16.14 -49.93 42.52
CA SER E 402 14.79 -50.12 43.06
C SER E 402 13.79 -50.26 41.91
N LYS E 403 13.98 -49.45 40.86
CA LYS E 403 13.13 -49.42 39.68
C LYS E 403 13.81 -50.27 38.59
N ALA E 404 14.31 -49.65 37.48
CA ALA E 404 15.01 -50.37 36.40
C ALA E 404 16.34 -50.94 36.91
N LYS E 405 16.69 -52.15 36.44
CA LYS E 405 17.90 -52.84 36.88
C LYS E 405 18.91 -53.03 35.75
N ILE E 406 20.21 -52.91 36.10
CA ILE E 406 21.34 -53.05 35.17
C ILE E 406 21.58 -54.52 34.87
N LEU E 407 21.49 -54.90 33.59
CA LEU E 407 21.79 -56.26 33.14
C LEU E 407 23.31 -56.40 33.04
N LYS E 408 23.96 -55.40 32.43
CA LYS E 408 25.41 -55.30 32.23
C LYS E 408 25.81 -53.86 31.87
N TYR E 409 27.11 -53.56 31.95
CA TYR E 409 27.66 -52.25 31.59
C TYR E 409 29.02 -52.39 30.90
N HIS E 410 29.44 -51.31 30.22
CA HIS E 410 30.73 -51.18 29.55
C HIS E 410 31.21 -49.75 29.69
N VAL E 411 32.36 -49.57 30.36
CA VAL E 411 32.98 -48.26 30.61
C VAL E 411 34.27 -48.17 29.78
N VAL E 412 34.26 -47.34 28.72
CA VAL E 412 35.40 -47.13 27.83
C VAL E 412 36.05 -45.79 28.19
N LYS E 413 37.27 -45.85 28.74
CA LYS E 413 38.03 -44.67 29.14
C LYS E 413 39.09 -44.32 28.10
N THR E 414 39.14 -43.03 27.71
CA THR E 414 40.14 -42.49 26.79
C THR E 414 40.78 -41.30 27.53
N PRO E 415 41.86 -41.54 28.32
CA PRO E 415 42.45 -40.45 29.12
C PRO E 415 43.14 -39.34 28.31
N ARG E 416 43.41 -39.61 27.01
CA ARG E 416 44.03 -38.67 26.07
C ARG E 416 43.32 -38.78 24.73
N SER E 417 42.11 -38.21 24.61
CA SER E 417 41.30 -38.29 23.40
C SER E 417 41.68 -37.15 22.45
N VAL E 418 40.72 -36.28 22.10
CA VAL E 418 40.91 -35.11 21.24
C VAL E 418 41.77 -34.09 22.02
N TYR E 419 42.50 -33.21 21.31
CA TYR E 419 43.32 -32.22 22.00
C TYR E 419 42.42 -31.24 22.77
N LYS E 420 42.83 -30.87 23.99
CA LYS E 420 42.09 -29.93 24.85
C LYS E 420 42.17 -28.56 24.18
N THR E 421 41.05 -28.12 23.57
CA THR E 421 40.95 -26.87 22.82
C THR E 421 40.85 -25.67 23.78
N ILE E 422 41.95 -25.44 24.54
CA ILE E 422 42.09 -24.31 25.46
C ILE E 422 42.51 -23.10 24.61
N PRO E 423 42.40 -21.84 25.10
CA PRO E 423 42.81 -20.71 24.26
C PRO E 423 44.29 -20.76 23.83
N ASP E 424 44.57 -20.26 22.62
CA ASP E 424 45.88 -20.08 21.96
C ASP E 424 46.53 -21.41 21.50
N CYS E 425 45.71 -22.38 21.03
CA CYS E 425 46.18 -23.65 20.49
C CYS E 425 46.32 -23.59 18.99
N GLU E 426 45.54 -22.71 18.34
CA GLU E 426 45.47 -22.55 16.88
C GLU E 426 46.86 -22.28 16.22
N PRO E 427 47.79 -21.43 16.76
CA PRO E 427 49.08 -21.26 16.07
C PRO E 427 49.98 -22.51 16.13
N CYS E 428 49.74 -23.41 17.10
CA CYS E 428 50.49 -24.65 17.34
C CYS E 428 50.06 -25.80 16.42
N ARG E 429 48.85 -25.71 15.84
CA ARG E 429 48.27 -26.73 14.98
C ARG E 429 49.06 -26.84 13.67
N PRO E 430 49.61 -28.03 13.37
CA PRO E 430 50.48 -28.16 12.20
C PRO E 430 49.75 -28.38 10.87
N LEU E 431 50.34 -27.88 9.78
CA LEU E 431 49.83 -28.15 8.44
C LEU E 431 50.12 -29.60 8.10
N GLN E 432 49.42 -30.18 7.12
CA GLN E 432 49.59 -31.58 6.75
C GLN E 432 50.97 -31.87 6.15
N ARG E 433 51.59 -30.86 5.50
CA ARG E 433 52.95 -30.95 4.93
C ARG E 433 53.95 -30.49 6.00
N SER E 434 54.84 -31.40 6.43
CA SER E 434 55.86 -31.13 7.47
C SER E 434 57.14 -30.53 6.85
N PRO E 435 58.00 -29.81 7.62
CA PRO E 435 59.25 -29.27 7.04
C PRO E 435 60.26 -30.37 6.68
N ILE E 436 59.97 -31.63 7.08
CA ILE E 436 60.78 -32.80 6.76
C ILE E 436 60.26 -33.35 5.44
N GLU E 437 61.13 -33.33 4.43
CA GLU E 437 60.86 -33.81 3.07
C GLU E 437 60.44 -35.27 3.10
N GLY E 438 59.24 -35.56 2.59
CA GLY E 438 58.69 -36.92 2.55
C GLY E 438 57.82 -37.31 3.73
N PHE E 439 57.85 -36.53 4.82
CA PHE E 439 57.05 -36.78 6.02
C PHE E 439 55.83 -35.83 6.05
N TYR E 440 54.64 -36.41 6.32
CA TYR E 440 53.37 -35.69 6.38
C TYR E 440 52.57 -36.07 7.63
N LEU E 441 51.63 -35.19 8.03
CA LEU E 441 50.77 -35.42 9.20
C LEU E 441 49.30 -35.38 8.81
N ALA E 442 48.50 -36.20 9.49
CA ALA E 442 47.05 -36.28 9.35
C ALA E 442 46.45 -36.44 10.75
N GLY E 443 45.19 -36.04 10.91
CA GLY E 443 44.53 -36.10 12.21
C GLY E 443 43.71 -34.87 12.49
N ASP E 444 42.66 -35.01 13.32
CA ASP E 444 41.77 -33.91 13.70
C ASP E 444 42.51 -32.70 14.31
N TYR E 445 43.66 -32.94 15.00
CA TYR E 445 44.47 -31.91 15.64
C TYR E 445 45.22 -31.01 14.62
N THR E 446 45.47 -31.51 13.39
CA THR E 446 46.20 -30.75 12.35
C THR E 446 45.37 -29.52 11.89
N LYS E 447 46.02 -28.56 11.20
CA LYS E 447 45.41 -27.31 10.76
C LYS E 447 44.31 -27.56 9.71
N GLN E 448 43.06 -27.45 10.17
CA GLN E 448 41.81 -27.57 9.42
C GLN E 448 40.70 -26.85 10.24
N LYS E 449 39.71 -26.27 9.55
CA LYS E 449 38.67 -25.42 10.14
C LYS E 449 37.45 -26.12 10.79
N TYR E 450 37.39 -27.45 10.89
CA TYR E 450 36.19 -28.09 11.44
C TYR E 450 36.36 -28.76 12.83
N LEU E 451 37.22 -28.18 13.69
CA LEU E 451 37.48 -28.62 15.08
C LEU E 451 38.06 -30.05 15.18
N ALA E 452 38.28 -30.51 16.43
CA ALA E 452 38.71 -31.88 16.72
C ALA E 452 37.45 -32.73 16.68
N SER E 453 37.07 -33.13 15.45
CA SER E 453 35.85 -33.87 15.14
C SER E 453 36.09 -34.94 14.08
N MET E 454 35.05 -35.73 13.77
CA MET E 454 35.09 -36.74 12.72
C MET E 454 35.30 -36.06 11.37
N GLU E 455 34.67 -34.87 11.18
CA GLU E 455 34.76 -34.03 10.00
C GLU E 455 36.20 -33.50 9.86
N GLY E 456 36.77 -33.09 10.99
CA GLY E 456 38.14 -32.60 11.08
C GLY E 456 39.15 -33.66 10.67
N ALA E 457 38.93 -34.90 11.18
CA ALA E 457 39.74 -36.08 10.89
C ALA E 457 39.72 -36.40 9.39
N VAL E 458 38.52 -36.49 8.78
CA VAL E 458 38.31 -36.80 7.36
C VAL E 458 38.93 -35.68 6.49
N LEU E 459 38.68 -34.39 6.83
CA LEU E 459 39.22 -33.26 6.08
C LEU E 459 40.76 -33.25 6.13
N SER E 460 41.36 -33.49 7.31
CA SER E 460 42.82 -33.54 7.46
C SER E 460 43.43 -34.62 6.56
N GLY E 461 42.71 -35.74 6.39
CA GLY E 461 43.09 -36.84 5.52
C GLY E 461 43.10 -36.43 4.06
N LYS E 462 42.02 -35.73 3.64
CA LYS E 462 41.84 -35.18 2.29
C LYS E 462 42.96 -34.15 2.00
N LEU E 463 43.26 -33.28 3.00
CA LEU E 463 44.30 -32.24 2.91
C LEU E 463 45.69 -32.86 2.86
N CYS E 464 45.90 -33.99 3.57
CA CYS E 464 47.17 -34.71 3.59
C CYS E 464 47.43 -35.35 2.24
N ALA E 465 46.45 -36.13 1.71
CA ALA E 465 46.52 -36.79 0.41
C ALA E 465 46.77 -35.77 -0.70
N GLN E 466 46.16 -34.57 -0.59
CA GLN E 466 46.28 -33.45 -1.52
C GLN E 466 47.71 -32.92 -1.54
N SER E 467 48.35 -32.77 -0.35
CA SER E 467 49.72 -32.29 -0.21
C SER E 467 50.74 -33.29 -0.79
N VAL E 468 50.46 -34.61 -0.65
CA VAL E 468 51.32 -35.69 -1.14
C VAL E 468 51.30 -35.69 -2.68
N VAL E 469 50.09 -35.62 -3.30
CA VAL E 469 49.94 -35.62 -4.77
C VAL E 469 50.50 -34.31 -5.38
N GLU E 470 50.47 -33.18 -4.63
CA GLU E 470 51.03 -31.90 -5.06
C GLU E 470 52.56 -31.98 -5.18
N ASP E 471 53.18 -32.81 -4.31
CA ASP E 471 54.63 -33.02 -4.26
C ASP E 471 55.08 -34.28 -5.02
N TYR E 472 54.21 -34.85 -5.89
CA TYR E 472 54.49 -36.06 -6.66
C TYR E 472 55.83 -36.02 -7.40
N LYS E 473 56.11 -34.91 -8.12
CA LYS E 473 57.33 -34.71 -8.90
C LYS E 473 58.59 -34.83 -8.03
N MET E 474 58.60 -34.15 -6.87
CA MET E 474 59.70 -34.12 -5.90
C MET E 474 59.81 -35.48 -5.17
N LEU E 475 58.68 -36.16 -4.91
CA LEU E 475 58.67 -37.44 -4.20
C LEU E 475 59.09 -38.61 -5.10
N SER E 476 58.82 -38.54 -6.43
CA SER E 476 59.19 -39.58 -7.39
C SER E 476 60.67 -39.53 -7.74
N ARG E 477 61.23 -38.31 -7.85
CA ARG E 477 62.64 -38.07 -8.17
C ARG E 477 63.54 -38.50 -6.99
N ARG E 478 63.09 -38.24 -5.74
CA ARG E 478 63.79 -38.58 -4.51
C ARG E 478 63.95 -40.11 -4.34
N SER E 479 62.98 -40.89 -4.88
CA SER E 479 62.94 -42.37 -4.85
C SER E 479 64.13 -42.96 -5.60
N LEU E 480 64.45 -42.42 -6.79
CA LEU E 480 65.63 -42.80 -7.58
C LEU E 480 66.06 -41.63 -8.41
#